data_7M0G
#
_entry.id   7M0G
#
_entity_poly.entity_id   1
_entity_poly.type   'polypeptide(L)'
_entity_poly.pdbx_seq_one_letter_code
;MASGVTVNDEVIKVFNDMKVRKSSTQEEIKKRKKAVLFCLSDDKRQIIVEEAKQILVGDIGDTVEDPYTSFVKLLPLNDC
RYALYDATYETKESKKEDLVFIFWAPESAPLKSKMIYASSKDAIKKKFTGIKHEWQVNGLDDIKDRSTLGEKLGGNVVVS
LEGKPL
;
_entity_poly.pdbx_strand_id   A
#
# COMPACT_ATOMS: atom_id res chain seq x y z
N MET A 1 4.51 15.90 -22.40
CA MET A 1 4.66 16.94 -21.36
C MET A 1 3.28 17.33 -20.82
N ALA A 2 2.38 17.72 -21.73
CA ALA A 2 1.03 18.12 -21.35
C ALA A 2 0.32 16.95 -20.68
N SER A 3 0.51 15.76 -21.22
CA SER A 3 -0.12 14.57 -20.66
C SER A 3 0.46 14.25 -19.29
N GLY A 4 1.65 14.79 -19.00
CA GLY A 4 2.29 14.55 -17.71
C GLY A 4 2.90 13.16 -17.66
N VAL A 5 2.96 12.60 -16.46
CA VAL A 5 3.53 11.28 -16.25
C VAL A 5 2.45 10.21 -16.14
N THR A 6 2.72 9.04 -16.70
CA THR A 6 1.76 7.95 -16.63
C THR A 6 2.39 6.71 -15.99
N VAL A 7 1.58 5.66 -15.85
CA VAL A 7 2.07 4.43 -15.25
C VAL A 7 2.21 3.33 -16.29
N ASN A 8 3.29 2.57 -16.20
CA ASN A 8 3.53 1.49 -17.15
C ASN A 8 2.61 0.32 -16.90
N ASP A 9 2.27 -0.39 -17.97
CA ASP A 9 1.40 -1.56 -17.87
C ASP A 9 2.08 -2.67 -17.08
N GLU A 10 3.41 -2.64 -17.05
CA GLU A 10 4.18 -3.67 -16.35
C GLU A 10 3.79 -3.74 -14.88
N VAL A 11 3.11 -2.71 -14.39
CA VAL A 11 2.69 -2.68 -12.99
C VAL A 11 1.83 -3.89 -12.64
N ILE A 12 0.96 -4.29 -13.56
CA ILE A 12 0.09 -5.43 -13.32
C ILE A 12 0.90 -6.63 -12.86
N LYS A 13 2.18 -6.67 -13.21
CA LYS A 13 3.03 -7.80 -12.84
C LYS A 13 3.05 -8.00 -11.33
N VAL A 14 3.25 -6.92 -10.59
CA VAL A 14 3.29 -7.02 -9.12
C VAL A 14 1.88 -6.91 -8.52
N PHE A 15 1.09 -5.99 -9.06
CA PHE A 15 -0.26 -5.78 -8.56
C PHE A 15 -1.09 -7.06 -8.69
N ASN A 16 -0.84 -7.83 -9.75
CA ASN A 16 -1.56 -9.09 -9.97
C ASN A 16 -1.36 -10.04 -8.79
N ASP A 17 -0.16 -10.04 -8.21
CA ASP A 17 0.11 -10.93 -7.09
C ASP A 17 -0.85 -10.63 -5.94
N MET A 18 -0.97 -9.37 -5.58
CA MET A 18 -1.89 -8.96 -4.51
C MET A 18 -3.35 -9.14 -4.92
N LYS A 19 -3.66 -8.81 -6.18
CA LYS A 19 -5.02 -8.92 -6.69
C LYS A 19 -5.52 -10.36 -6.69
N VAL A 20 -4.66 -11.28 -7.08
CA VAL A 20 -5.04 -12.70 -7.14
C VAL A 20 -4.45 -13.47 -5.96
N ARG A 21 -4.70 -12.97 -4.76
CA ARG A 21 -4.18 -13.63 -3.56
C ARG A 21 -5.18 -14.66 -3.03
N LYS A 22 -4.66 -15.81 -2.64
CA LYS A 22 -5.50 -16.89 -2.09
C LYS A 22 -5.73 -16.64 -0.60
N SER A 23 -6.54 -17.49 0.04
CA SER A 23 -6.84 -17.30 1.46
C SER A 23 -5.57 -17.07 2.23
N SER A 24 -5.61 -16.08 3.11
CA SER A 24 -4.47 -15.77 3.95
C SER A 24 -4.34 -16.83 5.03
N THR A 25 -5.37 -17.65 5.21
CA THR A 25 -5.34 -18.69 6.22
C THR A 25 -4.78 -20.00 5.69
N GLN A 26 -5.22 -20.42 4.50
CA GLN A 26 -4.78 -21.70 3.95
C GLN A 26 -3.58 -21.61 3.01
N GLU A 27 -3.75 -20.98 1.85
CA GLU A 27 -2.67 -20.90 0.85
C GLU A 27 -1.75 -19.71 1.06
N GLU A 28 -2.31 -18.51 0.99
CA GLU A 28 -1.50 -17.32 1.16
C GLU A 28 -0.90 -17.29 2.56
N ILE A 29 -1.42 -18.08 3.46
CA ILE A 29 -0.89 -18.13 4.81
C ILE A 29 0.64 -18.17 4.80
N LYS A 30 1.21 -18.85 3.81
CA LYS A 30 2.66 -18.95 3.69
C LYS A 30 3.23 -17.79 2.86
N LYS A 31 2.50 -17.42 1.82
CA LYS A 31 2.91 -16.35 0.91
C LYS A 31 2.22 -15.02 1.24
N ARG A 32 1.75 -14.91 2.48
CA ARG A 32 1.03 -13.71 2.92
C ARG A 32 1.87 -12.47 2.69
N LYS A 33 3.18 -12.66 2.52
CA LYS A 33 4.09 -11.55 2.28
C LYS A 33 3.50 -10.60 1.25
N LYS A 34 3.36 -9.33 1.62
CA LYS A 34 2.81 -8.35 0.71
C LYS A 34 3.50 -6.99 0.88
N ALA A 35 4.10 -6.50 -0.20
CA ALA A 35 4.77 -5.22 -0.18
C ALA A 35 5.22 -4.85 -1.59
N VAL A 36 5.09 -3.57 -1.93
CA VAL A 36 5.50 -3.12 -3.25
C VAL A 36 5.93 -1.65 -3.20
N LEU A 37 7.09 -1.36 -3.76
CA LEU A 37 7.60 0.01 -3.76
C LEU A 37 7.67 0.56 -5.18
N PHE A 38 6.96 1.67 -5.40
CA PHE A 38 6.94 2.29 -6.72
C PHE A 38 7.88 3.48 -6.77
N CYS A 39 8.65 3.58 -7.85
CA CYS A 39 9.58 4.68 -8.00
C CYS A 39 9.48 5.29 -9.39
N LEU A 40 9.99 6.52 -9.52
CA LEU A 40 9.96 7.20 -10.80
C LEU A 40 10.96 6.56 -11.75
N SER A 41 10.53 6.38 -13.00
CA SER A 41 11.38 5.78 -14.01
C SER A 41 12.52 6.71 -14.39
N ASP A 42 13.54 6.18 -15.06
CA ASP A 42 14.69 6.97 -15.46
C ASP A 42 14.25 8.15 -16.32
N ASP A 43 13.30 7.92 -17.20
CA ASP A 43 12.78 8.98 -18.07
C ASP A 43 11.98 10.01 -17.27
N LYS A 44 11.69 9.68 -16.01
CA LYS A 44 10.91 10.57 -15.15
C LYS A 44 9.55 10.84 -15.76
N ARG A 45 9.08 9.92 -16.59
CA ARG A 45 7.78 10.06 -17.23
C ARG A 45 6.97 8.78 -17.13
N GLN A 46 7.56 7.76 -16.51
CA GLN A 46 6.89 6.48 -16.35
C GLN A 46 7.00 6.03 -14.91
N ILE A 47 5.96 5.37 -14.43
CA ILE A 47 5.95 4.88 -13.05
C ILE A 47 6.09 3.36 -13.04
N ILE A 48 7.14 2.87 -12.37
CA ILE A 48 7.39 1.43 -12.32
C ILE A 48 7.76 0.98 -10.90
N VAL A 49 7.79 -0.33 -10.70
CA VAL A 49 8.14 -0.88 -9.39
C VAL A 49 9.63 -1.18 -9.34
N GLU A 50 10.29 -0.73 -8.27
CA GLU A 50 11.72 -0.94 -8.10
C GLU A 50 11.98 -1.84 -6.91
N GLU A 51 13.12 -2.53 -6.92
CA GLU A 51 13.45 -3.42 -5.82
C GLU A 51 13.67 -2.59 -4.55
N ALA A 52 12.98 -2.97 -3.49
CA ALA A 52 13.07 -2.25 -2.23
C ALA A 52 12.91 -3.20 -1.05
N LYS A 53 13.00 -2.67 0.16
CA LYS A 53 12.88 -3.49 1.35
C LYS A 53 11.44 -3.93 1.55
N GLN A 54 11.25 -5.24 1.69
CA GLN A 54 9.92 -5.80 1.90
C GLN A 54 9.95 -6.80 3.04
N ILE A 55 8.81 -7.05 3.66
CA ILE A 55 8.73 -7.99 4.77
C ILE A 55 7.85 -9.18 4.44
N LEU A 56 8.23 -10.35 4.98
CA LEU A 56 7.46 -11.56 4.76
C LEU A 56 6.55 -11.86 5.94
N VAL A 57 5.51 -12.67 5.69
CA VAL A 57 4.58 -13.02 6.76
C VAL A 57 5.32 -13.61 7.95
N GLY A 58 6.31 -14.44 7.67
CA GLY A 58 7.10 -15.05 8.73
C GLY A 58 7.88 -13.99 9.48
N ASP A 59 8.40 -13.02 8.73
CA ASP A 59 9.20 -11.95 9.31
C ASP A 59 8.39 -11.17 10.33
N ILE A 60 7.08 -11.14 10.15
CA ILE A 60 6.22 -10.42 11.09
C ILE A 60 6.38 -10.98 12.51
N GLY A 61 6.38 -12.31 12.63
CA GLY A 61 6.54 -12.93 13.94
C GLY A 61 5.60 -12.29 14.96
N ASP A 62 6.18 -11.90 16.10
CA ASP A 62 5.41 -11.26 17.16
C ASP A 62 5.97 -9.87 17.46
N THR A 63 7.15 -9.57 16.91
CA THR A 63 7.79 -8.27 17.13
C THR A 63 7.03 -7.17 16.40
N VAL A 64 6.38 -7.52 15.29
CA VAL A 64 5.64 -6.52 14.52
C VAL A 64 4.14 -6.65 14.78
N GLU A 65 3.55 -5.58 15.29
CA GLU A 65 2.12 -5.59 15.58
C GLU A 65 1.30 -5.57 14.29
N ASP A 66 1.72 -4.76 13.34
CA ASP A 66 1.02 -4.65 12.06
C ASP A 66 2.00 -4.65 10.89
N PRO A 67 1.75 -5.41 9.83
CA PRO A 67 2.66 -5.47 8.66
C PRO A 67 2.95 -4.08 8.06
N TYR A 68 1.94 -3.22 8.04
CA TYR A 68 2.09 -1.88 7.49
C TYR A 68 3.17 -1.11 8.24
N THR A 69 3.50 -1.57 9.44
CA THR A 69 4.50 -0.91 10.26
C THR A 69 5.85 -0.81 9.54
N SER A 70 6.21 -1.86 8.82
CA SER A 70 7.48 -1.88 8.11
C SER A 70 7.57 -0.73 7.12
N PHE A 71 6.51 -0.55 6.36
CA PHE A 71 6.48 0.50 5.37
C PHE A 71 6.63 1.89 6.01
N VAL A 72 5.84 2.16 7.04
CA VAL A 72 5.90 3.45 7.72
C VAL A 72 7.21 3.58 8.51
N LYS A 73 7.92 2.46 8.65
CA LYS A 73 9.18 2.48 9.37
C LYS A 73 10.32 2.99 8.47
N LEU A 74 10.29 2.55 7.20
CA LEU A 74 11.32 2.92 6.23
C LEU A 74 10.77 3.87 5.17
N LEU A 75 9.56 4.39 5.39
CA LEU A 75 8.94 5.28 4.41
C LEU A 75 9.87 6.44 4.08
N PRO A 76 9.70 7.06 2.94
CA PRO A 76 10.54 8.22 2.53
C PRO A 76 10.40 9.39 3.50
N LEU A 77 11.49 10.13 3.71
CA LEU A 77 11.46 11.28 4.61
C LEU A 77 11.33 12.59 3.83
N ASN A 78 11.95 12.62 2.64
CA ASN A 78 11.90 13.82 1.81
C ASN A 78 11.55 13.45 0.36
N ASP A 79 10.54 12.62 0.21
CA ASP A 79 10.11 12.19 -1.12
C ASP A 79 8.70 11.61 -1.08
N CYS A 80 8.08 11.51 -2.25
CA CYS A 80 6.73 10.96 -2.33
C CYS A 80 6.76 9.56 -2.95
N ARG A 81 5.87 8.69 -2.49
CA ARG A 81 5.80 7.33 -3.01
C ARG A 81 4.41 6.75 -2.79
N TYR A 82 4.18 5.56 -3.33
CA TYR A 82 2.89 4.92 -3.19
C TYR A 82 3.01 3.67 -2.31
N ALA A 83 1.99 3.44 -1.50
CA ALA A 83 1.99 2.31 -0.60
C ALA A 83 0.82 1.38 -0.93
N LEU A 84 1.09 0.09 -1.00
CA LEU A 84 0.05 -0.88 -1.30
C LEU A 84 -0.12 -1.81 -0.11
N TYR A 85 -1.32 -1.88 0.43
CA TYR A 85 -1.57 -2.72 1.59
C TYR A 85 -2.83 -3.56 1.41
N ASP A 86 -2.76 -4.81 1.84
CA ASP A 86 -3.91 -5.70 1.75
C ASP A 86 -4.83 -5.49 2.95
N ALA A 87 -5.95 -4.85 2.72
CA ALA A 87 -6.89 -4.59 3.79
C ALA A 87 -7.49 -5.90 4.28
N THR A 88 -7.33 -6.20 5.56
CA THR A 88 -7.88 -7.42 6.11
C THR A 88 -8.75 -7.11 7.32
N TYR A 89 -9.85 -7.86 7.47
CA TYR A 89 -10.75 -7.65 8.59
C TYR A 89 -11.54 -8.91 8.89
N GLU A 90 -12.04 -9.00 10.12
CA GLU A 90 -12.82 -10.16 10.55
C GLU A 90 -14.10 -9.72 11.25
N THR A 91 -15.19 -10.42 10.98
CA THR A 91 -16.46 -10.10 11.59
C THR A 91 -17.11 -11.35 12.18
N LYS A 92 -18.17 -11.14 12.95
CA LYS A 92 -18.88 -12.26 13.57
C LYS A 92 -19.36 -13.25 12.52
N GLU A 93 -19.50 -12.78 11.29
CA GLU A 93 -19.96 -13.65 10.20
C GLU A 93 -18.78 -14.33 9.51
N SER A 94 -17.82 -13.53 9.05
CA SER A 94 -16.65 -14.07 8.37
C SER A 94 -15.60 -12.98 8.13
N LYS A 95 -14.41 -13.39 7.72
CA LYS A 95 -13.33 -12.43 7.46
C LYS A 95 -13.04 -12.38 5.96
N LYS A 96 -12.64 -11.21 5.48
CA LYS A 96 -12.33 -11.04 4.06
C LYS A 96 -11.09 -10.18 3.87
N GLU A 97 -10.52 -10.22 2.67
CA GLU A 97 -9.34 -9.43 2.37
C GLU A 97 -9.51 -8.64 1.09
N ASP A 98 -8.91 -7.46 1.05
CA ASP A 98 -8.99 -6.57 -0.08
C ASP A 98 -7.71 -5.76 -0.23
N LEU A 99 -7.68 -4.84 -1.18
CA LEU A 99 -6.51 -4.02 -1.41
C LEU A 99 -6.82 -2.54 -1.28
N VAL A 100 -5.84 -1.77 -0.84
CA VAL A 100 -6.01 -0.33 -0.69
C VAL A 100 -4.79 0.40 -1.23
N PHE A 101 -5.02 1.33 -2.16
CA PHE A 101 -3.91 2.10 -2.74
C PHE A 101 -3.70 3.33 -1.86
N ILE A 102 -2.49 3.48 -1.34
CA ILE A 102 -2.18 4.59 -0.46
C ILE A 102 -1.25 5.60 -1.13
N PHE A 103 -1.64 6.88 -1.08
CA PHE A 103 -0.81 7.93 -1.67
C PHE A 103 0.00 8.63 -0.59
N TRP A 104 1.32 8.42 -0.61
CA TRP A 104 2.20 9.04 0.38
C TRP A 104 3.00 10.18 -0.23
N ALA A 105 2.82 11.38 0.34
CA ALA A 105 3.54 12.55 -0.15
C ALA A 105 3.68 13.59 0.96
N PRO A 106 4.86 13.76 1.54
CA PRO A 106 5.08 14.76 2.63
C PRO A 106 5.14 16.19 2.09
N GLU A 107 4.83 17.15 2.96
CA GLU A 107 4.87 18.56 2.56
C GLU A 107 6.31 19.00 2.28
N SER A 108 7.28 18.25 2.80
CA SER A 108 8.68 18.57 2.60
C SER A 108 9.26 17.89 1.36
N ALA A 109 8.45 17.06 0.70
CA ALA A 109 8.93 16.36 -0.49
C ALA A 109 9.08 17.32 -1.67
N PRO A 110 9.88 16.97 -2.65
CA PRO A 110 10.09 17.83 -3.86
C PRO A 110 8.77 18.05 -4.59
N LEU A 111 8.49 19.30 -4.93
CA LEU A 111 7.26 19.63 -5.63
C LEU A 111 7.24 19.00 -7.02
N LYS A 112 8.39 19.01 -7.68
CA LYS A 112 8.49 18.44 -9.02
C LYS A 112 8.17 16.95 -8.99
N SER A 113 8.71 16.27 -7.99
CA SER A 113 8.46 14.84 -7.84
C SER A 113 6.99 14.61 -7.54
N LYS A 114 6.44 15.48 -6.71
CA LYS A 114 5.05 15.37 -6.33
C LYS A 114 4.13 15.54 -7.54
N MET A 115 4.50 16.48 -8.42
CA MET A 115 3.71 16.72 -9.62
C MET A 115 3.63 15.46 -10.49
N ILE A 116 4.77 14.80 -10.65
CA ILE A 116 4.81 13.58 -11.45
C ILE A 116 3.88 12.52 -10.85
N TYR A 117 3.93 12.38 -9.53
CA TYR A 117 3.08 11.40 -8.86
C TYR A 117 1.62 11.79 -9.02
N ALA A 118 1.33 13.09 -8.95
CA ALA A 118 -0.04 13.55 -9.09
C ALA A 118 -0.58 13.15 -10.46
N SER A 119 0.26 13.25 -11.49
CA SER A 119 -0.14 12.90 -12.85
C SER A 119 -0.53 11.43 -12.95
N SER A 120 0.27 10.56 -12.35
CA SER A 120 0.00 9.13 -12.38
C SER A 120 -0.86 8.69 -11.20
N LYS A 121 -1.22 9.64 -10.34
CA LYS A 121 -2.04 9.33 -9.18
C LYS A 121 -3.36 8.70 -9.61
N ASP A 122 -4.00 9.33 -10.59
CA ASP A 122 -5.26 8.84 -11.10
C ASP A 122 -5.03 7.68 -12.07
N ALA A 123 -3.92 7.72 -12.80
CA ALA A 123 -3.63 6.67 -13.76
C ALA A 123 -3.49 5.33 -13.06
N ILE A 124 -2.76 5.31 -11.96
CA ILE A 124 -2.57 4.08 -11.20
C ILE A 124 -3.85 3.72 -10.43
N LYS A 125 -4.55 4.74 -9.95
CA LYS A 125 -5.79 4.53 -9.22
C LYS A 125 -6.83 3.87 -10.12
N LYS A 126 -6.96 4.37 -11.34
CA LYS A 126 -7.92 3.81 -12.29
C LYS A 126 -7.44 2.45 -12.78
N LYS A 127 -6.13 2.24 -12.76
CA LYS A 127 -5.56 0.98 -13.21
C LYS A 127 -5.93 -0.13 -12.24
N PHE A 128 -6.13 0.23 -10.97
CA PHE A 128 -6.50 -0.75 -9.97
C PHE A 128 -7.99 -0.66 -9.65
N THR A 129 -8.67 -1.80 -9.80
CA THR A 129 -10.10 -1.87 -9.53
C THR A 129 -10.39 -2.81 -8.37
N GLY A 130 -9.44 -3.71 -8.10
CA GLY A 130 -9.59 -4.65 -7.01
C GLY A 130 -9.64 -3.90 -5.68
N ILE A 131 -9.18 -2.65 -5.68
CA ILE A 131 -9.19 -1.84 -4.48
C ILE A 131 -10.61 -1.51 -4.05
N LYS A 132 -10.77 -1.24 -2.76
CA LYS A 132 -12.09 -0.89 -2.23
C LYS A 132 -12.21 0.61 -2.01
N HIS A 133 -11.12 1.23 -1.57
CA HIS A 133 -11.11 2.67 -1.34
C HIS A 133 -9.67 3.18 -1.37
N GLU A 134 -9.53 4.49 -1.56
CA GLU A 134 -8.19 5.07 -1.61
C GLU A 134 -7.92 5.88 -0.34
N TRP A 135 -6.73 5.72 0.24
CA TRP A 135 -6.38 6.44 1.45
C TRP A 135 -5.13 7.29 1.24
N GLN A 136 -5.27 8.60 1.42
CA GLN A 136 -4.15 9.50 1.24
C GLN A 136 -3.46 9.78 2.56
N VAL A 137 -2.14 9.80 2.54
CA VAL A 137 -1.36 10.07 3.75
C VAL A 137 -0.26 11.09 3.45
N ASN A 138 0.02 11.94 4.43
CA ASN A 138 1.05 12.97 4.28
C ASN A 138 1.70 13.29 5.62
N GLY A 139 1.43 12.48 6.63
CA GLY A 139 2.01 12.71 7.95
C GLY A 139 2.70 11.46 8.49
N LEU A 140 3.96 11.61 8.85
CA LEU A 140 4.74 10.50 9.39
C LEU A 140 4.13 10.03 10.71
N ASP A 141 3.72 10.98 11.54
CA ASP A 141 3.12 10.65 12.83
C ASP A 141 1.74 10.02 12.63
N ASP A 142 0.97 10.55 11.68
CA ASP A 142 -0.36 10.02 11.41
C ASP A 142 -0.29 8.62 10.79
N ILE A 143 0.71 8.39 9.97
CA ILE A 143 0.89 7.09 9.32
C ILE A 143 1.62 6.12 10.25
N LYS A 144 2.35 6.69 11.22
CA LYS A 144 3.10 5.88 12.17
C LYS A 144 2.17 4.89 12.86
N ASP A 145 0.96 5.35 13.19
CA ASP A 145 0.00 4.47 13.82
C ASP A 145 -0.84 3.77 12.77
N ARG A 146 -0.74 2.45 12.73
CA ARG A 146 -1.47 1.65 11.76
C ARG A 146 -2.96 1.73 12.00
N SER A 147 -3.34 2.24 13.17
CA SER A 147 -4.75 2.35 13.50
C SER A 147 -5.46 3.19 12.45
N THR A 148 -4.81 4.24 11.98
CA THR A 148 -5.42 5.10 10.97
C THR A 148 -5.73 4.31 9.69
N LEU A 149 -4.74 3.54 9.22
CA LEU A 149 -4.92 2.76 8.00
C LEU A 149 -6.05 1.75 8.15
N GLY A 150 -6.03 0.98 9.21
CA GLY A 150 -7.06 -0.02 9.44
C GLY A 150 -8.42 0.65 9.62
N GLU A 151 -8.43 1.73 10.37
CA GLU A 151 -9.65 2.48 10.62
C GLU A 151 -10.21 3.05 9.32
N LYS A 152 -9.36 3.14 8.31
CA LYS A 152 -9.80 3.65 7.02
C LYS A 152 -11.03 2.88 6.57
N LEU A 153 -10.98 1.56 6.73
CA LEU A 153 -12.10 0.70 6.34
C LEU A 153 -13.26 0.89 7.33
N GLY A 154 -12.92 1.24 8.57
CA GLY A 154 -13.95 1.42 9.60
C GLY A 154 -14.39 0.09 10.19
N GLY A 155 -15.38 0.13 11.07
CA GLY A 155 -15.89 -1.09 11.68
C GLY A 155 -14.96 -1.57 12.79
N ASN A 156 -14.90 -0.82 13.89
CA ASN A 156 -14.05 -1.19 15.02
C ASN A 156 -14.54 -2.51 15.65
N VAL A 157 -15.78 -2.89 15.35
CA VAL A 157 -16.35 -4.12 15.89
C VAL A 157 -15.65 -5.35 15.33
N VAL A 158 -15.03 -5.20 14.16
CA VAL A 158 -14.33 -6.31 13.52
C VAL A 158 -13.34 -6.95 14.50
N VAL A 159 -13.32 -8.27 14.52
CA VAL A 159 -12.43 -9.03 15.40
C VAL A 159 -10.97 -8.76 15.06
N SER A 160 -10.68 -8.66 13.77
CA SER A 160 -9.31 -8.41 13.32
C SER A 160 -9.27 -7.20 12.39
N LEU A 161 -8.18 -6.45 12.46
CA LEU A 161 -8.02 -5.27 11.62
C LEU A 161 -6.54 -4.98 11.36
N GLU A 162 -6.13 -5.03 10.10
CA GLU A 162 -4.74 -4.77 9.74
C GLU A 162 -3.80 -5.66 10.54
N GLY A 163 -4.32 -6.78 11.03
CA GLY A 163 -3.52 -7.72 11.81
C GLY A 163 -3.60 -7.40 13.30
N LYS A 164 -4.03 -6.18 13.62
CA LYS A 164 -4.15 -5.78 15.01
C LYS A 164 -5.46 -6.33 15.61
N PRO A 165 -5.41 -7.12 16.66
CA PRO A 165 -6.64 -7.71 17.28
C PRO A 165 -7.48 -6.66 18.01
N LEU A 166 -8.79 -6.91 18.10
CA LEU A 166 -9.69 -5.98 18.78
C LEU A 166 -9.33 -5.87 20.26
N MET A 1 -0.45 20.21 -25.65
CA MET A 1 -1.13 19.17 -24.82
C MET A 1 -0.09 18.24 -24.21
N ALA A 2 -0.21 17.97 -22.91
CA ALA A 2 0.74 17.09 -22.24
C ALA A 2 0.01 15.93 -21.56
N SER A 3 0.53 14.73 -21.74
CA SER A 3 -0.06 13.55 -21.13
C SER A 3 0.42 13.38 -19.69
N GLY A 4 1.37 14.22 -19.27
CA GLY A 4 1.91 14.14 -17.92
C GLY A 4 2.59 12.81 -17.69
N VAL A 5 2.26 12.17 -16.57
CA VAL A 5 2.86 10.88 -16.24
C VAL A 5 1.92 9.73 -16.57
N THR A 6 2.49 8.54 -16.68
CA THR A 6 1.71 7.35 -16.97
C THR A 6 2.18 6.17 -16.12
N VAL A 7 1.52 5.03 -16.31
CA VAL A 7 1.85 3.84 -15.56
C VAL A 7 2.45 2.77 -16.46
N ASN A 8 3.58 2.21 -16.05
CA ASN A 8 4.24 1.17 -16.82
C ASN A 8 3.58 -0.19 -16.55
N ASP A 9 3.77 -1.13 -17.47
CA ASP A 9 3.20 -2.47 -17.33
C ASP A 9 3.74 -3.17 -16.09
N GLU A 10 4.95 -2.82 -15.70
CA GLU A 10 5.57 -3.43 -14.53
C GLU A 10 4.75 -3.16 -13.28
N VAL A 11 4.07 -2.01 -13.24
CA VAL A 11 3.27 -1.65 -12.07
C VAL A 11 2.17 -2.67 -11.84
N ILE A 12 1.43 -2.99 -12.90
CA ILE A 12 0.36 -3.96 -12.81
C ILE A 12 0.90 -5.37 -12.64
N LYS A 13 2.12 -5.60 -13.13
CA LYS A 13 2.72 -6.91 -13.04
C LYS A 13 2.87 -7.34 -11.58
N VAL A 14 3.40 -6.43 -10.75
CA VAL A 14 3.56 -6.72 -9.33
C VAL A 14 2.22 -6.79 -8.64
N PHE A 15 1.34 -5.85 -8.98
CA PHE A 15 0.01 -5.79 -8.39
C PHE A 15 -0.74 -7.09 -8.63
N ASN A 16 -0.38 -7.80 -9.70
CA ASN A 16 -1.05 -9.05 -10.03
C ASN A 16 -0.95 -10.04 -8.87
N ASP A 17 0.22 -10.14 -8.25
CA ASP A 17 0.41 -11.07 -7.14
C ASP A 17 -0.52 -10.72 -5.97
N MET A 18 -0.56 -9.44 -5.61
CA MET A 18 -1.39 -9.00 -4.50
C MET A 18 -2.87 -9.09 -4.88
N LYS A 19 -3.18 -8.78 -6.14
CA LYS A 19 -4.56 -8.82 -6.63
C LYS A 19 -5.12 -10.25 -6.58
N VAL A 20 -4.30 -11.22 -6.98
CA VAL A 20 -4.75 -12.61 -6.97
C VAL A 20 -4.19 -13.34 -5.76
N ARG A 21 -4.67 -12.98 -4.58
CA ARG A 21 -4.22 -13.61 -3.35
C ARG A 21 -5.09 -14.80 -2.98
N LYS A 22 -4.43 -15.93 -2.75
CA LYS A 22 -5.12 -17.16 -2.36
C LYS A 22 -5.49 -17.10 -0.89
N SER A 23 -6.15 -18.14 -0.36
CA SER A 23 -6.56 -18.11 1.05
C SER A 23 -5.44 -17.63 1.93
N SER A 24 -5.76 -16.71 2.81
CA SER A 24 -4.78 -16.19 3.73
C SER A 24 -4.44 -17.23 4.78
N THR A 25 -5.36 -18.17 5.00
CA THR A 25 -5.14 -19.20 6.00
C THR A 25 -4.50 -20.46 5.41
N GLN A 26 -4.93 -20.86 4.21
CA GLN A 26 -4.41 -22.11 3.62
C GLN A 26 -3.20 -21.93 2.69
N GLU A 27 -3.40 -21.32 1.53
CA GLU A 27 -2.29 -21.18 0.56
C GLU A 27 -1.50 -19.89 0.73
N GLU A 28 -2.18 -18.76 0.59
CA GLU A 28 -1.53 -17.46 0.73
C GLU A 28 -0.93 -17.31 2.10
N ILE A 29 -1.38 -18.13 3.05
CA ILE A 29 -0.85 -18.06 4.42
C ILE A 29 0.69 -17.96 4.37
N LYS A 30 1.31 -18.58 3.38
CA LYS A 30 2.76 -18.52 3.24
C LYS A 30 3.22 -17.26 2.49
N LYS A 31 2.39 -16.79 1.58
CA LYS A 31 2.70 -15.61 0.79
C LYS A 31 1.90 -14.39 1.27
N ARG A 32 1.41 -14.45 2.51
CA ARG A 32 0.61 -13.37 3.07
C ARG A 32 1.35 -12.04 2.98
N LYS A 33 2.67 -12.10 2.96
CA LYS A 33 3.47 -10.90 2.88
C LYS A 33 2.93 -9.95 1.82
N LYS A 34 3.20 -8.67 2.02
CA LYS A 34 2.74 -7.67 1.08
C LYS A 34 3.52 -6.37 1.24
N ALA A 35 4.16 -5.95 0.15
CA ALA A 35 4.91 -4.71 0.14
C ALA A 35 5.38 -4.38 -1.27
N VAL A 36 5.20 -3.14 -1.69
CA VAL A 36 5.65 -2.73 -3.01
C VAL A 36 5.81 -1.22 -3.06
N LEU A 37 6.98 -0.76 -3.50
CA LEU A 37 7.22 0.67 -3.60
C LEU A 37 7.47 1.06 -5.06
N PHE A 38 7.06 2.27 -5.43
CA PHE A 38 7.22 2.74 -6.81
C PHE A 38 8.02 4.04 -6.86
N CYS A 39 8.64 4.30 -8.01
CA CYS A 39 9.44 5.53 -8.14
C CYS A 39 9.29 6.13 -9.54
N LEU A 40 9.75 7.37 -9.67
CA LEU A 40 9.68 8.07 -10.93
C LEU A 40 10.66 7.46 -11.92
N SER A 41 10.23 7.35 -13.17
CA SER A 41 11.07 6.79 -14.22
C SER A 41 12.16 7.79 -14.61
N ASP A 42 13.11 7.33 -15.43
CA ASP A 42 14.22 8.20 -15.85
C ASP A 42 13.69 9.48 -16.47
N ASP A 43 12.61 9.38 -17.23
CA ASP A 43 12.03 10.56 -17.87
C ASP A 43 11.04 11.26 -16.92
N LYS A 44 10.81 10.65 -15.75
CA LYS A 44 9.89 11.20 -14.78
C LYS A 44 8.48 11.32 -15.34
N ARG A 45 8.22 10.57 -16.40
CA ARG A 45 6.89 10.58 -17.02
C ARG A 45 6.23 9.21 -16.90
N GLN A 46 6.94 8.26 -16.30
CA GLN A 46 6.39 6.93 -16.13
C GLN A 46 6.63 6.44 -14.71
N ILE A 47 5.74 5.61 -14.22
CA ILE A 47 5.87 5.09 -12.88
C ILE A 47 6.19 3.60 -12.92
N ILE A 48 7.32 3.22 -12.31
CA ILE A 48 7.74 1.82 -12.32
C ILE A 48 8.05 1.31 -10.90
N VAL A 49 8.18 0.00 -10.77
CA VAL A 49 8.49 -0.61 -9.48
C VAL A 49 9.91 -0.27 -9.05
N GLU A 50 10.04 0.12 -7.79
CA GLU A 50 11.35 0.48 -7.24
C GLU A 50 11.83 -0.57 -6.25
N GLU A 51 13.10 -0.94 -6.36
CA GLU A 51 13.66 -1.93 -5.44
C GLU A 51 13.75 -1.34 -4.04
N ALA A 52 13.16 -2.02 -3.08
CA ALA A 52 13.16 -1.54 -1.70
C ALA A 52 13.06 -2.69 -0.71
N LYS A 53 13.13 -2.37 0.56
CA LYS A 53 13.04 -3.39 1.60
C LYS A 53 11.60 -3.89 1.74
N GLN A 54 11.45 -5.21 1.74
CA GLN A 54 10.14 -5.82 1.89
C GLN A 54 10.17 -6.85 3.03
N ILE A 55 9.02 -7.08 3.65
CA ILE A 55 8.95 -8.03 4.75
C ILE A 55 8.15 -9.27 4.36
N LEU A 56 8.63 -10.44 4.82
CA LEU A 56 7.97 -11.71 4.52
C LEU A 56 7.08 -12.13 5.69
N VAL A 57 5.96 -12.78 5.38
CA VAL A 57 5.04 -13.24 6.43
C VAL A 57 5.70 -14.36 7.24
N GLY A 58 6.38 -15.26 6.58
CA GLY A 58 7.05 -16.36 7.27
C GLY A 58 8.17 -15.83 8.14
N ASP A 59 8.92 -14.87 7.60
CA ASP A 59 10.03 -14.29 8.33
C ASP A 59 9.57 -13.39 9.48
N ILE A 60 8.55 -12.58 9.21
CA ILE A 60 8.03 -11.66 10.22
C ILE A 60 7.31 -12.45 11.32
N GLY A 61 6.72 -13.58 10.94
CA GLY A 61 6.00 -14.39 11.90
C GLY A 61 4.98 -13.55 12.65
N ASP A 62 5.02 -13.63 13.97
CA ASP A 62 4.09 -12.86 14.80
C ASP A 62 4.83 -11.77 15.57
N THR A 63 5.99 -11.37 15.07
CA THR A 63 6.78 -10.33 15.73
C THR A 63 6.00 -9.02 15.83
N VAL A 64 5.40 -8.62 14.71
CA VAL A 64 4.61 -7.39 14.68
C VAL A 64 3.23 -7.65 14.09
N GLU A 65 2.20 -7.28 14.84
CA GLU A 65 0.82 -7.48 14.39
C GLU A 65 0.43 -6.52 13.27
N ASP A 66 1.08 -5.36 13.23
CA ASP A 66 0.75 -4.37 12.20
C ASP A 66 1.83 -4.32 11.10
N PRO A 67 1.52 -4.69 9.88
CA PRO A 67 2.52 -4.68 8.77
C PRO A 67 3.03 -3.28 8.42
N TYR A 68 2.18 -2.29 8.62
CA TYR A 68 2.54 -0.90 8.30
C TYR A 68 3.74 -0.43 9.12
N THR A 69 4.04 -1.13 10.21
CA THR A 69 5.15 -0.75 11.06
C THR A 69 6.49 -0.86 10.31
N SER A 70 6.62 -1.86 9.46
CA SER A 70 7.86 -2.04 8.73
C SER A 70 8.10 -0.90 7.76
N PHE A 71 7.05 -0.55 7.04
CA PHE A 71 7.14 0.49 6.06
C PHE A 71 7.47 1.85 6.68
N VAL A 72 6.72 2.23 7.71
CA VAL A 72 6.96 3.52 8.38
C VAL A 72 8.38 3.61 8.91
N LYS A 73 8.90 2.48 9.38
CA LYS A 73 10.25 2.43 9.92
C LYS A 73 11.30 2.73 8.84
N LEU A 74 11.05 2.25 7.64
CA LEU A 74 11.97 2.47 6.53
C LEU A 74 11.43 3.49 5.53
N LEU A 75 10.36 4.19 5.91
CA LEU A 75 9.76 5.17 5.03
C LEU A 75 10.81 6.18 4.57
N PRO A 76 10.59 6.81 3.44
CA PRO A 76 11.53 7.85 2.92
C PRO A 76 11.38 9.18 3.67
N LEU A 77 12.48 9.91 3.81
CA LEU A 77 12.45 11.19 4.50
C LEU A 77 12.36 12.34 3.50
N ASN A 78 13.27 12.38 2.53
CA ASN A 78 13.28 13.44 1.54
C ASN A 78 12.73 12.96 0.19
N ASP A 79 11.66 12.16 0.25
CA ASP A 79 11.05 11.65 -0.98
C ASP A 79 9.66 11.08 -0.69
N CYS A 80 8.93 10.78 -1.75
CA CYS A 80 7.58 10.23 -1.61
C CYS A 80 7.41 8.98 -2.47
N ARG A 81 6.57 8.06 -2.00
CA ARG A 81 6.33 6.82 -2.73
C ARG A 81 4.90 6.33 -2.52
N TYR A 82 4.57 5.23 -3.19
CA TYR A 82 3.25 4.64 -3.09
C TYR A 82 3.26 3.42 -2.16
N ALA A 83 2.23 3.30 -1.34
CA ALA A 83 2.10 2.20 -0.40
C ALA A 83 0.93 1.30 -0.78
N LEU A 84 1.16 -0.01 -0.78
CA LEU A 84 0.10 -0.96 -1.11
C LEU A 84 -0.12 -1.91 0.06
N TYR A 85 -1.34 -1.88 0.60
CA TYR A 85 -1.68 -2.73 1.73
C TYR A 85 -2.93 -3.55 1.48
N ASP A 86 -2.97 -4.74 2.08
CA ASP A 86 -4.13 -5.61 1.94
C ASP A 86 -5.06 -5.40 3.13
N ALA A 87 -6.22 -4.82 2.88
CA ALA A 87 -7.16 -4.58 3.96
C ALA A 87 -7.66 -5.91 4.53
N THR A 88 -7.15 -6.26 5.70
CA THR A 88 -7.56 -7.50 6.34
C THR A 88 -8.32 -7.20 7.62
N TYR A 89 -9.54 -7.69 7.71
CA TYR A 89 -10.36 -7.46 8.90
C TYR A 89 -11.33 -8.62 9.14
N GLU A 90 -11.81 -8.73 10.37
CA GLU A 90 -12.73 -9.79 10.73
C GLU A 90 -13.86 -9.28 11.62
N THR A 91 -15.05 -9.78 11.38
CA THR A 91 -16.22 -9.39 12.16
C THR A 91 -16.98 -10.61 12.65
N LYS A 92 -18.07 -10.38 13.36
CA LYS A 92 -18.88 -11.47 13.89
C LYS A 92 -19.37 -12.37 12.75
N GLU A 93 -19.33 -11.85 11.53
CA GLU A 93 -19.78 -12.63 10.38
C GLU A 93 -18.67 -13.54 9.85
N SER A 94 -17.58 -12.93 9.39
CA SER A 94 -16.45 -13.69 8.87
C SER A 94 -15.27 -12.76 8.60
N LYS A 95 -14.13 -13.36 8.23
CA LYS A 95 -12.93 -12.58 7.93
C LYS A 95 -12.84 -12.33 6.42
N LYS A 96 -12.58 -11.09 6.03
CA LYS A 96 -12.49 -10.73 4.61
C LYS A 96 -11.18 -9.99 4.32
N GLU A 97 -10.73 -10.09 3.07
CA GLU A 97 -9.48 -9.42 2.67
C GLU A 97 -9.69 -8.59 1.42
N ASP A 98 -9.06 -7.43 1.39
CA ASP A 98 -9.16 -6.51 0.27
C ASP A 98 -7.83 -5.80 0.04
N LEU A 99 -7.81 -4.87 -0.90
CA LEU A 99 -6.59 -4.13 -1.20
C LEU A 99 -6.85 -2.62 -1.13
N VAL A 100 -5.85 -1.87 -0.67
CA VAL A 100 -5.99 -0.42 -0.57
C VAL A 100 -4.78 0.29 -1.15
N PHE A 101 -5.01 1.20 -2.10
CA PHE A 101 -3.91 1.95 -2.70
C PHE A 101 -3.66 3.21 -1.87
N ILE A 102 -2.51 3.26 -1.24
CA ILE A 102 -2.15 4.38 -0.36
C ILE A 102 -1.04 5.23 -0.98
N PHE A 103 -1.16 6.55 -0.89
CA PHE A 103 -0.13 7.43 -1.43
C PHE A 103 0.64 8.11 -0.31
N TRP A 104 1.95 7.83 -0.23
CA TRP A 104 2.79 8.40 0.82
C TRP A 104 3.58 9.60 0.31
N ALA A 105 3.18 10.80 0.75
CA ALA A 105 3.88 12.01 0.33
C ALA A 105 4.09 12.96 1.53
N PRO A 106 5.30 13.04 2.07
CA PRO A 106 5.59 13.96 3.21
C PRO A 106 5.76 15.41 2.78
N GLU A 107 5.63 16.33 3.73
CA GLU A 107 5.80 17.74 3.44
C GLU A 107 7.24 18.03 3.02
N SER A 108 8.17 17.32 3.65
CA SER A 108 9.60 17.50 3.36
C SER A 108 9.96 16.97 1.97
N ALA A 109 9.10 16.13 1.40
CA ALA A 109 9.36 15.56 0.09
C ALA A 109 9.21 16.62 -1.00
N PRO A 110 9.83 16.41 -2.13
CA PRO A 110 9.75 17.37 -3.27
C PRO A 110 8.33 17.45 -3.86
N LEU A 111 7.87 18.66 -4.08
CA LEU A 111 6.55 18.88 -4.64
C LEU A 111 6.49 18.44 -6.09
N LYS A 112 7.60 18.63 -6.81
CA LYS A 112 7.66 18.25 -8.20
C LYS A 112 7.36 16.76 -8.37
N SER A 113 8.00 15.93 -7.55
CA SER A 113 7.78 14.49 -7.62
C SER A 113 6.34 14.15 -7.25
N LYS A 114 5.82 14.80 -6.21
CA LYS A 114 4.47 14.53 -5.76
C LYS A 114 3.47 14.85 -6.85
N MET A 115 3.71 15.93 -7.57
CA MET A 115 2.81 16.33 -8.65
C MET A 115 2.74 15.22 -9.70
N ILE A 116 3.90 14.70 -10.09
CA ILE A 116 3.94 13.63 -11.07
C ILE A 116 3.19 12.42 -10.53
N TYR A 117 3.42 12.10 -9.26
CA TYR A 117 2.75 10.97 -8.64
C TYR A 117 1.24 11.15 -8.68
N ALA A 118 0.79 12.39 -8.45
CA ALA A 118 -0.63 12.68 -8.48
C ALA A 118 -1.19 12.36 -9.86
N SER A 119 -0.41 12.68 -10.89
CA SER A 119 -0.83 12.42 -12.26
C SER A 119 -1.07 10.94 -12.49
N SER A 120 -0.20 10.10 -11.92
CA SER A 120 -0.36 8.66 -12.07
C SER A 120 -1.24 8.08 -10.96
N LYS A 121 -1.68 8.92 -10.03
CA LYS A 121 -2.51 8.44 -8.94
C LYS A 121 -3.78 7.80 -9.49
N ASP A 122 -4.44 8.51 -10.40
CA ASP A 122 -5.65 8.00 -11.02
C ASP A 122 -5.33 6.89 -12.02
N ALA A 123 -4.21 7.04 -12.73
CA ALA A 123 -3.81 6.06 -13.73
C ALA A 123 -3.59 4.69 -13.09
N ILE A 124 -2.89 4.65 -11.96
CA ILE A 124 -2.63 3.41 -11.27
C ILE A 124 -3.94 2.85 -10.70
N LYS A 125 -4.79 3.75 -10.20
CA LYS A 125 -6.09 3.35 -9.65
C LYS A 125 -6.93 2.67 -10.72
N LYS A 126 -6.92 3.25 -11.92
CA LYS A 126 -7.69 2.70 -13.03
C LYS A 126 -7.25 1.28 -13.35
N LYS A 127 -5.95 1.05 -13.38
CA LYS A 127 -5.42 -0.27 -13.67
C LYS A 127 -5.71 -1.24 -12.53
N PHE A 128 -5.86 -0.69 -11.33
CA PHE A 128 -6.12 -1.52 -10.16
C PHE A 128 -7.61 -1.55 -9.84
N THR A 129 -8.39 -2.18 -10.71
CA THR A 129 -9.83 -2.27 -10.49
C THR A 129 -10.15 -3.12 -9.27
N GLY A 130 -9.28 -4.09 -8.98
CA GLY A 130 -9.48 -4.97 -7.84
C GLY A 130 -9.39 -4.20 -6.53
N ILE A 131 -8.81 -3.01 -6.57
CA ILE A 131 -8.67 -2.19 -5.38
C ILE A 131 -10.02 -2.04 -4.67
N LYS A 132 -9.99 -2.04 -3.34
CA LYS A 132 -11.21 -1.90 -2.55
C LYS A 132 -11.39 -0.46 -2.10
N HIS A 133 -10.30 0.17 -1.69
CA HIS A 133 -10.37 1.56 -1.21
C HIS A 133 -9.08 2.30 -1.52
N GLU A 134 -9.18 3.63 -1.66
CA GLU A 134 -8.00 4.43 -1.95
C GLU A 134 -7.95 5.66 -1.04
N TRP A 135 -6.78 5.91 -0.45
CA TRP A 135 -6.61 7.05 0.44
C TRP A 135 -5.20 7.62 0.33
N GLN A 136 -5.08 8.92 0.56
CA GLN A 136 -3.78 9.58 0.50
C GLN A 136 -3.33 9.98 1.89
N VAL A 137 -2.08 9.68 2.22
CA VAL A 137 -1.54 10.01 3.53
C VAL A 137 -0.37 10.99 3.40
N ASN A 138 -0.24 11.86 4.39
CA ASN A 138 0.84 12.85 4.40
C ASN A 138 1.28 13.16 5.82
N GLY A 139 2.51 12.77 6.15
CA GLY A 139 3.04 13.02 7.49
C GLY A 139 3.46 11.72 8.16
N LEU A 140 4.60 11.77 8.85
CA LEU A 140 5.10 10.58 9.54
C LEU A 140 4.12 10.14 10.61
N ASP A 141 3.56 11.09 11.34
CA ASP A 141 2.60 10.75 12.38
C ASP A 141 1.34 10.10 11.78
N ASP A 142 0.90 10.63 10.64
CA ASP A 142 -0.31 10.13 9.99
C ASP A 142 -0.14 8.66 9.58
N ILE A 143 1.06 8.29 9.17
CA ILE A 143 1.33 6.91 8.75
C ILE A 143 1.89 6.10 9.92
N LYS A 144 2.40 6.80 10.94
CA LYS A 144 2.96 6.12 12.10
C LYS A 144 1.90 5.26 12.75
N ASP A 145 0.71 5.81 12.92
CA ASP A 145 -0.36 5.03 13.52
C ASP A 145 -0.87 4.04 12.48
N ARG A 146 -0.69 2.77 12.76
CA ARG A 146 -1.13 1.72 11.85
C ARG A 146 -2.64 1.66 11.79
N SER A 147 -3.29 2.00 12.89
CA SER A 147 -4.74 1.99 12.96
C SER A 147 -5.32 2.97 11.95
N THR A 148 -4.51 3.92 11.51
CA THR A 148 -4.97 4.91 10.55
C THR A 148 -5.45 4.22 9.27
N LEU A 149 -4.68 3.25 8.79
CA LEU A 149 -5.06 2.55 7.57
C LEU A 149 -6.38 1.81 7.73
N GLY A 150 -6.49 1.05 8.82
CA GLY A 150 -7.72 0.30 9.05
C GLY A 150 -8.91 1.24 9.21
N GLU A 151 -8.69 2.32 9.94
CA GLU A 151 -9.75 3.29 10.19
C GLU A 151 -10.25 3.91 8.89
N LYS A 152 -9.39 3.99 7.88
CA LYS A 152 -9.78 4.56 6.61
C LYS A 152 -10.87 3.71 5.96
N LEU A 153 -10.97 2.45 6.36
CA LEU A 153 -11.97 1.55 5.81
C LEU A 153 -13.18 1.42 6.74
N GLY A 154 -12.95 1.67 8.04
CA GLY A 154 -14.02 1.57 9.02
C GLY A 154 -13.91 0.30 9.86
N GLY A 155 -14.95 0.01 10.64
CA GLY A 155 -14.97 -1.17 11.49
C GLY A 155 -14.94 -0.79 12.96
N ASN A 156 -16.01 -0.17 13.43
CA ASN A 156 -16.10 0.24 14.84
C ASN A 156 -16.10 -0.98 15.76
N VAL A 157 -16.85 -2.01 15.38
CA VAL A 157 -16.93 -3.22 16.19
C VAL A 157 -16.15 -4.37 15.56
N VAL A 158 -15.27 -4.04 14.62
CA VAL A 158 -14.48 -5.06 13.93
C VAL A 158 -13.58 -5.83 14.90
N VAL A 159 -13.62 -7.15 14.81
CA VAL A 159 -12.81 -8.00 15.67
C VAL A 159 -11.33 -7.81 15.38
N SER A 160 -10.98 -7.77 14.10
CA SER A 160 -9.58 -7.59 13.70
C SER A 160 -9.46 -6.50 12.64
N LEU A 161 -8.43 -5.66 12.76
CA LEU A 161 -8.23 -4.58 11.79
C LEU A 161 -6.74 -4.24 11.67
N GLU A 162 -6.15 -4.57 10.52
CA GLU A 162 -4.73 -4.30 10.32
C GLU A 162 -3.90 -4.91 11.44
N GLY A 163 -4.43 -5.97 12.05
CA GLY A 163 -3.73 -6.65 13.13
C GLY A 163 -4.14 -6.09 14.49
N LYS A 164 -4.72 -4.89 14.49
CA LYS A 164 -5.16 -4.25 15.72
C LYS A 164 -6.66 -4.51 15.94
N PRO A 165 -7.05 -5.14 17.03
CA PRO A 165 -8.50 -5.41 17.32
C PRO A 165 -9.25 -4.14 17.69
N LEU A 166 -10.54 -4.10 17.36
CA LEU A 166 -11.37 -2.94 17.67
C LEU A 166 -10.80 -1.68 17.01
N MET A 1 4.03 18.43 -25.66
CA MET A 1 4.27 19.29 -24.47
C MET A 1 3.29 18.90 -23.36
N ALA A 2 3.82 18.69 -22.16
CA ALA A 2 2.99 18.31 -21.03
C ALA A 2 2.19 17.05 -21.34
N SER A 3 2.87 16.06 -21.91
CA SER A 3 2.22 14.80 -22.25
C SER A 3 1.68 14.10 -21.01
N GLY A 4 2.37 14.26 -19.89
CA GLY A 4 1.95 13.64 -18.65
C GLY A 4 2.57 12.25 -18.48
N VAL A 5 2.51 11.74 -17.27
CA VAL A 5 3.06 10.43 -16.96
C VAL A 5 1.98 9.38 -16.87
N THR A 6 2.29 8.18 -17.34
CA THR A 6 1.34 7.08 -17.32
C THR A 6 1.84 5.92 -16.47
N VAL A 7 1.03 4.87 -16.38
CA VAL A 7 1.39 3.71 -15.58
C VAL A 7 1.93 2.59 -16.46
N ASN A 8 3.07 2.03 -16.06
CA ASN A 8 3.68 0.94 -16.80
C ASN A 8 2.98 -0.39 -16.48
N ASP A 9 3.14 -1.35 -17.37
CA ASP A 9 2.53 -2.66 -17.17
C ASP A 9 3.09 -3.36 -15.94
N GLU A 10 4.27 -2.93 -15.51
CA GLU A 10 4.90 -3.52 -14.34
C GLU A 10 4.00 -3.33 -13.12
N VAL A 11 3.33 -2.20 -13.06
CA VAL A 11 2.47 -1.91 -11.92
C VAL A 11 1.35 -2.94 -11.81
N ILE A 12 0.67 -3.20 -12.93
CA ILE A 12 -0.41 -4.17 -12.94
C ILE A 12 0.15 -5.59 -12.79
N LYS A 13 1.38 -5.78 -13.25
CA LYS A 13 2.01 -7.09 -13.16
C LYS A 13 2.14 -7.51 -11.69
N VAL A 14 2.68 -6.61 -10.87
CA VAL A 14 2.84 -6.89 -9.45
C VAL A 14 1.49 -6.81 -8.73
N PHE A 15 0.72 -5.77 -9.07
CA PHE A 15 -0.59 -5.57 -8.47
C PHE A 15 -1.48 -6.76 -8.74
N ASN A 16 -1.20 -7.47 -9.82
CA ASN A 16 -2.00 -8.63 -10.19
C ASN A 16 -1.98 -9.66 -9.07
N ASP A 17 -0.82 -9.88 -8.47
CA ASP A 17 -0.70 -10.84 -7.37
C ASP A 17 -1.59 -10.43 -6.21
N MET A 18 -1.57 -9.14 -5.89
CA MET A 18 -2.38 -8.63 -4.78
C MET A 18 -3.88 -8.75 -5.12
N LYS A 19 -4.23 -8.45 -6.37
CA LYS A 19 -5.62 -8.53 -6.80
C LYS A 19 -6.12 -9.97 -6.79
N VAL A 20 -5.29 -10.90 -7.24
CA VAL A 20 -5.69 -12.30 -7.30
C VAL A 20 -4.94 -13.10 -6.24
N ARG A 21 -5.41 -13.01 -5.00
CA ARG A 21 -4.78 -13.74 -3.90
C ARG A 21 -5.45 -15.10 -3.70
N LYS A 22 -4.63 -16.10 -3.39
CA LYS A 22 -5.14 -17.45 -3.15
C LYS A 22 -5.50 -17.61 -1.68
N SER A 23 -6.06 -18.77 -1.32
CA SER A 23 -6.48 -18.98 0.06
C SER A 23 -5.40 -18.55 1.01
N SER A 24 -5.77 -17.79 2.03
CA SER A 24 -4.82 -17.36 3.03
C SER A 24 -4.44 -18.52 3.92
N THR A 25 -5.20 -19.62 3.84
CA THR A 25 -4.92 -20.78 4.66
C THR A 25 -3.94 -21.73 3.99
N GLN A 26 -4.13 -22.00 2.69
CA GLN A 26 -3.27 -22.95 1.98
C GLN A 26 -2.10 -22.32 1.21
N GLU A 27 -2.40 -21.54 0.17
CA GLU A 27 -1.35 -20.94 -0.66
C GLU A 27 -0.84 -19.61 -0.14
N GLU A 28 -1.76 -18.66 -0.04
CA GLU A 28 -1.41 -17.34 0.45
C GLU A 28 -0.87 -17.43 1.87
N ILE A 29 -1.13 -18.55 2.54
CA ILE A 29 -0.67 -18.73 3.90
C ILE A 29 0.86 -18.49 3.98
N LYS A 30 1.58 -18.89 2.93
CA LYS A 30 3.02 -18.71 2.89
C LYS A 30 3.39 -17.39 2.19
N LYS A 31 2.54 -17.01 1.23
CA LYS A 31 2.76 -15.79 0.46
C LYS A 31 1.88 -14.64 0.94
N ARG A 32 1.46 -14.69 2.20
CA ARG A 32 0.57 -13.68 2.77
C ARG A 32 1.28 -12.34 2.90
N LYS A 33 2.58 -12.32 2.61
CA LYS A 33 3.36 -11.10 2.69
C LYS A 33 2.61 -9.95 2.04
N LYS A 34 2.99 -8.74 2.40
CA LYS A 34 2.35 -7.57 1.81
C LYS A 34 3.27 -6.37 1.89
N ALA A 35 3.63 -5.85 0.73
CA ALA A 35 4.48 -4.68 0.66
C ALA A 35 4.66 -4.24 -0.79
N VAL A 36 4.55 -2.96 -1.07
CA VAL A 36 4.75 -2.47 -2.43
C VAL A 36 5.26 -1.03 -2.41
N LEU A 37 6.44 -0.81 -2.98
CA LEU A 37 7.00 0.54 -3.02
C LEU A 37 7.24 0.95 -4.47
N PHE A 38 6.57 2.02 -4.89
CA PHE A 38 6.71 2.53 -6.26
C PHE A 38 7.75 3.64 -6.33
N CYS A 39 8.35 3.81 -7.50
CA CYS A 39 9.36 4.85 -7.67
C CYS A 39 9.30 5.43 -9.07
N LEU A 40 9.38 6.76 -9.15
CA LEU A 40 9.34 7.44 -10.44
C LEU A 40 10.43 6.91 -11.35
N SER A 41 10.06 6.57 -12.57
CA SER A 41 11.01 6.06 -13.55
C SER A 41 12.08 7.10 -13.85
N ASP A 42 13.27 6.64 -14.23
CA ASP A 42 14.37 7.56 -14.52
C ASP A 42 13.96 8.56 -15.59
N ASP A 43 13.23 8.09 -16.59
CA ASP A 43 12.77 8.97 -17.66
C ASP A 43 11.76 9.99 -17.13
N LYS A 44 11.20 9.71 -15.96
CA LYS A 44 10.21 10.60 -15.35
C LYS A 44 9.00 10.77 -16.25
N ARG A 45 8.62 9.68 -16.92
CA ARG A 45 7.46 9.71 -17.82
C ARG A 45 6.54 8.52 -17.57
N GLN A 46 7.02 7.56 -16.80
CA GLN A 46 6.24 6.38 -16.50
C GLN A 46 6.40 6.01 -15.04
N ILE A 47 5.41 5.32 -14.49
CA ILE A 47 5.46 4.91 -13.10
C ILE A 47 5.67 3.40 -13.01
N ILE A 48 6.73 3.00 -12.31
CA ILE A 48 7.06 1.58 -12.16
C ILE A 48 7.51 1.26 -10.74
N VAL A 49 7.27 0.02 -10.31
CA VAL A 49 7.65 -0.42 -8.96
C VAL A 49 9.11 -0.86 -8.95
N GLU A 50 9.79 -0.55 -7.86
CA GLU A 50 11.19 -0.93 -7.72
C GLU A 50 11.38 -1.93 -6.59
N GLU A 51 12.44 -2.74 -6.67
CA GLU A 51 12.71 -3.73 -5.64
C GLU A 51 13.05 -3.03 -4.34
N ALA A 52 12.43 -3.48 -3.25
CA ALA A 52 12.65 -2.87 -1.94
C ALA A 52 12.35 -3.87 -0.83
N LYS A 53 12.51 -3.43 0.41
CA LYS A 53 12.27 -4.31 1.54
C LYS A 53 10.78 -4.60 1.70
N GLN A 54 10.45 -5.87 1.85
CA GLN A 54 9.07 -6.28 2.00
C GLN A 54 8.93 -7.17 3.23
N ILE A 55 7.79 -7.07 3.90
CA ILE A 55 7.55 -7.87 5.10
C ILE A 55 6.86 -9.18 4.74
N LEU A 56 7.44 -10.28 5.22
CA LEU A 56 6.89 -11.59 4.95
C LEU A 56 5.97 -12.05 6.08
N VAL A 57 5.07 -12.97 5.75
CA VAL A 57 4.13 -13.49 6.73
C VAL A 57 4.87 -14.15 7.89
N GLY A 58 5.94 -14.85 7.57
CA GLY A 58 6.72 -15.53 8.60
C GLY A 58 7.34 -14.51 9.53
N ASP A 59 7.81 -13.41 8.96
CA ASP A 59 8.43 -12.35 9.74
C ASP A 59 7.41 -11.77 10.72
N ILE A 60 6.18 -11.61 10.24
CA ILE A 60 5.12 -11.05 11.07
C ILE A 60 4.86 -11.94 12.28
N GLY A 61 4.72 -13.25 12.05
CA GLY A 61 4.47 -14.20 13.12
C GLY A 61 3.45 -13.66 14.11
N ASP A 62 3.66 -13.94 15.41
CA ASP A 62 2.75 -13.45 16.44
C ASP A 62 3.43 -12.41 17.32
N THR A 63 4.62 -11.98 16.93
CA THR A 63 5.36 -10.99 17.71
C THR A 63 5.16 -9.59 17.13
N VAL A 64 4.72 -9.52 15.88
CA VAL A 64 4.49 -8.24 15.23
C VAL A 64 3.02 -7.84 15.34
N GLU A 65 2.76 -6.71 15.95
CA GLU A 65 1.38 -6.25 16.11
C GLU A 65 0.83 -5.72 14.78
N ASP A 66 1.61 -4.89 14.11
CA ASP A 66 1.19 -4.33 12.84
C ASP A 66 2.30 -4.43 11.79
N PRO A 67 2.17 -5.27 10.79
CA PRO A 67 3.21 -5.44 9.73
C PRO A 67 3.51 -4.14 8.99
N TYR A 68 2.51 -3.27 8.91
CA TYR A 68 2.66 -1.99 8.23
C TYR A 68 3.73 -1.14 8.92
N THR A 69 4.02 -1.47 10.17
CA THR A 69 5.02 -0.71 10.92
C THR A 69 6.32 -0.60 10.16
N SER A 70 6.64 -1.62 9.37
CA SER A 70 7.87 -1.62 8.61
C SER A 70 7.91 -0.43 7.67
N PHE A 71 6.80 -0.18 7.02
CA PHE A 71 6.70 0.93 6.10
C PHE A 71 6.80 2.27 6.82
N VAL A 72 6.14 2.37 7.96
CA VAL A 72 6.15 3.62 8.72
C VAL A 72 7.58 4.00 9.11
N LYS A 73 8.34 3.03 9.59
CA LYS A 73 9.72 3.26 10.00
C LYS A 73 10.58 3.68 8.81
N LEU A 74 10.35 3.04 7.67
CA LEU A 74 11.11 3.33 6.47
C LEU A 74 10.46 4.45 5.66
N LEU A 75 9.46 5.11 6.24
CA LEU A 75 8.77 6.19 5.54
C LEU A 75 9.79 7.22 5.04
N PRO A 76 9.78 7.57 3.77
CA PRO A 76 10.73 8.59 3.22
C PRO A 76 10.59 9.94 3.93
N LEU A 77 11.72 10.57 4.22
CA LEU A 77 11.70 11.87 4.87
C LEU A 77 11.79 13.00 3.83
N ASN A 78 12.16 12.65 2.59
CA ASN A 78 12.28 13.65 1.54
C ASN A 78 11.99 13.02 0.18
N ASP A 79 10.80 12.45 0.04
CA ASP A 79 10.40 11.82 -1.21
C ASP A 79 8.90 11.49 -1.19
N CYS A 80 8.33 11.32 -2.37
CA CYS A 80 6.91 10.99 -2.49
C CYS A 80 6.72 9.81 -3.44
N ARG A 81 5.88 8.86 -3.03
CA ARG A 81 5.62 7.68 -3.86
C ARG A 81 4.32 7.01 -3.43
N TYR A 82 3.96 5.95 -4.14
CA TYR A 82 2.74 5.22 -3.84
C TYR A 82 3.04 3.95 -3.07
N ALA A 83 2.15 3.63 -2.13
CA ALA A 83 2.30 2.45 -1.29
C ALA A 83 1.06 1.56 -1.37
N LEU A 84 1.27 0.26 -1.53
CA LEU A 84 0.14 -0.68 -1.58
C LEU A 84 0.15 -1.53 -0.33
N TYR A 85 -0.97 -1.52 0.39
CA TYR A 85 -1.08 -2.27 1.62
C TYR A 85 -2.24 -3.25 1.54
N ASP A 86 -1.98 -4.50 1.93
CA ASP A 86 -3.02 -5.51 1.92
C ASP A 86 -3.84 -5.39 3.19
N ALA A 87 -5.05 -4.87 3.06
CA ALA A 87 -5.92 -4.71 4.21
C ALA A 87 -6.34 -6.07 4.76
N THR A 88 -5.99 -6.33 6.01
CA THR A 88 -6.36 -7.60 6.63
C THR A 88 -7.10 -7.35 7.93
N TYR A 89 -8.29 -7.92 8.06
CA TYR A 89 -9.07 -7.76 9.28
C TYR A 89 -10.06 -8.90 9.45
N GLU A 90 -10.53 -9.11 10.67
CA GLU A 90 -11.47 -10.18 10.97
C GLU A 90 -12.66 -9.65 11.75
N THR A 91 -13.84 -10.18 11.42
CA THR A 91 -15.06 -9.76 12.09
C THR A 91 -15.75 -10.96 12.72
N LYS A 92 -16.92 -10.73 13.31
CA LYS A 92 -17.67 -11.80 13.96
C LYS A 92 -17.94 -12.94 12.98
N GLU A 93 -17.85 -12.67 11.69
CA GLU A 93 -18.09 -13.69 10.68
C GLU A 93 -16.83 -14.48 10.36
N SER A 94 -15.82 -13.80 9.83
CA SER A 94 -14.56 -14.45 9.49
C SER A 94 -13.50 -13.42 9.07
N LYS A 95 -12.29 -13.90 8.79
CA LYS A 95 -11.22 -13.01 8.36
C LYS A 95 -11.33 -12.72 6.86
N LYS A 96 -10.95 -11.52 6.46
CA LYS A 96 -11.02 -11.12 5.06
C LYS A 96 -9.79 -10.31 4.66
N GLU A 97 -9.53 -10.26 3.35
CA GLU A 97 -8.39 -9.51 2.84
C GLU A 97 -8.81 -8.57 1.72
N ASP A 98 -8.24 -7.37 1.73
CA ASP A 98 -8.55 -6.37 0.72
C ASP A 98 -7.29 -5.57 0.37
N LEU A 99 -7.43 -4.61 -0.54
CA LEU A 99 -6.29 -3.79 -0.95
C LEU A 99 -6.59 -2.31 -0.75
N VAL A 100 -5.57 -1.56 -0.35
CA VAL A 100 -5.74 -0.12 -0.15
C VAL A 100 -4.61 0.64 -0.83
N PHE A 101 -4.98 1.54 -1.76
CA PHE A 101 -3.98 2.33 -2.47
C PHE A 101 -3.60 3.54 -1.62
N ILE A 102 -2.33 3.62 -1.24
CA ILE A 102 -1.88 4.71 -0.39
C ILE A 102 -1.00 5.69 -1.15
N PHE A 103 -1.30 6.98 -1.00
CA PHE A 103 -0.52 8.01 -1.66
C PHE A 103 0.32 8.76 -0.64
N TRP A 104 1.63 8.48 -0.62
CA TRP A 104 2.52 9.14 0.34
C TRP A 104 3.30 10.25 -0.33
N ALA A 105 3.02 11.47 0.07
CA ALA A 105 3.72 12.63 -0.47
C ALA A 105 3.89 13.71 0.60
N PRO A 106 5.08 13.87 1.16
CA PRO A 106 5.32 14.92 2.20
C PRO A 106 5.46 16.31 1.60
N GLU A 107 5.26 17.32 2.43
CA GLU A 107 5.36 18.70 1.98
C GLU A 107 6.82 19.04 1.64
N SER A 108 7.75 18.29 2.22
CA SER A 108 9.17 18.52 1.96
C SER A 108 9.67 17.71 0.77
N ALA A 109 8.81 16.88 0.18
CA ALA A 109 9.21 16.06 -0.96
C ALA A 109 9.43 16.94 -2.20
N PRO A 110 10.16 16.44 -3.16
CA PRO A 110 10.45 17.19 -4.42
C PRO A 110 9.20 17.45 -5.26
N LEU A 111 9.02 18.70 -5.63
CA LEU A 111 7.86 19.09 -6.43
C LEU A 111 7.98 18.58 -7.85
N LYS A 112 9.20 18.54 -8.35
CA LYS A 112 9.44 18.08 -9.71
C LYS A 112 8.91 16.66 -9.89
N SER A 113 8.96 15.87 -8.82
CA SER A 113 8.46 14.51 -8.88
C SER A 113 6.99 14.47 -8.51
N LYS A 114 6.57 15.40 -7.66
CA LYS A 114 5.19 15.45 -7.22
C LYS A 114 4.27 15.64 -8.41
N MET A 115 4.70 16.45 -9.35
CA MET A 115 3.89 16.72 -10.53
C MET A 115 3.60 15.42 -11.29
N ILE A 116 4.63 14.63 -11.51
CA ILE A 116 4.45 13.36 -12.21
C ILE A 116 3.50 12.46 -11.46
N TYR A 117 3.67 12.39 -10.14
CA TYR A 117 2.82 11.54 -9.33
C TYR A 117 1.37 12.00 -9.41
N ALA A 118 1.16 13.31 -9.41
CA ALA A 118 -0.19 13.85 -9.51
C ALA A 118 -0.84 13.42 -10.82
N SER A 119 -0.06 13.44 -11.89
CA SER A 119 -0.56 13.05 -13.20
C SER A 119 -1.02 11.60 -13.18
N SER A 120 -0.22 10.76 -12.55
CA SER A 120 -0.54 9.34 -12.46
C SER A 120 -1.43 9.04 -11.25
N LYS A 121 -1.77 10.07 -10.49
CA LYS A 121 -2.61 9.88 -9.31
C LYS A 121 -3.96 9.29 -9.72
N ASP A 122 -4.59 9.88 -10.72
CA ASP A 122 -5.87 9.39 -11.19
C ASP A 122 -5.67 8.13 -12.03
N ALA A 123 -4.62 8.11 -12.85
CA ALA A 123 -4.35 6.97 -13.71
C ALA A 123 -4.12 5.71 -12.89
N ILE A 124 -3.34 5.83 -11.82
CA ILE A 124 -3.07 4.69 -10.97
C ILE A 124 -4.30 4.30 -10.16
N LYS A 125 -5.07 5.31 -9.73
CA LYS A 125 -6.28 5.06 -8.96
C LYS A 125 -7.32 4.31 -9.79
N LYS A 126 -7.56 4.82 -11.01
CA LYS A 126 -8.53 4.21 -11.92
C LYS A 126 -8.09 2.82 -12.34
N LYS A 127 -6.79 2.68 -12.61
CA LYS A 127 -6.25 1.41 -13.05
C LYS A 127 -6.31 0.39 -11.91
N PHE A 128 -6.28 0.90 -10.67
CA PHE A 128 -6.34 0.02 -9.50
C PHE A 128 -7.79 -0.18 -9.06
N THR A 129 -8.61 -0.70 -9.98
CA THR A 129 -10.01 -0.94 -9.68
C THR A 129 -10.16 -2.00 -8.59
N GLY A 130 -9.28 -3.00 -8.63
CA GLY A 130 -9.34 -4.07 -7.66
C GLY A 130 -9.25 -3.51 -6.24
N ILE A 131 -8.62 -2.34 -6.12
CA ILE A 131 -8.48 -1.69 -4.82
C ILE A 131 -9.82 -1.61 -4.10
N LYS A 132 -9.79 -1.83 -2.80
CA LYS A 132 -11.00 -1.77 -2.00
C LYS A 132 -11.26 -0.34 -1.53
N HIS A 133 -10.22 0.29 -1.00
CA HIS A 133 -10.35 1.65 -0.49
C HIS A 133 -9.09 2.46 -0.80
N GLU A 134 -9.24 3.77 -0.82
CA GLU A 134 -8.11 4.65 -1.09
C GLU A 134 -7.84 5.56 0.10
N TRP A 135 -6.57 5.65 0.49
CA TRP A 135 -6.18 6.48 1.62
C TRP A 135 -4.94 7.30 1.31
N GLN A 136 -5.05 8.61 1.48
CA GLN A 136 -3.93 9.50 1.21
C GLN A 136 -3.16 9.80 2.49
N VAL A 137 -1.83 9.69 2.42
CA VAL A 137 -0.99 9.97 3.58
C VAL A 137 0.05 11.03 3.23
N ASN A 138 0.40 11.87 4.22
CA ASN A 138 1.40 12.92 3.99
C ASN A 138 1.97 13.40 5.33
N GLY A 139 1.79 12.60 6.38
CA GLY A 139 2.29 12.97 7.69
C GLY A 139 2.76 11.74 8.45
N LEU A 140 3.90 11.85 9.12
CA LEU A 140 4.43 10.74 9.90
C LEU A 140 3.49 10.40 11.05
N ASP A 141 2.93 11.43 11.68
CA ASP A 141 2.00 11.21 12.79
C ASP A 141 0.74 10.51 12.31
N ASP A 142 0.25 10.90 11.13
CA ASP A 142 -0.97 10.31 10.59
C ASP A 142 -0.76 8.82 10.26
N ILE A 143 0.45 8.49 9.80
CA ILE A 143 0.78 7.11 9.46
C ILE A 143 1.48 6.43 10.64
N LYS A 144 1.73 7.19 11.72
CA LYS A 144 2.40 6.64 12.88
C LYS A 144 1.57 5.50 13.46
N ASP A 145 0.27 5.72 13.59
CA ASP A 145 -0.60 4.68 14.11
C ASP A 145 -1.16 3.85 12.97
N ARG A 146 -0.81 2.58 12.97
CA ARG A 146 -1.26 1.66 11.93
C ARG A 146 -2.77 1.47 12.02
N SER A 147 -3.33 1.76 13.19
CA SER A 147 -4.77 1.63 13.38
C SER A 147 -5.52 2.52 12.41
N THR A 148 -4.98 3.71 12.15
CA THR A 148 -5.64 4.64 11.24
C THR A 148 -5.84 4.02 9.86
N LEU A 149 -4.79 3.40 9.34
CA LEU A 149 -4.87 2.77 8.02
C LEU A 149 -5.92 1.67 8.02
N GLY A 150 -5.90 0.82 9.03
CA GLY A 150 -6.85 -0.28 9.10
C GLY A 150 -8.28 0.23 9.27
N GLU A 151 -8.46 1.19 10.16
CA GLU A 151 -9.79 1.75 10.41
C GLU A 151 -10.36 2.43 9.17
N LYS A 152 -9.48 2.83 8.27
CA LYS A 152 -9.93 3.50 7.05
C LYS A 152 -10.84 2.57 6.24
N LEU A 153 -10.50 1.28 6.23
CA LEU A 153 -11.30 0.30 5.49
C LEU A 153 -12.67 0.12 6.14
N GLY A 154 -12.80 0.59 7.38
CA GLY A 154 -14.07 0.46 8.10
C GLY A 154 -14.08 -0.79 8.97
N GLY A 155 -15.13 -0.95 9.77
CA GLY A 155 -15.26 -2.10 10.65
C GLY A 155 -15.68 -1.68 12.05
N ASN A 156 -16.96 -1.38 12.21
CA ASN A 156 -17.49 -0.95 13.51
C ASN A 156 -17.35 -2.07 14.54
N VAL A 157 -17.57 -3.31 14.11
CA VAL A 157 -17.49 -4.45 15.01
C VAL A 157 -16.25 -5.30 14.72
N VAL A 158 -15.31 -4.74 13.96
CA VAL A 158 -14.08 -5.45 13.61
C VAL A 158 -13.38 -5.95 14.87
N VAL A 159 -12.96 -7.21 14.86
CA VAL A 159 -12.26 -7.79 15.99
C VAL A 159 -10.75 -7.66 15.80
N SER A 160 -10.30 -7.86 14.57
CA SER A 160 -8.88 -7.76 14.27
C SER A 160 -8.66 -6.95 13.00
N LEU A 161 -7.66 -6.08 13.00
CA LEU A 161 -7.36 -5.26 11.83
C LEU A 161 -5.89 -4.85 11.81
N GLU A 162 -5.22 -5.08 10.70
CA GLU A 162 -3.81 -4.73 10.58
C GLU A 162 -2.99 -5.45 11.64
N GLY A 163 -3.51 -6.56 12.14
CA GLY A 163 -2.82 -7.33 13.16
C GLY A 163 -3.03 -6.72 14.55
N LYS A 164 -3.75 -5.60 14.61
CA LYS A 164 -4.01 -4.94 15.87
C LYS A 164 -5.40 -5.33 16.40
N PRO A 165 -5.49 -6.01 17.52
CA PRO A 165 -6.81 -6.44 18.10
C PRO A 165 -7.62 -5.25 18.62
N LEU A 166 -8.94 -5.38 18.57
CA LEU A 166 -9.83 -4.32 19.05
C LEU A 166 -11.28 -4.76 18.98
N MET A 1 3.58 23.02 -16.74
CA MET A 1 4.08 21.99 -17.68
C MET A 1 3.83 20.59 -17.10
N ALA A 2 2.63 20.08 -17.33
CA ALA A 2 2.26 18.76 -16.82
C ALA A 2 3.10 17.67 -17.49
N SER A 3 3.74 16.84 -16.67
CA SER A 3 4.57 15.76 -17.19
C SER A 3 3.73 14.74 -17.95
N GLY A 4 2.52 14.47 -17.45
CA GLY A 4 1.64 13.51 -18.09
C GLY A 4 2.32 12.15 -18.22
N VAL A 5 2.46 11.48 -17.10
CA VAL A 5 3.12 10.17 -17.07
C VAL A 5 2.11 9.03 -16.99
N THR A 6 2.57 7.84 -17.31
CA THR A 6 1.72 6.66 -17.26
C THR A 6 2.37 5.55 -16.45
N VAL A 7 1.66 4.43 -16.33
CA VAL A 7 2.17 3.29 -15.58
C VAL A 7 2.45 2.10 -16.49
N ASN A 8 3.51 1.36 -16.19
CA ASN A 8 3.87 0.19 -16.98
C ASN A 8 3.06 -1.02 -16.55
N ASP A 9 2.91 -1.98 -17.47
CA ASP A 9 2.15 -3.18 -17.21
C ASP A 9 2.75 -3.96 -16.04
N GLU A 10 4.08 -3.89 -15.90
CA GLU A 10 4.76 -4.61 -14.83
C GLU A 10 4.09 -4.32 -13.49
N VAL A 11 3.53 -3.11 -13.37
CA VAL A 11 2.85 -2.70 -12.16
C VAL A 11 1.61 -3.58 -11.93
N ILE A 12 0.89 -3.85 -13.02
CA ILE A 12 -0.30 -4.68 -12.96
C ILE A 12 0.04 -6.08 -12.46
N LYS A 13 1.14 -6.63 -12.97
CA LYS A 13 1.56 -7.99 -12.58
C LYS A 13 1.78 -8.07 -11.07
N VAL A 14 2.50 -7.10 -10.52
CA VAL A 14 2.77 -7.10 -9.09
C VAL A 14 1.48 -7.03 -8.29
N PHE A 15 0.59 -6.13 -8.70
CA PHE A 15 -0.70 -5.97 -8.02
C PHE A 15 -1.55 -7.23 -8.16
N ASN A 16 -1.47 -7.88 -9.31
CA ASN A 16 -2.25 -9.09 -9.55
C ASN A 16 -1.88 -10.17 -8.54
N ASP A 17 -0.61 -10.23 -8.18
CA ASP A 17 -0.15 -11.23 -7.21
C ASP A 17 -0.99 -11.17 -5.94
N MET A 18 -1.39 -9.96 -5.55
CA MET A 18 -2.20 -9.78 -4.35
C MET A 18 -3.69 -10.01 -4.65
N LYS A 19 -4.13 -9.63 -5.85
CA LYS A 19 -5.53 -9.79 -6.25
C LYS A 19 -5.93 -11.26 -6.44
N VAL A 20 -5.04 -12.04 -7.05
CA VAL A 20 -5.33 -13.44 -7.31
C VAL A 20 -4.62 -14.34 -6.29
N ARG A 21 -4.23 -13.75 -5.17
CA ARG A 21 -3.54 -14.52 -4.15
C ARG A 21 -4.38 -15.71 -3.71
N LYS A 22 -3.73 -16.83 -3.44
CA LYS A 22 -4.41 -18.04 -3.00
C LYS A 22 -4.93 -17.87 -1.58
N SER A 23 -5.63 -18.88 -1.06
CA SER A 23 -6.17 -18.78 0.29
C SER A 23 -5.11 -18.28 1.25
N SER A 24 -5.50 -17.36 2.11
CA SER A 24 -4.58 -16.84 3.09
C SER A 24 -4.45 -17.82 4.24
N THR A 25 -5.35 -18.80 4.29
CA THR A 25 -5.32 -19.79 5.36
C THR A 25 -4.52 -21.04 4.97
N GLN A 26 -4.78 -21.57 3.76
CA GLN A 26 -4.11 -22.82 3.34
C GLN A 26 -2.81 -22.63 2.54
N GLU A 27 -2.90 -22.11 1.31
CA GLU A 27 -1.70 -21.97 0.47
C GLU A 27 -0.99 -20.64 0.64
N GLU A 28 -1.69 -19.56 0.34
CA GLU A 28 -1.11 -18.22 0.46
C GLU A 28 -0.70 -17.96 1.90
N ILE A 29 -1.18 -18.78 2.83
CA ILE A 29 -0.84 -18.61 4.23
C ILE A 29 0.66 -18.30 4.39
N LYS A 30 1.50 -18.88 3.52
CA LYS A 30 2.94 -18.61 3.58
C LYS A 30 3.32 -17.39 2.75
N LYS A 31 2.56 -17.15 1.70
CA LYS A 31 2.81 -16.02 0.80
C LYS A 31 1.82 -14.88 1.07
N ARG A 32 1.23 -14.88 2.26
CA ARG A 32 0.26 -13.86 2.62
C ARG A 32 0.91 -12.49 2.75
N LYS A 33 2.24 -12.45 2.67
CA LYS A 33 2.97 -11.20 2.78
C LYS A 33 2.31 -10.12 1.96
N LYS A 34 2.59 -8.88 2.28
CA LYS A 34 2.02 -7.79 1.52
C LYS A 34 2.91 -6.56 1.60
N ALA A 35 3.40 -6.13 0.45
CA ALA A 35 4.23 -4.94 0.38
C ALA A 35 4.55 -4.63 -1.08
N VAL A 36 4.39 -3.38 -1.48
CA VAL A 36 4.70 -2.98 -2.84
C VAL A 36 5.05 -1.51 -2.89
N LEU A 37 6.25 -1.20 -3.38
CA LEU A 37 6.69 0.19 -3.47
C LEU A 37 6.81 0.62 -4.93
N PHE A 38 6.18 1.73 -5.26
CA PHE A 38 6.23 2.25 -6.62
C PHE A 38 6.98 3.58 -6.66
N CYS A 39 7.66 3.84 -7.77
CA CYS A 39 8.41 5.06 -7.92
C CYS A 39 8.43 5.53 -9.37
N LEU A 40 8.93 6.73 -9.59
CA LEU A 40 9.01 7.27 -10.94
C LEU A 40 10.25 6.73 -11.63
N SER A 41 10.08 6.35 -12.89
CA SER A 41 11.20 5.79 -13.66
C SER A 41 12.23 6.87 -13.96
N ASP A 42 13.39 6.45 -14.45
CA ASP A 42 14.47 7.39 -14.75
C ASP A 42 13.99 8.41 -15.78
N ASP A 43 13.21 7.96 -16.74
CA ASP A 43 12.70 8.85 -17.77
C ASP A 43 11.65 9.81 -17.18
N LYS A 44 11.20 9.52 -15.96
CA LYS A 44 10.20 10.36 -15.31
C LYS A 44 8.93 10.46 -16.15
N ARG A 45 8.64 9.39 -16.87
CA ARG A 45 7.45 9.36 -17.71
C ARG A 45 6.64 8.09 -17.47
N GLN A 46 7.29 7.06 -16.95
CA GLN A 46 6.62 5.80 -16.69
C GLN A 46 6.79 5.43 -15.23
N ILE A 47 5.74 4.85 -14.65
CA ILE A 47 5.79 4.45 -13.26
C ILE A 47 6.14 2.97 -13.15
N ILE A 48 7.16 2.67 -12.35
CA ILE A 48 7.62 1.30 -12.17
C ILE A 48 7.94 1.01 -10.71
N VAL A 49 7.75 -0.26 -10.31
CA VAL A 49 8.03 -0.66 -8.94
C VAL A 49 9.53 -0.51 -8.65
N GLU A 50 9.84 -0.10 -7.42
CA GLU A 50 11.25 0.10 -7.03
C GLU A 50 11.64 -0.90 -5.95
N GLU A 51 12.92 -1.22 -5.89
CA GLU A 51 13.40 -2.16 -4.89
C GLU A 51 13.36 -1.49 -3.52
N ALA A 52 12.43 -1.92 -2.69
CA ALA A 52 12.28 -1.34 -1.35
C ALA A 52 12.20 -2.46 -0.30
N LYS A 53 12.17 -2.06 0.96
CA LYS A 53 12.10 -3.02 2.04
C LYS A 53 10.70 -3.62 2.13
N GLN A 54 10.64 -4.95 2.12
CA GLN A 54 9.36 -5.65 2.22
C GLN A 54 9.47 -6.75 3.28
N ILE A 55 8.35 -7.10 3.90
CA ILE A 55 8.35 -8.13 4.95
C ILE A 55 7.49 -9.32 4.55
N LEU A 56 7.82 -10.49 5.10
CA LEU A 56 7.09 -11.70 4.80
C LEU A 56 6.06 -12.00 5.89
N VAL A 57 5.05 -12.79 5.54
CA VAL A 57 4.00 -13.13 6.49
C VAL A 57 4.58 -13.81 7.73
N GLY A 58 5.63 -14.62 7.52
CA GLY A 58 6.25 -15.32 8.63
C GLY A 58 6.82 -14.32 9.63
N ASP A 59 7.46 -13.28 9.10
CA ASP A 59 8.06 -12.25 9.94
C ASP A 59 6.99 -11.51 10.73
N ILE A 60 5.84 -11.30 10.11
CA ILE A 60 4.74 -10.58 10.75
C ILE A 60 4.09 -11.46 11.82
N GLY A 61 3.99 -10.92 13.03
CA GLY A 61 3.39 -11.65 14.14
C GLY A 61 4.45 -12.34 14.99
N ASP A 62 5.65 -12.50 14.43
CA ASP A 62 6.74 -13.13 15.16
C ASP A 62 7.85 -12.13 15.46
N THR A 63 8.08 -11.22 14.52
CA THR A 63 9.11 -10.20 14.68
C THR A 63 8.52 -8.80 14.53
N VAL A 64 7.41 -8.70 13.81
CA VAL A 64 6.77 -7.41 13.59
C VAL A 64 5.34 -7.42 14.11
N GLU A 65 5.03 -6.51 15.02
CA GLU A 65 3.69 -6.42 15.60
C GLU A 65 2.67 -6.03 14.54
N ASP A 66 3.03 -5.07 13.70
CA ASP A 66 2.13 -4.62 12.65
C ASP A 66 2.90 -4.39 11.34
N PRO A 67 2.41 -4.86 10.21
CA PRO A 67 3.14 -4.69 8.90
C PRO A 67 3.45 -3.23 8.57
N TYR A 68 2.56 -2.33 8.98
CA TYR A 68 2.74 -0.92 8.69
C TYR A 68 4.05 -0.38 9.28
N THR A 69 4.60 -1.09 10.25
CA THR A 69 5.85 -0.64 10.89
C THR A 69 7.00 -0.64 9.89
N SER A 70 7.03 -1.63 9.01
CA SER A 70 8.10 -1.72 8.01
C SER A 70 8.02 -0.57 7.02
N PHE A 71 6.81 -0.30 6.58
CA PHE A 71 6.57 0.76 5.63
C PHE A 71 7.01 2.12 6.19
N VAL A 72 6.58 2.42 7.40
CA VAL A 72 6.93 3.69 8.03
C VAL A 72 8.41 3.73 8.36
N LYS A 73 9.01 2.57 8.56
CA LYS A 73 10.43 2.49 8.88
C LYS A 73 11.27 3.00 7.70
N LEU A 74 10.85 2.64 6.49
CA LEU A 74 11.58 3.08 5.29
C LEU A 74 10.91 4.28 4.64
N LEU A 75 9.80 4.76 5.21
CA LEU A 75 9.10 5.88 4.64
C LEU A 75 10.03 7.11 4.49
N PRO A 76 10.10 7.71 3.32
CA PRO A 76 10.94 8.92 3.07
C PRO A 76 10.32 10.18 3.69
N LEU A 77 11.16 11.14 4.04
CA LEU A 77 10.68 12.38 4.64
C LEU A 77 10.74 13.52 3.63
N ASN A 78 11.65 13.41 2.66
CA ASN A 78 11.82 14.44 1.64
C ASN A 78 11.67 13.87 0.23
N ASP A 79 10.82 12.88 0.09
CA ASP A 79 10.59 12.25 -1.20
C ASP A 79 9.16 11.74 -1.30
N CYS A 80 8.63 11.73 -2.52
CA CYS A 80 7.27 11.26 -2.75
C CYS A 80 7.29 9.89 -3.38
N ARG A 81 6.55 8.95 -2.80
CA ARG A 81 6.51 7.59 -3.32
C ARG A 81 5.09 7.02 -3.19
N TYR A 82 4.83 5.97 -3.96
CA TYR A 82 3.51 5.34 -3.91
C TYR A 82 3.56 4.06 -3.08
N ALA A 83 2.53 3.85 -2.27
CA ALA A 83 2.48 2.67 -1.43
C ALA A 83 1.18 1.90 -1.65
N LEU A 84 1.30 0.59 -1.80
CA LEU A 84 0.10 -0.25 -1.98
C LEU A 84 0.02 -1.24 -0.82
N TYR A 85 -1.04 -1.12 -0.04
CA TYR A 85 -1.22 -2.01 1.12
C TYR A 85 -2.50 -2.83 1.00
N ASP A 86 -2.42 -4.07 1.46
CA ASP A 86 -3.60 -4.94 1.44
C ASP A 86 -4.26 -4.92 2.81
N ALA A 87 -5.38 -4.22 2.89
CA ALA A 87 -6.10 -4.14 4.16
C ALA A 87 -6.68 -5.49 4.54
N THR A 88 -6.37 -5.94 5.74
CA THR A 88 -6.89 -7.22 6.22
C THR A 88 -7.55 -7.05 7.58
N TYR A 89 -8.80 -7.50 7.69
CA TYR A 89 -9.51 -7.38 8.96
C TYR A 89 -10.57 -8.48 9.08
N GLU A 90 -10.99 -8.75 10.31
CA GLU A 90 -11.99 -9.79 10.56
C GLU A 90 -13.21 -9.20 11.27
N THR A 91 -14.37 -9.70 10.90
CA THR A 91 -15.62 -9.24 11.50
C THR A 91 -16.30 -10.37 12.26
N LYS A 92 -17.52 -10.11 12.70
CA LYS A 92 -18.28 -11.11 13.44
C LYS A 92 -18.53 -12.34 12.59
N GLU A 93 -18.65 -12.14 11.28
CA GLU A 93 -18.91 -13.26 10.38
C GLU A 93 -17.64 -14.06 10.11
N SER A 94 -16.63 -13.41 9.53
CA SER A 94 -15.37 -14.09 9.23
C SER A 94 -14.30 -13.08 8.81
N LYS A 95 -13.09 -13.57 8.57
CA LYS A 95 -11.99 -12.69 8.15
C LYS A 95 -12.39 -11.94 6.89
N LYS A 96 -11.52 -11.02 6.46
CA LYS A 96 -11.78 -10.25 5.25
C LYS A 96 -10.48 -9.67 4.69
N GLU A 97 -10.29 -9.81 3.39
CA GLU A 97 -9.09 -9.30 2.74
C GLU A 97 -9.45 -8.32 1.62
N ASP A 98 -8.79 -7.18 1.61
CA ASP A 98 -9.03 -6.17 0.59
C ASP A 98 -7.76 -5.36 0.33
N LEU A 99 -7.77 -4.54 -0.71
CA LEU A 99 -6.59 -3.74 -1.05
C LEU A 99 -6.95 -2.26 -1.16
N VAL A 100 -6.03 -1.39 -0.75
CA VAL A 100 -6.28 0.05 -0.85
C VAL A 100 -5.07 0.75 -1.46
N PHE A 101 -5.32 1.80 -2.24
CA PHE A 101 -4.22 2.54 -2.88
C PHE A 101 -3.94 3.82 -2.11
N ILE A 102 -2.67 4.02 -1.76
CA ILE A 102 -2.28 5.22 -1.03
C ILE A 102 -0.97 5.79 -1.57
N PHE A 103 -0.82 7.10 -1.48
CA PHE A 103 0.40 7.75 -1.95
C PHE A 103 1.03 8.55 -0.83
N TRP A 104 2.35 8.52 -0.75
CA TRP A 104 3.07 9.25 0.28
C TRP A 104 3.84 10.43 -0.29
N ALA A 105 3.45 11.65 0.10
CA ALA A 105 4.13 12.84 -0.38
C ALA A 105 4.21 13.92 0.70
N PRO A 106 5.36 14.14 1.31
CA PRO A 106 5.53 15.20 2.35
C PRO A 106 5.58 16.60 1.75
N GLU A 107 5.26 17.60 2.56
CA GLU A 107 5.30 18.99 2.10
C GLU A 107 6.72 19.40 1.74
N SER A 108 7.71 18.64 2.21
CA SER A 108 9.10 18.95 1.95
C SER A 108 9.63 18.14 0.76
N ALA A 109 8.79 17.30 0.16
CA ALA A 109 9.22 16.49 -0.97
C ALA A 109 9.25 17.31 -2.26
N PRO A 110 9.97 16.84 -3.26
CA PRO A 110 10.08 17.56 -4.57
C PRO A 110 8.71 17.74 -5.22
N LEU A 111 8.42 18.98 -5.62
CA LEU A 111 7.16 19.31 -6.26
C LEU A 111 7.04 18.61 -7.61
N LYS A 112 8.13 18.57 -8.36
CA LYS A 112 8.13 17.94 -9.67
C LYS A 112 7.77 16.46 -9.56
N SER A 113 8.35 15.80 -8.56
CA SER A 113 8.08 14.39 -8.35
C SER A 113 6.59 14.18 -8.08
N LYS A 114 6.01 15.10 -7.31
CA LYS A 114 4.59 15.03 -6.98
C LYS A 114 3.74 15.10 -8.24
N MET A 115 4.18 15.92 -9.18
CA MET A 115 3.44 16.07 -10.44
C MET A 115 3.34 14.75 -11.18
N ILE A 116 4.46 14.02 -11.27
CA ILE A 116 4.45 12.74 -11.96
C ILE A 116 3.46 11.79 -11.25
N TYR A 117 3.51 11.77 -9.92
CA TYR A 117 2.63 10.91 -9.16
C TYR A 117 1.18 11.31 -9.35
N ALA A 118 0.92 12.61 -9.38
CA ALA A 118 -0.43 13.11 -9.57
C ALA A 118 -0.98 12.67 -10.94
N SER A 119 -0.13 12.74 -11.95
CA SER A 119 -0.52 12.35 -13.30
C SER A 119 -0.92 10.88 -13.34
N SER A 120 -0.13 10.04 -12.69
CA SER A 120 -0.41 8.61 -12.65
C SER A 120 -1.35 8.27 -11.50
N LYS A 121 -1.75 9.26 -10.71
CA LYS A 121 -2.64 9.02 -9.58
C LYS A 121 -3.96 8.42 -10.07
N ASP A 122 -4.57 9.04 -11.06
CA ASP A 122 -5.83 8.53 -11.59
C ASP A 122 -5.59 7.29 -12.44
N ALA A 123 -4.53 7.32 -13.25
CA ALA A 123 -4.22 6.20 -14.14
C ALA A 123 -3.95 4.92 -13.36
N ILE A 124 -3.18 5.04 -12.29
CA ILE A 124 -2.85 3.88 -11.47
C ILE A 124 -4.10 3.39 -10.73
N LYS A 125 -4.92 4.34 -10.28
CA LYS A 125 -6.14 3.98 -9.57
C LYS A 125 -7.12 3.27 -10.51
N LYS A 126 -7.22 3.75 -11.74
CA LYS A 126 -8.13 3.17 -12.72
C LYS A 126 -7.78 1.70 -12.98
N LYS A 127 -6.50 1.41 -13.14
CA LYS A 127 -6.10 0.04 -13.41
C LYS A 127 -6.35 -0.83 -12.19
N PHE A 128 -6.27 -0.23 -11.00
CA PHE A 128 -6.55 -0.97 -9.78
C PHE A 128 -7.78 -0.40 -9.09
N THR A 129 -8.82 -0.12 -9.87
CA THR A 129 -10.06 0.41 -9.31
C THR A 129 -10.67 -0.57 -8.30
N GLY A 130 -10.22 -1.83 -8.37
CA GLY A 130 -10.73 -2.87 -7.47
C GLY A 130 -10.49 -2.51 -6.01
N ILE A 131 -9.53 -1.62 -5.76
CA ILE A 131 -9.22 -1.22 -4.40
C ILE A 131 -10.50 -0.82 -3.66
N LYS A 132 -10.53 -1.05 -2.37
CA LYS A 132 -11.70 -0.71 -1.58
C LYS A 132 -11.84 0.82 -1.47
N HIS A 133 -10.72 1.49 -1.24
CA HIS A 133 -10.73 2.95 -1.13
C HIS A 133 -9.32 3.51 -1.32
N GLU A 134 -9.24 4.84 -1.36
CA GLU A 134 -7.95 5.49 -1.53
C GLU A 134 -7.68 6.43 -0.36
N TRP A 135 -6.53 6.25 0.28
CA TRP A 135 -6.15 7.07 1.43
C TRP A 135 -4.85 7.81 1.16
N GLN A 136 -4.85 9.11 1.49
CA GLN A 136 -3.66 9.93 1.30
C GLN A 136 -2.86 10.04 2.58
N VAL A 137 -1.54 9.97 2.47
CA VAL A 137 -0.69 10.07 3.65
C VAL A 137 0.44 11.07 3.39
N ASN A 138 0.60 12.02 4.31
CA ASN A 138 1.63 13.05 4.18
C ASN A 138 2.29 13.33 5.53
N GLY A 139 1.82 12.67 6.59
CA GLY A 139 2.40 12.88 7.92
C GLY A 139 2.68 11.55 8.63
N LEU A 140 3.86 11.46 9.22
CA LEU A 140 4.23 10.24 9.95
C LEU A 140 3.38 10.09 11.20
N ASP A 141 2.87 11.20 11.71
CA ASP A 141 2.05 11.15 12.91
C ASP A 141 0.73 10.41 12.62
N ASP A 142 0.14 10.67 11.46
CA ASP A 142 -1.12 10.02 11.09
C ASP A 142 -0.88 8.55 10.75
N ILE A 143 0.26 8.26 10.14
CA ILE A 143 0.59 6.88 9.76
C ILE A 143 1.18 6.12 10.94
N LYS A 144 1.65 6.85 11.94
CA LYS A 144 2.23 6.21 13.11
C LYS A 144 1.28 5.16 13.65
N ASP A 145 -0.01 5.41 13.50
CA ASP A 145 -1.01 4.44 13.94
C ASP A 145 -1.31 3.49 12.80
N ARG A 146 -1.00 2.21 13.02
CA ARG A 146 -1.23 1.19 12.00
C ARG A 146 -2.71 0.85 11.91
N SER A 147 -3.40 0.94 13.04
CA SER A 147 -4.82 0.62 13.06
C SER A 147 -5.59 1.55 12.13
N THR A 148 -4.99 2.69 11.81
CA THR A 148 -5.64 3.66 10.93
C THR A 148 -6.05 3.01 9.61
N LEU A 149 -5.22 2.10 9.11
CA LEU A 149 -5.53 1.43 7.85
C LEU A 149 -6.85 0.68 7.94
N GLY A 150 -7.02 -0.10 9.01
CA GLY A 150 -8.26 -0.86 9.20
C GLY A 150 -9.45 0.08 9.32
N GLU A 151 -9.26 1.16 10.06
CA GLU A 151 -10.32 2.14 10.26
C GLU A 151 -10.70 2.85 8.95
N LYS A 152 -9.70 3.14 8.11
CA LYS A 152 -9.98 3.81 6.84
C LYS A 152 -10.91 2.97 5.99
N LEU A 153 -10.69 1.66 5.97
CA LEU A 153 -11.54 0.78 5.19
C LEU A 153 -12.92 0.63 5.85
N GLY A 154 -12.96 0.80 7.16
CA GLY A 154 -14.22 0.70 7.89
C GLY A 154 -14.20 -0.49 8.86
N GLY A 155 -15.35 -0.79 9.46
CA GLY A 155 -15.46 -1.90 10.38
C GLY A 155 -15.65 -1.40 11.82
N ASN A 156 -16.86 -0.96 12.14
CA ASN A 156 -17.15 -0.45 13.47
C ASN A 156 -16.99 -1.56 14.51
N VAL A 157 -17.46 -2.75 14.18
CA VAL A 157 -17.38 -3.89 15.09
C VAL A 157 -16.25 -4.84 14.68
N VAL A 158 -15.31 -4.34 13.88
CA VAL A 158 -14.20 -5.16 13.42
C VAL A 158 -13.48 -5.83 14.58
N VAL A 159 -13.49 -7.16 14.58
CA VAL A 159 -12.84 -7.93 15.63
C VAL A 159 -11.33 -7.79 15.54
N SER A 160 -10.81 -7.83 14.32
CA SER A 160 -9.38 -7.73 14.08
C SER A 160 -9.07 -6.90 12.85
N LEU A 161 -7.98 -6.12 12.90
CA LEU A 161 -7.61 -5.29 11.76
C LEU A 161 -6.10 -5.03 11.75
N GLU A 162 -5.50 -5.09 10.57
CA GLU A 162 -4.07 -4.84 10.46
C GLU A 162 -3.28 -5.81 11.33
N GLY A 163 -3.91 -6.90 11.74
CA GLY A 163 -3.25 -7.89 12.58
C GLY A 163 -3.35 -7.50 14.05
N LYS A 164 -3.80 -6.28 14.32
CA LYS A 164 -3.94 -5.81 15.69
C LYS A 164 -5.39 -5.98 16.16
N PRO A 165 -5.66 -6.77 17.19
CA PRO A 165 -7.06 -6.98 17.68
C PRO A 165 -7.63 -5.74 18.35
N LEU A 166 -8.96 -5.59 18.29
CA LEU A 166 -9.63 -4.45 18.89
C LEU A 166 -9.09 -3.14 18.31
N MET A 1 5.68 17.59 -21.35
CA MET A 1 5.29 17.82 -19.93
C MET A 1 3.77 17.77 -19.81
N ALA A 2 3.09 18.27 -20.83
CA ALA A 2 1.62 18.29 -20.83
C ALA A 2 1.07 16.87 -20.77
N SER A 3 1.70 15.95 -21.50
CA SER A 3 1.26 14.56 -21.52
C SER A 3 1.37 13.94 -20.12
N GLY A 4 2.40 14.32 -19.38
CA GLY A 4 2.61 13.79 -18.04
C GLY A 4 3.08 12.35 -18.11
N VAL A 5 3.03 11.68 -16.97
CA VAL A 5 3.45 10.29 -16.88
C VAL A 5 2.26 9.35 -16.87
N THR A 6 2.51 8.08 -17.15
CA THR A 6 1.46 7.08 -17.14
C THR A 6 1.91 5.81 -16.43
N VAL A 7 0.94 4.93 -16.15
CA VAL A 7 1.22 3.67 -15.47
C VAL A 7 1.81 2.63 -16.44
N ASN A 8 2.92 2.02 -16.04
CA ASN A 8 3.56 1.01 -16.86
C ASN A 8 3.00 -0.38 -16.54
N ASP A 9 3.18 -1.31 -17.48
CA ASP A 9 2.67 -2.67 -17.29
C ASP A 9 3.36 -3.35 -16.10
N GLU A 10 4.53 -2.83 -15.72
CA GLU A 10 5.25 -3.40 -14.59
C GLU A 10 4.43 -3.24 -13.32
N VAL A 11 3.70 -2.13 -13.24
CA VAL A 11 2.89 -1.84 -12.07
C VAL A 11 1.84 -2.92 -11.83
N ILE A 12 1.13 -3.31 -12.89
CA ILE A 12 0.11 -4.35 -12.74
C ILE A 12 0.76 -5.71 -12.55
N LYS A 13 1.98 -5.86 -13.03
CA LYS A 13 2.68 -7.14 -12.89
C LYS A 13 2.85 -7.47 -11.41
N VAL A 14 3.35 -6.51 -10.63
CA VAL A 14 3.53 -6.74 -9.19
C VAL A 14 2.18 -6.76 -8.48
N PHE A 15 1.32 -5.80 -8.85
CA PHE A 15 -0.01 -5.69 -8.25
C PHE A 15 -0.80 -6.96 -8.50
N ASN A 16 -0.44 -7.70 -9.54
CA ASN A 16 -1.14 -8.94 -9.86
C ASN A 16 -1.10 -9.93 -8.70
N ASP A 17 0.03 -9.98 -7.99
CA ASP A 17 0.18 -10.91 -6.87
C ASP A 17 -0.87 -10.62 -5.79
N MET A 18 -1.10 -9.35 -5.50
CA MET A 18 -2.07 -8.97 -4.49
C MET A 18 -3.47 -8.86 -5.09
N LYS A 19 -3.54 -8.65 -6.41
CA LYS A 19 -4.81 -8.50 -7.10
C LYS A 19 -5.65 -9.77 -7.03
N VAL A 20 -5.02 -10.94 -7.18
CA VAL A 20 -5.76 -12.19 -7.14
C VAL A 20 -4.96 -13.26 -6.39
N ARG A 21 -5.01 -13.19 -5.07
CA ARG A 21 -4.30 -14.15 -4.23
C ARG A 21 -5.18 -15.35 -3.88
N LYS A 22 -4.54 -16.44 -3.51
CA LYS A 22 -5.25 -17.65 -3.10
C LYS A 22 -5.63 -17.56 -1.64
N SER A 23 -6.32 -18.59 -1.14
CA SER A 23 -6.76 -18.58 0.25
C SER A 23 -5.62 -18.16 1.15
N SER A 24 -5.90 -17.27 2.08
CA SER A 24 -4.90 -16.82 3.01
C SER A 24 -4.67 -17.88 4.07
N THR A 25 -5.57 -18.85 4.15
CA THR A 25 -5.44 -19.91 5.14
C THR A 25 -4.72 -21.15 4.58
N GLN A 26 -5.11 -21.60 3.38
CA GLN A 26 -4.52 -22.82 2.84
C GLN A 26 -3.29 -22.61 1.92
N GLU A 27 -3.48 -21.99 0.75
CA GLU A 27 -2.36 -21.81 -0.19
C GLU A 27 -1.58 -20.52 0.02
N GLU A 28 -2.28 -19.40 -0.11
CA GLU A 28 -1.63 -18.10 0.04
C GLU A 28 -1.07 -17.95 1.44
N ILE A 29 -1.52 -18.80 2.37
CA ILE A 29 -1.05 -18.74 3.75
C ILE A 29 0.47 -18.55 3.79
N LYS A 30 1.18 -19.09 2.80
CA LYS A 30 2.64 -18.93 2.74
C LYS A 30 3.03 -17.61 2.08
N LYS A 31 2.27 -17.23 1.05
CA LYS A 31 2.54 -16.00 0.31
C LYS A 31 1.65 -14.85 0.78
N ARG A 32 1.12 -14.98 2.00
CA ARG A 32 0.23 -13.96 2.55
C ARG A 32 0.94 -12.61 2.63
N LYS A 33 2.26 -12.61 2.48
CA LYS A 33 3.03 -11.38 2.53
C LYS A 33 2.37 -10.29 1.71
N LYS A 34 2.48 -9.05 2.17
CA LYS A 34 1.90 -7.95 1.43
C LYS A 34 2.75 -6.69 1.59
N ALA A 35 3.27 -6.22 0.46
CA ALA A 35 4.09 -5.02 0.45
C ALA A 35 4.47 -4.67 -0.98
N VAL A 36 4.34 -3.40 -1.34
CA VAL A 36 4.73 -2.96 -2.67
C VAL A 36 5.12 -1.50 -2.65
N LEU A 37 6.30 -1.22 -3.18
CA LEU A 37 6.83 0.15 -3.22
C LEU A 37 6.89 0.66 -4.66
N PHE A 38 6.22 1.78 -4.93
CA PHE A 38 6.23 2.36 -6.27
C PHE A 38 6.99 3.68 -6.29
N CYS A 39 7.75 3.91 -7.35
CA CYS A 39 8.52 5.14 -7.49
C CYS A 39 8.70 5.53 -8.95
N LEU A 40 8.64 6.83 -9.21
CA LEU A 40 8.80 7.35 -10.57
C LEU A 40 9.96 6.67 -11.29
N SER A 41 9.72 6.31 -12.55
CA SER A 41 10.73 5.65 -13.36
C SER A 41 11.86 6.61 -13.71
N ASP A 42 12.99 6.06 -14.14
CA ASP A 42 14.14 6.88 -14.51
C ASP A 42 13.76 7.88 -15.60
N ASP A 43 12.91 7.44 -16.52
CA ASP A 43 12.46 8.30 -17.61
C ASP A 43 11.68 9.51 -17.07
N LYS A 44 11.19 9.39 -15.84
CA LYS A 44 10.42 10.46 -15.21
C LYS A 44 9.05 10.61 -15.87
N ARG A 45 8.71 9.71 -16.78
CA ARG A 45 7.43 9.78 -17.47
C ARG A 45 6.67 8.46 -17.35
N GLN A 46 7.24 7.50 -16.61
CA GLN A 46 6.58 6.23 -16.43
C GLN A 46 6.56 5.87 -14.96
N ILE A 47 5.49 5.21 -14.53
CA ILE A 47 5.36 4.79 -13.15
C ILE A 47 5.61 3.30 -13.02
N ILE A 48 6.65 2.94 -12.27
CA ILE A 48 7.01 1.53 -12.10
C ILE A 48 7.36 1.24 -10.64
N VAL A 49 7.45 -0.06 -10.32
CA VAL A 49 7.79 -0.47 -8.96
C VAL A 49 9.31 -0.40 -8.76
N GLU A 50 9.73 -0.06 -7.55
CA GLU A 50 11.15 0.03 -7.24
C GLU A 50 11.56 -1.03 -6.23
N GLU A 51 12.83 -1.42 -6.26
CA GLU A 51 13.32 -2.43 -5.33
C GLU A 51 13.35 -1.86 -3.92
N ALA A 52 12.73 -2.56 -2.98
CA ALA A 52 12.68 -2.12 -1.60
C ALA A 52 12.45 -3.29 -0.65
N LYS A 53 12.66 -3.07 0.63
CA LYS A 53 12.46 -4.14 1.61
C LYS A 53 10.98 -4.40 1.80
N GLN A 54 10.63 -5.66 1.94
CA GLN A 54 9.24 -6.04 2.15
C GLN A 54 9.14 -7.04 3.29
N ILE A 55 8.02 -7.04 4.00
CA ILE A 55 7.84 -7.95 5.12
C ILE A 55 7.12 -9.22 4.69
N LEU A 56 7.59 -10.35 5.23
CA LEU A 56 7.00 -11.64 4.90
C LEU A 56 6.01 -12.05 5.99
N VAL A 57 5.05 -12.90 5.61
CA VAL A 57 4.05 -13.35 6.56
C VAL A 57 4.69 -14.08 7.74
N GLY A 58 5.73 -14.87 7.45
CA GLY A 58 6.42 -15.61 8.51
C GLY A 58 7.04 -14.65 9.52
N ASP A 59 7.66 -13.59 9.01
CA ASP A 59 8.31 -12.61 9.86
C ASP A 59 7.29 -11.91 10.76
N ILE A 60 6.12 -11.62 10.20
CA ILE A 60 5.08 -10.94 10.95
C ILE A 60 4.30 -11.92 11.81
N GLY A 61 4.13 -11.57 13.08
CA GLY A 61 3.40 -12.41 14.01
C GLY A 61 3.85 -12.13 15.44
N ASP A 62 5.16 -12.05 15.64
CA ASP A 62 5.70 -11.78 16.96
C ASP A 62 6.72 -10.65 16.90
N THR A 63 7.57 -10.68 15.88
CA THR A 63 8.60 -9.66 15.72
C THR A 63 7.98 -8.27 15.54
N VAL A 64 6.97 -8.18 14.69
CA VAL A 64 6.30 -6.91 14.45
C VAL A 64 4.83 -7.00 14.82
N GLU A 65 4.39 -6.11 15.70
CA GLU A 65 3.00 -6.09 16.14
C GLU A 65 2.07 -5.60 15.04
N ASP A 66 2.55 -4.68 14.20
CA ASP A 66 1.73 -4.15 13.12
C ASP A 66 2.51 -4.19 11.79
N PRO A 67 1.98 -4.80 10.74
CA PRO A 67 2.70 -4.89 9.42
C PRO A 67 3.12 -3.53 8.86
N TYR A 68 2.22 -2.57 8.92
CA TYR A 68 2.49 -1.23 8.40
C TYR A 68 3.72 -0.61 9.08
N THR A 69 4.08 -1.15 10.23
CA THR A 69 5.20 -0.61 10.99
C THR A 69 6.48 -0.61 10.15
N SER A 70 6.71 -1.69 9.41
CA SER A 70 7.93 -1.76 8.60
C SER A 70 7.98 -0.65 7.58
N PHE A 71 6.86 -0.48 6.88
CA PHE A 71 6.77 0.54 5.86
C PHE A 71 6.99 1.94 6.43
N VAL A 72 6.26 2.29 7.48
CA VAL A 72 6.41 3.62 8.08
C VAL A 72 7.81 3.80 8.67
N LYS A 73 8.40 2.70 9.12
CA LYS A 73 9.73 2.74 9.70
C LYS A 73 10.75 3.22 8.66
N LEU A 74 10.57 2.79 7.42
CA LEU A 74 11.49 3.15 6.35
C LEU A 74 10.86 4.13 5.35
N LEU A 75 9.74 4.74 5.72
CA LEU A 75 9.06 5.65 4.81
C LEU A 75 10.02 6.70 4.25
N PRO A 76 9.73 7.25 3.09
CA PRO A 76 10.60 8.30 2.46
C PRO A 76 10.72 9.53 3.34
N LEU A 77 11.91 10.11 3.39
CA LEU A 77 12.11 11.31 4.20
C LEU A 77 12.04 12.58 3.36
N ASN A 78 12.48 12.48 2.11
CA ASN A 78 12.45 13.63 1.21
C ASN A 78 12.15 13.22 -0.23
N ASP A 79 11.16 12.35 -0.40
CA ASP A 79 10.79 11.88 -1.73
C ASP A 79 9.36 11.34 -1.73
N CYS A 80 8.63 11.61 -2.80
CA CYS A 80 7.26 11.13 -2.90
C CYS A 80 7.23 9.73 -3.52
N ARG A 81 6.37 8.87 -2.97
CA ARG A 81 6.24 7.52 -3.47
C ARG A 81 4.84 7.00 -3.24
N TYR A 82 4.51 5.92 -3.91
CA TYR A 82 3.21 5.30 -3.77
C TYR A 82 3.31 4.03 -2.93
N ALA A 83 2.36 3.85 -2.03
CA ALA A 83 2.34 2.70 -1.16
C ALA A 83 1.14 1.81 -1.44
N LEU A 84 1.38 0.51 -1.55
CA LEU A 84 0.31 -0.44 -1.79
C LEU A 84 0.24 -1.46 -0.66
N TYR A 85 -0.91 -1.53 -0.01
CA TYR A 85 -1.09 -2.46 1.10
C TYR A 85 -2.36 -3.29 0.94
N ASP A 86 -2.32 -4.51 1.46
CA ASP A 86 -3.48 -5.38 1.42
C ASP A 86 -4.13 -5.39 2.79
N ALA A 87 -5.20 -4.63 2.94
CA ALA A 87 -5.89 -4.55 4.21
C ALA A 87 -6.54 -5.89 4.57
N THR A 88 -6.41 -6.30 5.82
CA THR A 88 -6.98 -7.56 6.25
C THR A 88 -7.79 -7.36 7.53
N TYR A 89 -8.85 -8.15 7.69
CA TYR A 89 -9.69 -8.03 8.88
C TYR A 89 -10.51 -9.29 9.13
N GLU A 90 -10.98 -9.44 10.37
CA GLU A 90 -11.80 -10.60 10.74
C GLU A 90 -13.06 -10.18 11.49
N THR A 91 -14.15 -10.88 11.21
CA THR A 91 -15.42 -10.60 11.85
C THR A 91 -16.00 -11.88 12.45
N LYS A 92 -17.08 -11.75 13.21
CA LYS A 92 -17.71 -12.90 13.84
C LYS A 92 -18.10 -13.94 12.80
N GLU A 93 -18.33 -13.50 11.56
CA GLU A 93 -18.72 -14.42 10.49
C GLU A 93 -17.49 -15.03 9.83
N SER A 94 -16.64 -14.18 9.25
CA SER A 94 -15.43 -14.65 8.58
C SER A 94 -14.44 -13.51 8.39
N LYS A 95 -13.25 -13.81 7.87
CA LYS A 95 -12.24 -12.79 7.62
C LYS A 95 -12.02 -12.60 6.13
N LYS A 96 -11.80 -11.35 5.72
CA LYS A 96 -11.58 -11.03 4.32
C LYS A 96 -10.41 -10.06 4.15
N GLU A 97 -9.79 -10.12 2.98
CA GLU A 97 -8.66 -9.24 2.70
C GLU A 97 -8.89 -8.47 1.40
N ASP A 98 -8.58 -7.18 1.45
CA ASP A 98 -8.74 -6.31 0.31
C ASP A 98 -7.48 -5.50 0.08
N LEU A 99 -7.48 -4.68 -0.96
CA LEU A 99 -6.32 -3.87 -1.29
C LEU A 99 -6.63 -2.38 -1.14
N VAL A 100 -5.62 -1.61 -0.76
CA VAL A 100 -5.80 -0.17 -0.60
C VAL A 100 -4.64 0.57 -1.26
N PHE A 101 -4.96 1.60 -2.04
CA PHE A 101 -3.92 2.38 -2.71
C PHE A 101 -3.62 3.62 -1.87
N ILE A 102 -2.37 3.72 -1.39
CA ILE A 102 -1.97 4.84 -0.54
C ILE A 102 -0.94 5.71 -1.22
N PHE A 103 -1.14 7.03 -1.16
CA PHE A 103 -0.21 7.97 -1.77
C PHE A 103 0.63 8.67 -0.69
N TRP A 104 1.96 8.56 -0.80
CA TRP A 104 2.86 9.18 0.18
C TRP A 104 3.60 10.37 -0.42
N ALA A 105 3.33 11.56 0.11
CA ALA A 105 4.03 12.76 -0.37
C ALA A 105 4.19 13.78 0.77
N PRO A 106 5.38 13.93 1.33
CA PRO A 106 5.61 14.92 2.43
C PRO A 106 5.76 16.34 1.89
N GLU A 107 5.63 17.30 2.78
CA GLU A 107 5.76 18.70 2.40
C GLU A 107 7.19 19.01 1.95
N SER A 108 8.16 18.35 2.57
CA SER A 108 9.56 18.57 2.25
C SER A 108 9.99 17.84 0.96
N ALA A 109 9.10 17.02 0.40
CA ALA A 109 9.44 16.29 -0.82
C ALA A 109 9.48 17.22 -2.03
N PRO A 110 10.13 16.80 -3.09
CA PRO A 110 10.22 17.62 -4.32
C PRO A 110 8.86 17.77 -5.00
N LEU A 111 8.56 19.00 -5.40
CA LEU A 111 7.31 19.30 -6.06
C LEU A 111 7.22 18.60 -7.41
N LYS A 112 8.36 18.49 -8.09
CA LYS A 112 8.40 17.84 -9.39
C LYS A 112 7.90 16.41 -9.27
N SER A 113 8.36 15.70 -8.25
CA SER A 113 7.94 14.33 -8.04
C SER A 113 6.44 14.29 -7.77
N LYS A 114 5.96 15.26 -7.00
CA LYS A 114 4.54 15.31 -6.65
C LYS A 114 3.68 15.45 -7.91
N MET A 115 4.13 16.26 -8.86
CA MET A 115 3.38 16.45 -10.09
C MET A 115 3.27 15.13 -10.86
N ILE A 116 4.38 14.40 -10.92
CA ILE A 116 4.41 13.13 -11.63
C ILE A 116 3.41 12.16 -11.02
N TYR A 117 3.42 12.07 -9.69
CA TYR A 117 2.50 11.17 -9.01
C TYR A 117 1.07 11.64 -9.19
N ALA A 118 0.88 12.95 -9.15
CA ALA A 118 -0.46 13.51 -9.32
C ALA A 118 -1.00 13.18 -10.70
N SER A 119 -0.12 13.23 -11.70
CA SER A 119 -0.51 12.93 -13.08
C SER A 119 -1.05 11.51 -13.21
N SER A 120 -0.33 10.56 -12.60
CA SER A 120 -0.76 9.17 -12.66
C SER A 120 -1.57 8.78 -11.43
N LYS A 121 -1.87 9.75 -10.56
CA LYS A 121 -2.63 9.46 -9.36
C LYS A 121 -3.99 8.91 -9.74
N ASP A 122 -4.67 9.60 -10.65
CA ASP A 122 -5.97 9.15 -11.11
C ASP A 122 -5.83 7.95 -12.03
N ALA A 123 -4.80 7.98 -12.88
CA ALA A 123 -4.57 6.90 -13.83
C ALA A 123 -4.38 5.56 -13.14
N ILE A 124 -3.59 5.55 -12.06
CA ILE A 124 -3.37 4.31 -11.33
C ILE A 124 -4.60 3.98 -10.47
N LYS A 125 -5.26 5.02 -9.96
CA LYS A 125 -6.45 4.82 -9.14
C LYS A 125 -7.53 4.07 -9.91
N LYS A 126 -7.81 4.54 -11.12
CA LYS A 126 -8.83 3.90 -11.96
C LYS A 126 -8.37 2.53 -12.44
N LYS A 127 -7.09 2.42 -12.76
CA LYS A 127 -6.54 1.18 -13.25
C LYS A 127 -6.53 0.13 -12.15
N PHE A 128 -6.43 0.59 -10.90
CA PHE A 128 -6.44 -0.32 -9.76
C PHE A 128 -7.82 -0.36 -9.11
N THR A 129 -8.84 -0.57 -9.93
CA THR A 129 -10.21 -0.61 -9.42
C THR A 129 -10.36 -1.71 -8.38
N GLY A 130 -9.52 -2.74 -8.48
CA GLY A 130 -9.59 -3.86 -7.56
C GLY A 130 -9.44 -3.40 -6.11
N ILE A 131 -8.85 -2.23 -5.90
CA ILE A 131 -8.68 -1.71 -4.55
C ILE A 131 -10.03 -1.35 -3.94
N LYS A 132 -10.18 -1.65 -2.65
CA LYS A 132 -11.42 -1.34 -1.95
C LYS A 132 -11.56 0.16 -1.77
N HIS A 133 -10.46 0.84 -1.43
CA HIS A 133 -10.49 2.27 -1.23
C HIS A 133 -9.11 2.89 -1.43
N GLU A 134 -9.09 4.21 -1.61
CA GLU A 134 -7.84 4.94 -1.82
C GLU A 134 -7.67 6.03 -0.77
N TRP A 135 -6.50 6.10 -0.16
CA TRP A 135 -6.23 7.11 0.84
C TRP A 135 -4.94 7.86 0.52
N GLN A 136 -4.82 9.06 1.07
CA GLN A 136 -3.64 9.87 0.84
C GLN A 136 -2.97 10.20 2.17
N VAL A 137 -1.68 9.91 2.25
CA VAL A 137 -0.92 10.18 3.47
C VAL A 137 0.22 11.14 3.17
N ASN A 138 0.42 12.11 4.06
CA ASN A 138 1.50 13.08 3.88
C ASN A 138 2.28 13.31 5.17
N GLY A 139 1.68 12.96 6.30
CA GLY A 139 2.34 13.14 7.59
C GLY A 139 2.60 11.82 8.30
N LEU A 140 3.83 11.62 8.74
CA LEU A 140 4.19 10.41 9.45
C LEU A 140 3.53 10.40 10.81
N ASP A 141 3.25 11.60 11.34
CA ASP A 141 2.61 11.70 12.64
C ASP A 141 1.22 11.07 12.60
N ASP A 142 0.49 11.31 11.51
CA ASP A 142 -0.85 10.77 11.36
C ASP A 142 -0.81 9.25 11.12
N ILE A 143 0.20 8.80 10.39
CA ILE A 143 0.35 7.37 10.09
C ILE A 143 1.07 6.64 11.22
N LYS A 144 1.70 7.39 12.13
CA LYS A 144 2.42 6.78 13.25
C LYS A 144 1.53 5.74 13.92
N ASP A 145 0.23 5.98 13.91
CA ASP A 145 -0.70 5.04 14.50
C ASP A 145 -1.18 4.08 13.42
N ARG A 146 -0.88 2.81 13.58
CA ARG A 146 -1.28 1.80 12.60
C ARG A 146 -2.80 1.75 12.48
N SER A 147 -3.48 2.20 13.52
CA SER A 147 -4.94 2.17 13.53
C SER A 147 -5.47 2.93 12.33
N THR A 148 -4.79 4.00 11.95
CA THR A 148 -5.23 4.77 10.80
C THR A 148 -5.28 3.89 9.56
N LEU A 149 -4.26 3.07 9.35
CA LEU A 149 -4.23 2.20 8.17
C LEU A 149 -5.43 1.28 8.15
N GLY A 150 -5.70 0.62 9.27
CA GLY A 150 -6.84 -0.28 9.36
C GLY A 150 -8.16 0.49 9.23
N GLU A 151 -8.19 1.65 9.86
CA GLU A 151 -9.39 2.49 9.86
C GLU A 151 -9.80 2.86 8.44
N LYS A 152 -8.85 2.85 7.52
CA LYS A 152 -9.17 3.19 6.13
C LYS A 152 -10.23 2.22 5.59
N LEU A 153 -10.09 0.94 5.93
CA LEU A 153 -11.05 -0.06 5.49
C LEU A 153 -12.29 -0.03 6.38
N GLY A 154 -12.11 0.40 7.62
CA GLY A 154 -13.23 0.48 8.56
C GLY A 154 -13.39 -0.83 9.33
N GLY A 155 -14.36 -0.86 10.24
CA GLY A 155 -14.63 -2.05 11.03
C GLY A 155 -14.78 -1.70 12.51
N ASN A 156 -15.89 -1.04 12.84
CA ASN A 156 -16.15 -0.66 14.23
C ASN A 156 -16.25 -1.89 15.13
N VAL A 157 -16.95 -2.91 14.65
CA VAL A 157 -17.12 -4.15 15.40
C VAL A 157 -16.12 -5.22 14.96
N VAL A 158 -15.39 -4.94 13.89
CA VAL A 158 -14.42 -5.88 13.35
C VAL A 158 -13.54 -6.46 14.46
N VAL A 159 -13.51 -7.80 14.54
CA VAL A 159 -12.71 -8.49 15.55
C VAL A 159 -11.21 -8.25 15.35
N SER A 160 -10.77 -8.29 14.10
CA SER A 160 -9.35 -8.07 13.80
C SER A 160 -9.20 -7.03 12.70
N LEU A 161 -8.34 -6.04 12.94
CA LEU A 161 -8.12 -4.99 11.96
C LEU A 161 -6.64 -4.63 11.87
N GLU A 162 -6.04 -4.85 10.71
CA GLU A 162 -4.63 -4.55 10.51
C GLU A 162 -3.77 -5.25 11.57
N GLY A 163 -4.30 -6.32 12.14
CA GLY A 163 -3.59 -7.07 13.17
C GLY A 163 -3.89 -6.54 14.57
N LYS A 164 -4.53 -5.38 14.64
CA LYS A 164 -4.90 -4.79 15.92
C LYS A 164 -6.22 -5.39 16.43
N PRO A 165 -6.24 -6.05 17.56
CA PRO A 165 -7.50 -6.66 18.10
C PRO A 165 -8.49 -5.62 18.61
N LEU A 166 -9.77 -5.97 18.57
CA LEU A 166 -10.81 -5.06 19.03
C LEU A 166 -10.75 -3.74 18.27
N MET A 1 3.53 20.92 -25.37
CA MET A 1 2.39 19.99 -25.17
C MET A 1 2.84 18.82 -24.30
N ALA A 2 2.76 19.01 -22.99
CA ALA A 2 3.17 17.97 -22.06
C ALA A 2 2.24 16.76 -22.16
N SER A 3 2.82 15.57 -22.13
CA SER A 3 2.03 14.34 -22.22
C SER A 3 1.71 13.80 -20.83
N GLY A 4 2.45 14.25 -19.83
CA GLY A 4 2.23 13.80 -18.46
C GLY A 4 2.88 12.44 -18.24
N VAL A 5 2.76 11.93 -17.03
CA VAL A 5 3.34 10.64 -16.68
C VAL A 5 2.28 9.55 -16.65
N THR A 6 2.58 8.42 -17.28
CA THR A 6 1.65 7.31 -17.31
C THR A 6 2.14 6.15 -16.45
N VAL A 7 1.32 5.12 -16.33
CA VAL A 7 1.68 3.96 -15.52
C VAL A 7 1.97 2.74 -16.41
N ASN A 8 3.14 2.14 -16.22
CA ASN A 8 3.54 0.98 -17.00
C ASN A 8 2.77 -0.27 -16.54
N ASP A 9 2.71 -1.25 -17.44
CA ASP A 9 2.02 -2.50 -17.15
C ASP A 9 2.67 -3.23 -15.99
N GLU A 10 3.95 -2.93 -15.75
CA GLU A 10 4.67 -3.57 -14.67
C GLU A 10 3.97 -3.32 -13.34
N VAL A 11 3.43 -2.12 -13.17
CA VAL A 11 2.76 -1.77 -11.93
C VAL A 11 1.56 -2.68 -11.69
N ILE A 12 0.72 -2.84 -12.71
CA ILE A 12 -0.45 -3.71 -12.58
C ILE A 12 -0.01 -5.17 -12.54
N LYS A 13 1.12 -5.46 -13.17
CA LYS A 13 1.65 -6.82 -13.20
C LYS A 13 1.91 -7.32 -11.79
N VAL A 14 2.56 -6.49 -10.99
CA VAL A 14 2.84 -6.85 -9.60
C VAL A 14 1.53 -6.95 -8.80
N PHE A 15 0.64 -5.99 -9.06
CA PHE A 15 -0.66 -5.94 -8.38
C PHE A 15 -1.46 -7.21 -8.65
N ASN A 16 -1.26 -7.81 -9.82
CA ASN A 16 -1.98 -9.03 -10.17
C ASN A 16 -1.72 -10.13 -9.15
N ASP A 17 -0.50 -10.16 -8.59
CA ASP A 17 -0.15 -11.18 -7.62
C ASP A 17 -1.11 -11.11 -6.43
N MET A 18 -1.39 -9.90 -5.97
CA MET A 18 -2.32 -9.71 -4.86
C MET A 18 -3.76 -10.05 -5.28
N LYS A 19 -4.09 -9.71 -6.53
CA LYS A 19 -5.44 -9.97 -7.04
C LYS A 19 -5.75 -11.46 -7.10
N VAL A 20 -4.76 -12.26 -7.52
CA VAL A 20 -4.95 -13.71 -7.63
C VAL A 20 -4.54 -14.43 -6.36
N ARG A 21 -4.50 -13.70 -5.24
CA ARG A 21 -4.12 -14.29 -3.98
C ARG A 21 -5.04 -15.46 -3.60
N LYS A 22 -4.43 -16.51 -3.08
CA LYS A 22 -5.15 -17.70 -2.64
C LYS A 22 -5.40 -17.62 -1.14
N SER A 23 -6.10 -18.61 -0.58
CA SER A 23 -6.41 -18.58 0.85
C SER A 23 -5.22 -18.16 1.67
N SER A 24 -5.46 -17.28 2.63
CA SER A 24 -4.41 -16.82 3.51
C SER A 24 -4.09 -17.89 4.53
N THR A 25 -4.96 -18.89 4.63
CA THR A 25 -4.76 -19.98 5.59
C THR A 25 -4.01 -21.16 4.96
N GLN A 26 -4.33 -21.49 3.70
CA GLN A 26 -3.66 -22.63 3.06
C GLN A 26 -2.46 -22.26 2.18
N GLU A 27 -2.70 -21.55 1.07
CA GLU A 27 -1.61 -21.21 0.14
C GLU A 27 -0.92 -19.90 0.48
N GLU A 28 -1.69 -18.80 0.48
CA GLU A 28 -1.11 -17.50 0.78
C GLU A 28 -0.54 -17.49 2.19
N ILE A 29 -0.94 -18.46 3.00
CA ILE A 29 -0.45 -18.54 4.36
C ILE A 29 1.08 -18.36 4.39
N LYS A 30 1.75 -18.88 3.37
CA LYS A 30 3.20 -18.74 3.29
C LYS A 30 3.59 -17.51 2.47
N LYS A 31 2.78 -17.21 1.45
CA LYS A 31 3.03 -16.07 0.57
C LYS A 31 2.28 -14.82 1.03
N ARG A 32 1.89 -14.81 2.30
CA ARG A 32 1.13 -13.69 2.86
C ARG A 32 1.92 -12.39 2.76
N LYS A 33 3.21 -12.49 2.42
CA LYS A 33 4.06 -11.32 2.29
C LYS A 33 3.32 -10.25 1.49
N LYS A 34 3.14 -9.08 2.10
CA LYS A 34 2.44 -8.00 1.43
C LYS A 34 3.24 -6.72 1.52
N ALA A 35 3.63 -6.22 0.37
CA ALA A 35 4.38 -4.97 0.29
C ALA A 35 4.60 -4.60 -1.17
N VAL A 36 4.36 -3.35 -1.53
CA VAL A 36 4.58 -2.90 -2.89
C VAL A 36 4.92 -1.43 -2.89
N LEU A 37 6.09 -1.08 -3.40
CA LEU A 37 6.50 0.32 -3.44
C LEU A 37 6.71 0.76 -4.89
N PHE A 38 6.26 1.98 -5.20
CA PHE A 38 6.42 2.52 -6.55
C PHE A 38 7.22 3.79 -6.53
N CYS A 39 8.18 3.91 -7.45
CA CYS A 39 9.02 5.09 -7.53
C CYS A 39 8.93 5.75 -8.90
N LEU A 40 8.95 7.07 -8.91
CA LEU A 40 8.87 7.80 -10.16
C LEU A 40 10.08 7.51 -11.02
N SER A 41 9.85 7.18 -12.28
CA SER A 41 10.94 6.85 -13.19
C SER A 41 11.90 8.03 -13.30
N ASP A 42 13.16 7.74 -13.61
CA ASP A 42 14.18 8.78 -13.73
C ASP A 42 13.75 9.82 -14.76
N ASP A 43 13.19 9.35 -15.87
CA ASP A 43 12.73 10.25 -16.92
C ASP A 43 11.49 11.03 -16.45
N LYS A 44 10.91 10.61 -15.33
CA LYS A 44 9.73 11.27 -14.78
C LYS A 44 8.60 11.29 -15.81
N ARG A 45 8.47 10.20 -16.56
CA ARG A 45 7.41 10.12 -17.57
C ARG A 45 6.62 8.83 -17.44
N GLN A 46 7.15 7.88 -16.67
CA GLN A 46 6.48 6.62 -16.47
C GLN A 46 6.62 6.19 -15.02
N ILE A 47 5.70 5.37 -14.55
CA ILE A 47 5.74 4.91 -13.18
C ILE A 47 5.91 3.38 -13.13
N ILE A 48 6.95 2.94 -12.43
CA ILE A 48 7.24 1.52 -12.31
C ILE A 48 7.51 1.12 -10.86
N VAL A 49 7.44 -0.19 -10.61
CA VAL A 49 7.69 -0.72 -9.26
C VAL A 49 9.13 -0.45 -8.86
N GLU A 50 9.31 -0.08 -7.61
CA GLU A 50 10.64 0.22 -7.09
C GLU A 50 11.19 -0.99 -6.36
N GLU A 51 12.40 -1.39 -6.73
CA GLU A 51 13.02 -2.54 -6.08
C GLU A 51 13.37 -2.17 -4.65
N ALA A 52 12.68 -2.78 -3.71
CA ALA A 52 12.90 -2.52 -2.30
C ALA A 52 12.60 -3.76 -1.48
N LYS A 53 12.90 -3.69 -0.19
CA LYS A 53 12.65 -4.82 0.70
C LYS A 53 11.16 -4.97 0.97
N GLN A 54 10.75 -6.20 1.25
CA GLN A 54 9.36 -6.49 1.55
C GLN A 54 9.29 -7.40 2.78
N ILE A 55 8.33 -7.16 3.65
CA ILE A 55 8.21 -7.98 4.86
C ILE A 55 7.51 -9.30 4.56
N LEU A 56 8.05 -10.37 5.12
CA LEU A 56 7.49 -11.69 4.91
C LEU A 56 6.60 -12.09 6.09
N VAL A 57 5.59 -12.91 5.83
CA VAL A 57 4.69 -13.35 6.88
C VAL A 57 5.46 -14.06 7.99
N GLY A 58 6.44 -14.87 7.61
CA GLY A 58 7.25 -15.58 8.59
C GLY A 58 8.02 -14.60 9.47
N ASP A 59 8.57 -13.57 8.84
CA ASP A 59 9.33 -12.56 9.55
C ASP A 59 8.45 -11.80 10.54
N ILE A 60 7.23 -11.50 10.10
CA ILE A 60 6.30 -10.76 10.96
C ILE A 60 5.94 -11.57 12.20
N GLY A 61 5.25 -12.68 12.00
CA GLY A 61 4.86 -13.54 13.12
C GLY A 61 4.24 -12.71 14.23
N ASP A 62 4.67 -12.95 15.46
CA ASP A 62 4.18 -12.19 16.61
C ASP A 62 5.21 -11.15 17.05
N THR A 63 6.36 -11.13 16.38
CA THR A 63 7.41 -10.18 16.72
C THR A 63 6.97 -8.74 16.41
N VAL A 64 6.30 -8.58 15.27
CA VAL A 64 5.84 -7.26 14.87
C VAL A 64 4.34 -7.13 15.13
N GLU A 65 3.96 -6.08 15.87
CA GLU A 65 2.56 -5.87 16.20
C GLU A 65 1.73 -5.65 14.93
N ASP A 66 2.22 -4.81 14.03
CA ASP A 66 1.50 -4.55 12.78
C ASP A 66 2.47 -4.63 11.59
N PRO A 67 2.12 -5.32 10.52
CA PRO A 67 3.03 -5.45 9.33
C PRO A 67 3.48 -4.09 8.79
N TYR A 68 2.56 -3.15 8.74
CA TYR A 68 2.84 -1.80 8.24
C TYR A 68 3.90 -1.11 9.08
N THR A 69 4.11 -1.61 10.28
CA THR A 69 5.09 -1.02 11.19
C THR A 69 6.47 -0.93 10.54
N SER A 70 6.86 -2.00 9.82
CA SER A 70 8.18 -2.00 9.19
C SER A 70 8.30 -0.88 8.18
N PHE A 71 7.29 -0.76 7.35
CA PHE A 71 7.25 0.28 6.33
C PHE A 71 7.25 1.67 6.95
N VAL A 72 6.47 1.84 8.01
CA VAL A 72 6.37 3.14 8.67
C VAL A 72 7.74 3.62 9.14
N LYS A 73 8.49 2.74 9.78
CA LYS A 73 9.81 3.09 10.27
C LYS A 73 10.74 3.45 9.10
N LEU A 74 10.59 2.71 8.00
CA LEU A 74 11.41 2.92 6.81
C LEU A 74 10.79 3.95 5.88
N LEU A 75 9.78 4.69 6.36
CA LEU A 75 9.12 5.68 5.52
C LEU A 75 10.18 6.61 4.87
N PRO A 76 9.99 7.02 3.63
CA PRO A 76 10.97 7.91 2.92
C PRO A 76 11.27 9.18 3.74
N LEU A 77 12.55 9.45 3.96
CA LEU A 77 12.94 10.61 4.72
C LEU A 77 12.53 11.90 4.00
N ASN A 78 12.68 11.91 2.68
CA ASN A 78 12.31 13.10 1.90
C ASN A 78 12.01 12.72 0.45
N ASP A 79 10.85 12.10 0.24
CA ASP A 79 10.44 11.69 -1.11
C ASP A 79 8.99 11.24 -1.11
N CYS A 80 8.39 11.20 -2.29
CA CYS A 80 7.00 10.76 -2.41
C CYS A 80 6.91 9.50 -3.27
N ARG A 81 6.13 8.54 -2.80
CA ARG A 81 5.97 7.29 -3.53
C ARG A 81 4.59 6.69 -3.32
N TYR A 82 4.28 5.68 -4.10
CA TYR A 82 3.00 5.00 -3.98
C TYR A 82 3.16 3.69 -3.22
N ALA A 83 2.17 3.39 -2.38
CA ALA A 83 2.22 2.18 -1.57
C ALA A 83 0.93 1.37 -1.70
N LEU A 84 1.07 0.05 -1.88
CA LEU A 84 -0.10 -0.81 -1.98
C LEU A 84 -0.20 -1.62 -0.70
N TYR A 85 -1.30 -1.42 0.04
CA TYR A 85 -1.48 -2.12 1.30
C TYR A 85 -2.59 -3.16 1.19
N ASP A 86 -2.32 -4.31 1.76
CA ASP A 86 -3.30 -5.40 1.77
C ASP A 86 -4.17 -5.24 2.99
N ALA A 87 -5.38 -4.79 2.79
CA ALA A 87 -6.28 -4.58 3.91
C ALA A 87 -6.63 -5.92 4.57
N THR A 88 -6.48 -5.96 5.89
CA THR A 88 -6.79 -7.17 6.63
C THR A 88 -7.71 -6.82 7.79
N TYR A 89 -8.92 -7.36 7.76
CA TYR A 89 -9.89 -7.09 8.81
C TYR A 89 -10.80 -8.29 9.03
N GLU A 90 -11.39 -8.39 10.22
CA GLU A 90 -12.27 -9.50 10.53
C GLU A 90 -13.47 -9.03 11.33
N THR A 91 -14.65 -9.47 10.91
CA THR A 91 -15.89 -9.10 11.58
C THR A 91 -16.48 -10.29 12.30
N LYS A 92 -17.68 -10.13 12.80
CA LYS A 92 -18.36 -11.20 13.53
C LYS A 92 -18.51 -12.44 12.62
N GLU A 93 -18.45 -12.23 11.31
CA GLU A 93 -18.58 -13.35 10.38
C GLU A 93 -17.26 -14.10 10.23
N SER A 94 -16.24 -13.42 9.72
CA SER A 94 -14.93 -14.05 9.53
C SER A 94 -13.90 -13.01 9.08
N LYS A 95 -12.66 -13.45 8.92
CA LYS A 95 -11.59 -12.55 8.48
C LYS A 95 -11.61 -12.43 6.95
N LYS A 96 -11.31 -11.24 6.44
CA LYS A 96 -11.30 -11.00 5.00
C LYS A 96 -10.07 -10.20 4.58
N GLU A 97 -9.74 -10.27 3.30
CA GLU A 97 -8.58 -9.55 2.78
C GLU A 97 -8.97 -8.67 1.59
N ASP A 98 -8.58 -7.42 1.66
CA ASP A 98 -8.88 -6.46 0.61
C ASP A 98 -7.62 -5.70 0.23
N LEU A 99 -7.73 -4.79 -0.73
CA LEU A 99 -6.58 -4.00 -1.16
C LEU A 99 -6.92 -2.53 -1.19
N VAL A 100 -5.95 -1.68 -0.82
CA VAL A 100 -6.18 -0.25 -0.83
C VAL A 100 -4.98 0.46 -1.47
N PHE A 101 -5.25 1.58 -2.14
CA PHE A 101 -4.17 2.34 -2.76
C PHE A 101 -3.79 3.50 -1.85
N ILE A 102 -2.55 3.49 -1.38
CA ILE A 102 -2.09 4.53 -0.46
C ILE A 102 -1.00 5.38 -1.09
N PHE A 103 -1.14 6.70 -0.97
CA PHE A 103 -0.15 7.60 -1.53
C PHE A 103 0.67 8.23 -0.41
N TRP A 104 2.00 8.11 -0.51
CA TRP A 104 2.90 8.65 0.51
C TRP A 104 3.67 9.86 -0.01
N ALA A 105 3.50 11.01 0.64
CA ALA A 105 4.22 12.20 0.25
C ALA A 105 4.25 13.24 1.39
N PRO A 106 5.37 13.40 2.08
CA PRO A 106 5.48 14.40 3.19
C PRO A 106 5.49 15.84 2.68
N GLU A 107 5.24 16.78 3.58
CA GLU A 107 5.22 18.19 3.21
C GLU A 107 6.62 18.63 2.77
N SER A 108 7.64 17.96 3.29
CA SER A 108 9.03 18.29 2.95
C SER A 108 9.48 17.60 1.66
N ALA A 109 8.66 16.69 1.12
CA ALA A 109 9.05 15.99 -0.10
C ALA A 109 9.09 16.94 -1.29
N PRO A 110 9.78 16.59 -2.33
CA PRO A 110 9.92 17.45 -3.54
C PRO A 110 8.58 17.61 -4.29
N LEU A 111 8.23 18.85 -4.55
CA LEU A 111 6.99 19.16 -5.26
C LEU A 111 7.07 18.69 -6.70
N LYS A 112 8.26 18.75 -7.28
CA LYS A 112 8.44 18.32 -8.66
C LYS A 112 8.03 16.87 -8.82
N SER A 113 8.47 16.02 -7.89
CA SER A 113 8.12 14.61 -7.92
C SER A 113 6.62 14.43 -7.79
N LYS A 114 6.03 15.26 -6.92
CA LYS A 114 4.59 15.20 -6.68
C LYS A 114 3.81 15.47 -7.97
N MET A 115 4.34 16.35 -8.81
CA MET A 115 3.67 16.69 -10.05
C MET A 115 3.42 15.44 -10.90
N ILE A 116 4.45 14.63 -11.05
CA ILE A 116 4.33 13.40 -11.82
C ILE A 116 3.32 12.47 -11.15
N TYR A 117 3.39 12.40 -9.83
CA TYR A 117 2.48 11.56 -9.07
C TYR A 117 1.03 11.93 -9.39
N ALA A 118 0.75 13.22 -9.44
CA ALA A 118 -0.60 13.67 -9.74
C ALA A 118 -1.03 13.19 -11.12
N SER A 119 -0.11 13.24 -12.08
CA SER A 119 -0.39 12.81 -13.44
C SER A 119 -0.77 11.34 -13.48
N SER A 120 -0.04 10.52 -12.71
CA SER A 120 -0.30 9.09 -12.67
C SER A 120 -1.23 8.73 -11.52
N LYS A 121 -1.68 9.74 -10.77
CA LYS A 121 -2.56 9.49 -9.63
C LYS A 121 -3.85 8.81 -10.09
N ASP A 122 -4.47 9.39 -11.11
CA ASP A 122 -5.71 8.83 -11.63
C ASP A 122 -5.44 7.59 -12.46
N ALA A 123 -4.38 7.63 -13.26
CA ALA A 123 -4.04 6.52 -14.13
C ALA A 123 -3.75 5.26 -13.32
N ILE A 124 -3.01 5.41 -12.23
CA ILE A 124 -2.68 4.26 -11.39
C ILE A 124 -3.92 3.81 -10.61
N LYS A 125 -4.74 4.78 -10.21
CA LYS A 125 -5.96 4.48 -9.48
C LYS A 125 -6.94 3.68 -10.35
N LYS A 126 -7.10 4.10 -11.60
CA LYS A 126 -8.01 3.43 -12.53
C LYS A 126 -7.56 2.00 -12.79
N LYS A 127 -6.25 1.82 -12.94
CA LYS A 127 -5.71 0.50 -13.19
C LYS A 127 -5.85 -0.38 -11.95
N PHE A 128 -5.92 0.27 -10.80
CA PHE A 128 -6.06 -0.44 -9.54
C PHE A 128 -7.49 -0.33 -9.03
N THR A 129 -8.45 -0.52 -9.93
CA THR A 129 -9.86 -0.44 -9.57
C THR A 129 -10.22 -1.49 -8.52
N GLY A 130 -9.45 -2.56 -8.47
CA GLY A 130 -9.70 -3.63 -7.52
C GLY A 130 -9.72 -3.09 -6.09
N ILE A 131 -8.92 -2.07 -5.82
CA ILE A 131 -8.86 -1.49 -4.48
C ILE A 131 -10.24 -1.03 -4.04
N LYS A 132 -10.60 -1.35 -2.80
CA LYS A 132 -11.89 -0.94 -2.27
C LYS A 132 -11.91 0.57 -2.07
N HIS A 133 -10.77 1.11 -1.63
CA HIS A 133 -10.65 2.54 -1.41
C HIS A 133 -9.17 2.95 -1.40
N GLU A 134 -8.92 4.25 -1.42
CA GLU A 134 -7.56 4.75 -1.40
C GLU A 134 -7.39 5.78 -0.28
N TRP A 135 -6.29 5.65 0.46
CA TRP A 135 -6.02 6.57 1.57
C TRP A 135 -4.74 7.38 1.31
N GLN A 136 -4.86 8.70 1.34
CA GLN A 136 -3.70 9.56 1.12
C GLN A 136 -3.05 9.91 2.45
N VAL A 137 -1.73 9.84 2.50
CA VAL A 137 -1.01 10.17 3.74
C VAL A 137 0.16 11.11 3.43
N ASN A 138 0.41 12.04 4.33
CA ASN A 138 1.50 12.99 4.13
C ASN A 138 2.57 12.83 5.21
N GLY A 139 2.24 13.27 6.42
CA GLY A 139 3.17 13.18 7.55
C GLY A 139 3.27 11.74 8.04
N LEU A 140 4.42 11.41 8.64
CA LEU A 140 4.62 10.07 9.18
C LEU A 140 3.64 9.79 10.30
N ASP A 141 3.04 10.84 10.85
CA ASP A 141 2.07 10.69 11.93
C ASP A 141 0.82 9.97 11.42
N ASP A 142 0.39 10.32 10.20
CA ASP A 142 -0.81 9.71 9.62
C ASP A 142 -0.61 8.22 9.39
N ILE A 143 0.62 7.85 9.02
CA ILE A 143 0.95 6.45 8.78
C ILE A 143 1.54 5.81 10.04
N LYS A 144 1.73 6.61 11.08
CA LYS A 144 2.29 6.12 12.33
C LYS A 144 1.40 5.00 12.87
N ASP A 145 0.10 5.23 12.84
CA ASP A 145 -0.85 4.21 13.31
C ASP A 145 -1.14 3.25 12.17
N ARG A 146 -0.78 1.99 12.37
CA ARG A 146 -1.00 0.96 11.36
C ARG A 146 -2.47 0.62 11.24
N SER A 147 -3.15 0.63 12.38
CA SER A 147 -4.57 0.31 12.42
C SER A 147 -5.36 1.33 11.60
N THR A 148 -4.76 2.48 11.34
CA THR A 148 -5.42 3.53 10.58
C THR A 148 -6.02 2.97 9.29
N LEU A 149 -5.32 2.03 8.67
CA LEU A 149 -5.83 1.43 7.44
C LEU A 149 -7.17 0.78 7.69
N GLY A 150 -7.26 -0.02 8.75
CA GLY A 150 -8.51 -0.70 9.08
C GLY A 150 -9.62 0.31 9.34
N GLU A 151 -9.26 1.41 9.99
CA GLU A 151 -10.23 2.46 10.29
C GLU A 151 -10.83 3.02 9.00
N LYS A 152 -10.03 3.08 7.94
CA LYS A 152 -10.52 3.60 6.67
C LYS A 152 -11.82 2.89 6.27
N LEU A 153 -12.00 1.66 6.75
CA LEU A 153 -13.21 0.90 6.45
C LEU A 153 -14.15 0.88 7.64
N GLY A 154 -13.59 1.06 8.83
CA GLY A 154 -14.39 1.05 10.05
C GLY A 154 -13.97 -0.08 10.99
N GLY A 155 -13.58 0.27 12.20
CA GLY A 155 -13.15 -0.73 13.18
C GLY A 155 -14.27 -1.08 14.16
N ASN A 156 -15.34 -0.28 14.16
CA ASN A 156 -16.47 -0.52 15.06
C ASN A 156 -17.13 -1.87 14.77
N VAL A 157 -17.27 -2.18 13.49
CA VAL A 157 -17.89 -3.44 13.09
C VAL A 157 -16.84 -4.53 12.87
N VAL A 158 -15.56 -4.18 13.05
CA VAL A 158 -14.50 -5.15 12.86
C VAL A 158 -13.82 -5.50 14.18
N VAL A 159 -13.80 -6.79 14.50
CA VAL A 159 -13.18 -7.26 15.73
C VAL A 159 -11.65 -7.12 15.66
N SER A 160 -11.07 -7.48 14.52
CA SER A 160 -9.63 -7.42 14.34
C SER A 160 -9.25 -6.80 13.01
N LEU A 161 -8.23 -5.94 13.01
CA LEU A 161 -7.81 -5.30 11.77
C LEU A 161 -6.33 -4.91 11.83
N GLU A 162 -5.58 -5.33 10.82
CA GLU A 162 -4.15 -5.04 10.76
C GLU A 162 -3.42 -5.60 11.97
N GLY A 163 -4.01 -6.62 12.58
CA GLY A 163 -3.40 -7.24 13.75
C GLY A 163 -3.67 -6.41 14.99
N LYS A 164 -4.40 -5.31 14.83
CA LYS A 164 -4.72 -4.43 15.95
C LYS A 164 -6.15 -4.73 16.45
N PRO A 165 -6.31 -5.26 17.65
CA PRO A 165 -7.67 -5.58 18.21
C PRO A 165 -8.53 -4.33 18.37
N LEU A 166 -9.84 -4.48 18.19
CA LEU A 166 -10.76 -3.34 18.31
C LEU A 166 -10.24 -2.12 17.59
N MET A 1 3.83 15.88 -24.27
CA MET A 1 3.95 16.76 -23.08
C MET A 1 2.60 16.88 -22.39
N ALA A 2 1.54 17.06 -23.19
CA ALA A 2 0.20 17.19 -22.65
C ALA A 2 -0.19 15.93 -21.89
N SER A 3 0.20 14.77 -22.43
CA SER A 3 -0.12 13.50 -21.80
C SER A 3 0.54 13.40 -20.42
N GLY A 4 1.62 14.15 -20.23
CA GLY A 4 2.34 14.13 -18.95
C GLY A 4 2.91 12.75 -18.69
N VAL A 5 2.67 12.24 -17.49
CA VAL A 5 3.19 10.94 -17.09
C VAL A 5 2.10 9.87 -17.15
N THR A 6 2.52 8.61 -17.15
CA THR A 6 1.58 7.52 -17.19
C THR A 6 2.11 6.32 -16.40
N VAL A 7 1.22 5.36 -16.14
CA VAL A 7 1.60 4.17 -15.39
C VAL A 7 2.19 3.11 -16.32
N ASN A 8 3.24 2.44 -15.85
CA ASN A 8 3.89 1.39 -16.63
C ASN A 8 3.23 0.03 -16.37
N ASP A 9 3.38 -0.87 -17.34
CA ASP A 9 2.82 -2.21 -17.22
C ASP A 9 3.47 -2.97 -16.06
N GLU A 10 4.68 -2.56 -15.71
CA GLU A 10 5.40 -3.22 -14.63
C GLU A 10 4.57 -3.19 -13.36
N VAL A 11 3.84 -2.09 -13.16
CA VAL A 11 3.01 -1.93 -11.96
C VAL A 11 1.96 -3.04 -11.88
N ILE A 12 1.33 -3.33 -13.01
CA ILE A 12 0.30 -4.37 -13.05
C ILE A 12 0.89 -5.72 -12.68
N LYS A 13 2.09 -5.99 -13.19
CA LYS A 13 2.74 -7.27 -12.91
C LYS A 13 2.92 -7.46 -11.42
N VAL A 14 3.36 -6.41 -10.73
CA VAL A 14 3.55 -6.49 -9.28
C VAL A 14 2.20 -6.54 -8.57
N PHE A 15 1.30 -5.65 -8.96
CA PHE A 15 -0.03 -5.60 -8.37
C PHE A 15 -0.79 -6.89 -8.64
N ASN A 16 -0.33 -7.66 -9.61
CA ASN A 16 -0.98 -8.92 -9.96
C ASN A 16 -1.06 -9.82 -8.73
N ASP A 17 -0.02 -9.84 -7.93
CA ASP A 17 0.00 -10.67 -6.73
C ASP A 17 -1.14 -10.27 -5.79
N MET A 18 -1.27 -8.97 -5.56
CA MET A 18 -2.32 -8.46 -4.68
C MET A 18 -3.70 -8.68 -5.32
N LYS A 19 -3.78 -8.49 -6.63
CA LYS A 19 -5.04 -8.67 -7.34
C LYS A 19 -5.52 -10.12 -7.25
N VAL A 20 -4.60 -11.07 -7.38
CA VAL A 20 -4.95 -12.47 -7.31
C VAL A 20 -4.95 -12.94 -5.87
N ARG A 21 -6.12 -12.90 -5.24
CA ARG A 21 -6.24 -13.32 -3.85
C ARG A 21 -6.60 -14.80 -3.74
N LYS A 22 -5.68 -15.59 -3.21
CA LYS A 22 -5.90 -17.02 -3.04
C LYS A 22 -6.24 -17.30 -1.57
N SER A 23 -6.61 -18.54 -1.26
CA SER A 23 -6.96 -18.89 0.12
C SER A 23 -5.93 -18.35 1.09
N SER A 24 -6.40 -17.76 2.17
CA SER A 24 -5.49 -17.23 3.18
C SER A 24 -5.03 -18.33 4.10
N THR A 25 -5.74 -19.46 4.09
CA THR A 25 -5.38 -20.57 4.95
C THR A 25 -4.54 -21.62 4.21
N GLN A 26 -4.87 -21.85 2.93
CA GLN A 26 -4.17 -22.89 2.17
C GLN A 26 -2.97 -22.40 1.34
N GLU A 27 -3.25 -21.61 0.30
CA GLU A 27 -2.18 -21.14 -0.59
C GLU A 27 -1.58 -19.82 -0.17
N GLU A 28 -2.42 -18.79 -0.17
CA GLU A 28 -1.97 -17.46 0.21
C GLU A 28 -1.44 -17.48 1.63
N ILE A 29 -1.75 -18.52 2.38
CA ILE A 29 -1.29 -18.61 3.76
C ILE A 29 0.22 -18.31 3.84
N LYS A 30 0.95 -18.68 2.80
CA LYS A 30 2.38 -18.42 2.75
C LYS A 30 2.69 -17.06 2.14
N LYS A 31 2.00 -16.75 1.05
CA LYS A 31 2.21 -15.48 0.34
C LYS A 31 1.25 -14.41 0.84
N ARG A 32 0.71 -14.60 2.03
CA ARG A 32 -0.25 -13.67 2.60
C ARG A 32 0.39 -12.31 2.82
N LYS A 33 1.71 -12.31 2.98
CA LYS A 33 2.45 -11.08 3.20
C LYS A 33 2.00 -10.00 2.25
N LYS A 34 2.26 -8.76 2.60
CA LYS A 34 1.88 -7.65 1.75
C LYS A 34 2.82 -6.46 1.94
N ALA A 35 3.43 -6.03 0.85
CA ALA A 35 4.32 -4.87 0.90
C ALA A 35 4.75 -4.48 -0.52
N VAL A 36 4.63 -3.21 -0.85
CA VAL A 36 5.03 -2.73 -2.18
C VAL A 36 5.45 -1.27 -2.12
N LEU A 37 6.64 -0.99 -2.61
CA LEU A 37 7.16 0.38 -2.61
C LEU A 37 7.24 0.91 -4.02
N PHE A 38 6.47 1.97 -4.27
CA PHE A 38 6.45 2.59 -5.58
C PHE A 38 7.19 3.92 -5.57
N CYS A 39 7.98 4.16 -6.61
CA CYS A 39 8.75 5.39 -6.71
C CYS A 39 8.81 5.87 -8.15
N LEU A 40 8.65 7.18 -8.33
CA LEU A 40 8.68 7.76 -9.66
C LEU A 40 9.96 7.36 -10.38
N SER A 41 9.85 7.09 -11.67
CA SER A 41 11.01 6.70 -12.48
C SER A 41 11.98 7.85 -12.63
N ASP A 42 13.20 7.54 -13.04
CA ASP A 42 14.22 8.57 -13.22
C ASP A 42 13.77 9.58 -14.27
N ASP A 43 13.13 9.10 -15.32
CA ASP A 43 12.65 9.98 -16.38
C ASP A 43 11.56 10.90 -15.86
N LYS A 44 10.91 10.51 -14.77
CA LYS A 44 9.83 11.30 -14.19
C LYS A 44 8.63 11.36 -15.12
N ARG A 45 8.54 10.38 -16.02
CA ARG A 45 7.44 10.33 -16.96
C ARG A 45 6.65 9.03 -16.81
N GLN A 46 7.29 8.02 -16.24
CA GLN A 46 6.64 6.73 -16.03
C GLN A 46 6.67 6.34 -14.57
N ILE A 47 5.61 5.70 -14.11
CA ILE A 47 5.52 5.28 -12.72
C ILE A 47 5.78 3.78 -12.61
N ILE A 48 6.83 3.42 -11.88
CA ILE A 48 7.20 2.02 -11.70
C ILE A 48 7.57 1.73 -10.25
N VAL A 49 7.66 0.44 -9.91
CA VAL A 49 8.00 0.04 -8.55
C VAL A 49 9.52 0.02 -8.39
N GLU A 50 9.98 0.35 -7.20
CA GLU A 50 11.41 0.37 -6.90
C GLU A 50 11.77 -0.72 -5.90
N GLU A 51 13.02 -1.18 -5.95
CA GLU A 51 13.47 -2.22 -5.03
C GLU A 51 13.49 -1.69 -3.60
N ALA A 52 12.87 -2.43 -2.70
CA ALA A 52 12.81 -2.03 -1.30
C ALA A 52 12.66 -3.24 -0.39
N LYS A 53 12.67 -3.00 0.92
CA LYS A 53 12.54 -4.09 1.88
C LYS A 53 11.10 -4.61 1.92
N GLN A 54 10.96 -5.91 2.08
CA GLN A 54 9.65 -6.52 2.16
C GLN A 54 9.61 -7.55 3.29
N ILE A 55 8.43 -7.75 3.87
CA ILE A 55 8.30 -8.70 4.98
C ILE A 55 7.36 -9.83 4.61
N LEU A 56 7.55 -10.98 5.25
CA LEU A 56 6.70 -12.14 4.97
C LEU A 56 5.61 -12.28 6.03
N VAL A 57 4.55 -13.01 5.69
CA VAL A 57 3.45 -13.23 6.62
C VAL A 57 3.94 -13.96 7.86
N GLY A 58 4.94 -14.82 7.68
CA GLY A 58 5.51 -15.55 8.79
C GLY A 58 6.33 -14.63 9.68
N ASP A 59 7.03 -13.69 9.05
CA ASP A 59 7.88 -12.76 9.79
C ASP A 59 7.05 -11.89 10.72
N ILE A 60 5.91 -11.41 10.24
CA ILE A 60 5.04 -10.57 11.06
C ILE A 60 4.42 -11.38 12.20
N GLY A 61 4.67 -12.68 12.22
CA GLY A 61 4.13 -13.53 13.26
C GLY A 61 4.65 -13.09 14.63
N ASP A 62 5.93 -12.72 14.69
CA ASP A 62 6.52 -12.28 15.94
C ASP A 62 7.56 -11.17 15.71
N THR A 63 8.30 -11.28 14.62
CA THR A 63 9.33 -10.30 14.30
C THR A 63 8.71 -8.91 14.13
N VAL A 64 7.62 -8.85 13.37
CA VAL A 64 6.94 -7.57 13.14
C VAL A 64 5.48 -7.65 13.59
N GLU A 65 5.10 -6.75 14.49
CA GLU A 65 3.73 -6.73 15.01
C GLU A 65 2.77 -6.18 13.96
N ASP A 66 3.23 -5.21 13.18
CA ASP A 66 2.39 -4.61 12.16
C ASP A 66 3.20 -4.29 10.90
N PRO A 67 2.70 -4.60 9.73
CA PRO A 67 3.42 -4.35 8.44
C PRO A 67 3.82 -2.87 8.27
N TYR A 68 3.00 -1.97 8.80
CA TYR A 68 3.28 -0.55 8.66
C TYR A 68 4.62 -0.20 9.26
N THR A 69 5.03 -0.95 10.28
CA THR A 69 6.30 -0.67 10.95
C THR A 69 7.46 -0.76 9.96
N SER A 70 7.42 -1.73 9.05
CA SER A 70 8.48 -1.88 8.07
C SER A 70 8.51 -0.71 7.10
N PHE A 71 7.33 -0.31 6.65
CA PHE A 71 7.22 0.79 5.71
C PHE A 71 7.74 2.10 6.32
N VAL A 72 7.28 2.40 7.53
CA VAL A 72 7.70 3.62 8.22
C VAL A 72 9.20 3.59 8.54
N LYS A 73 9.74 2.39 8.69
CA LYS A 73 11.17 2.23 9.00
C LYS A 73 12.06 2.62 7.83
N LEU A 74 11.63 2.26 6.62
CA LEU A 74 12.40 2.55 5.42
C LEU A 74 11.71 3.60 4.56
N LEU A 75 10.68 4.25 5.12
CA LEU A 75 9.96 5.25 4.36
C LEU A 75 10.90 6.37 3.92
N PRO A 76 10.59 7.04 2.84
CA PRO A 76 11.41 8.17 2.33
C PRO A 76 11.26 9.43 3.19
N LEU A 77 12.31 10.24 3.23
CA LEU A 77 12.28 11.47 4.01
C LEU A 77 12.13 12.69 3.11
N ASN A 78 12.82 12.67 1.97
CA ASN A 78 12.76 13.79 1.04
C ASN A 78 12.43 13.29 -0.37
N ASP A 79 11.42 12.44 -0.46
CA ASP A 79 11.02 11.90 -1.76
C ASP A 79 9.53 11.55 -1.75
N CYS A 80 8.98 11.31 -2.93
CA CYS A 80 7.57 10.97 -3.05
C CYS A 80 7.39 9.53 -3.53
N ARG A 81 6.71 8.73 -2.72
CA ARG A 81 6.47 7.32 -3.06
C ARG A 81 5.07 6.88 -2.66
N TYR A 82 4.67 5.71 -3.11
CA TYR A 82 3.34 5.19 -2.79
C TYR A 82 3.48 3.88 -2.04
N ALA A 83 2.53 3.61 -1.15
CA ALA A 83 2.57 2.38 -0.37
C ALA A 83 1.33 1.52 -0.65
N LEU A 84 1.53 0.23 -0.87
CA LEU A 84 0.41 -0.67 -1.11
C LEU A 84 0.19 -1.54 0.13
N TYR A 85 -0.97 -1.39 0.74
CA TYR A 85 -1.29 -2.13 1.96
C TYR A 85 -2.44 -3.11 1.74
N ASP A 86 -2.34 -4.28 2.38
CA ASP A 86 -3.40 -5.29 2.28
C ASP A 86 -4.29 -5.17 3.50
N ALA A 87 -5.50 -4.67 3.31
CA ALA A 87 -6.43 -4.51 4.41
C ALA A 87 -6.84 -5.87 4.96
N THR A 88 -6.21 -6.26 6.07
CA THR A 88 -6.52 -7.53 6.69
C THR A 88 -7.26 -7.31 8.01
N TYR A 89 -8.56 -7.60 8.00
CA TYR A 89 -9.37 -7.42 9.20
C TYR A 89 -10.42 -8.51 9.32
N GLU A 90 -10.90 -8.74 10.54
CA GLU A 90 -11.91 -9.76 10.77
C GLU A 90 -13.17 -9.16 11.37
N THR A 91 -14.31 -9.67 10.91
CA THR A 91 -15.60 -9.18 11.40
C THR A 91 -16.33 -10.26 12.17
N LYS A 92 -17.53 -9.95 12.61
CA LYS A 92 -18.33 -10.91 13.38
C LYS A 92 -18.59 -12.16 12.55
N GLU A 93 -18.64 -12.00 11.24
CA GLU A 93 -18.89 -13.13 10.35
C GLU A 93 -17.62 -13.97 10.16
N SER A 94 -16.58 -13.35 9.59
CA SER A 94 -15.33 -14.05 9.34
C SER A 94 -14.24 -13.06 8.94
N LYS A 95 -13.02 -13.56 8.81
CA LYS A 95 -11.89 -12.72 8.43
C LYS A 95 -11.98 -12.36 6.95
N LYS A 96 -11.43 -11.20 6.59
CA LYS A 96 -11.45 -10.74 5.20
C LYS A 96 -10.16 -10.02 4.85
N GLU A 97 -9.86 -9.97 3.56
CA GLU A 97 -8.65 -9.29 3.10
C GLU A 97 -8.96 -8.39 1.90
N ASP A 98 -8.37 -7.20 1.90
CA ASP A 98 -8.58 -6.25 0.81
C ASP A 98 -7.30 -5.51 0.48
N LEU A 99 -7.38 -4.57 -0.45
CA LEU A 99 -6.21 -3.80 -0.85
C LEU A 99 -6.49 -2.31 -0.74
N VAL A 100 -5.45 -1.53 -0.41
CA VAL A 100 -5.60 -0.09 -0.28
C VAL A 100 -4.42 0.61 -0.95
N PHE A 101 -4.73 1.61 -1.80
CA PHE A 101 -3.68 2.35 -2.48
C PHE A 101 -3.35 3.60 -1.66
N ILE A 102 -2.13 3.67 -1.14
CA ILE A 102 -1.72 4.80 -0.32
C ILE A 102 -0.72 5.70 -1.05
N PHE A 103 -0.88 7.00 -0.87
CA PHE A 103 0.01 7.96 -1.49
C PHE A 103 0.83 8.69 -0.44
N TRP A 104 2.12 8.37 -0.37
CA TRP A 104 3.00 9.00 0.61
C TRP A 104 3.84 10.10 -0.01
N ALA A 105 3.74 11.28 0.56
CA ALA A 105 4.52 12.40 0.06
C ALA A 105 4.58 13.53 1.10
N PRO A 106 5.69 13.70 1.77
CA PRO A 106 5.87 14.80 2.79
C PRO A 106 5.98 16.18 2.14
N GLU A 107 5.79 17.21 2.95
CA GLU A 107 5.88 18.58 2.46
C GLU A 107 7.26 18.85 1.89
N SER A 108 8.29 18.29 2.52
CA SER A 108 9.66 18.48 2.06
C SER A 108 9.91 17.72 0.76
N ALA A 109 9.01 16.82 0.41
CA ALA A 109 9.17 16.04 -0.82
C ALA A 109 9.10 16.94 -2.05
N PRO A 110 9.69 16.52 -3.13
CA PRO A 110 9.71 17.32 -4.39
C PRO A 110 8.29 17.66 -4.88
N LEU A 111 8.04 18.93 -5.11
CA LEU A 111 6.74 19.37 -5.59
C LEU A 111 6.47 18.83 -7.00
N LYS A 112 7.52 18.78 -7.81
CA LYS A 112 7.38 18.29 -9.17
C LYS A 112 6.94 16.83 -9.17
N SER A 113 7.52 16.05 -8.28
CA SER A 113 7.18 14.63 -8.18
C SER A 113 5.71 14.50 -7.80
N LYS A 114 5.23 15.41 -6.97
CA LYS A 114 3.85 15.38 -6.54
C LYS A 114 2.89 15.54 -7.72
N MET A 115 3.24 16.44 -8.63
CA MET A 115 2.41 16.70 -9.80
C MET A 115 2.34 15.46 -10.69
N ILE A 116 3.49 14.83 -10.92
CA ILE A 116 3.54 13.63 -11.75
C ILE A 116 2.68 12.54 -11.15
N TYR A 117 2.71 12.42 -9.83
CA TYR A 117 1.92 11.41 -9.14
C TYR A 117 0.43 11.62 -9.40
N ALA A 118 -0.02 12.86 -9.32
CA ALA A 118 -1.43 13.17 -9.54
C ALA A 118 -1.88 12.74 -10.92
N SER A 119 -1.02 12.95 -11.92
CA SER A 119 -1.36 12.57 -13.29
C SER A 119 -1.56 11.06 -13.42
N SER A 120 -0.70 10.30 -12.78
CA SER A 120 -0.80 8.84 -12.83
C SER A 120 -1.58 8.29 -11.64
N LYS A 121 -2.06 9.18 -10.76
CA LYS A 121 -2.80 8.76 -9.59
C LYS A 121 -4.05 7.99 -10.00
N ASP A 122 -4.80 8.58 -10.93
CA ASP A 122 -6.01 7.94 -11.42
C ASP A 122 -5.67 6.75 -12.29
N ALA A 123 -4.54 6.84 -13.01
CA ALA A 123 -4.12 5.76 -13.89
C ALA A 123 -3.91 4.47 -13.12
N ILE A 124 -3.19 4.57 -12.00
CA ILE A 124 -2.92 3.40 -11.17
C ILE A 124 -4.20 2.94 -10.47
N LYS A 125 -5.00 3.90 -10.04
CA LYS A 125 -6.26 3.58 -9.36
C LYS A 125 -7.18 2.78 -10.29
N LYS A 126 -7.25 3.21 -11.55
CA LYS A 126 -8.10 2.53 -12.53
C LYS A 126 -7.64 1.09 -12.71
N LYS A 127 -6.32 0.91 -12.80
CA LYS A 127 -5.78 -0.44 -12.98
C LYS A 127 -6.00 -1.27 -11.73
N PHE A 128 -6.10 -0.61 -10.59
CA PHE A 128 -6.31 -1.31 -9.33
C PHE A 128 -7.78 -1.35 -8.98
N THR A 129 -8.57 -1.96 -9.86
CA THR A 129 -10.00 -2.07 -9.64
C THR A 129 -10.30 -2.93 -8.42
N GLY A 130 -9.50 -3.97 -8.21
CA GLY A 130 -9.69 -4.86 -7.08
C GLY A 130 -9.53 -4.11 -5.76
N ILE A 131 -8.84 -2.98 -5.80
CA ILE A 131 -8.61 -2.20 -4.60
C ILE A 131 -9.94 -1.79 -3.95
N LYS A 132 -9.95 -1.75 -2.62
CA LYS A 132 -11.14 -1.36 -1.90
C LYS A 132 -11.26 0.15 -1.82
N HIS A 133 -10.19 0.81 -1.40
CA HIS A 133 -10.19 2.25 -1.28
C HIS A 133 -8.75 2.79 -1.24
N GLU A 134 -8.60 4.10 -1.35
CA GLU A 134 -7.29 4.71 -1.32
C GLU A 134 -7.26 5.88 -0.35
N TRP A 135 -6.09 6.18 0.20
CA TRP A 135 -5.95 7.28 1.15
C TRP A 135 -4.60 7.95 0.97
N GLN A 136 -4.59 9.27 1.10
CA GLN A 136 -3.35 10.03 0.96
C GLN A 136 -2.71 10.28 2.33
N VAL A 137 -1.42 9.99 2.44
CA VAL A 137 -0.71 10.20 3.70
C VAL A 137 0.47 11.14 3.47
N ASN A 138 0.67 12.06 4.41
CA ASN A 138 1.76 13.02 4.31
C ASN A 138 2.36 13.31 5.68
N GLY A 139 2.10 12.43 6.64
CA GLY A 139 2.63 12.61 7.99
C GLY A 139 2.91 11.26 8.65
N LEU A 140 4.09 11.15 9.24
CA LEU A 140 4.48 9.91 9.92
C LEU A 140 3.69 9.77 11.22
N ASP A 141 3.22 10.88 11.77
CA ASP A 141 2.44 10.85 13.00
C ASP A 141 1.10 10.15 12.76
N ASP A 142 0.51 10.42 11.59
CA ASP A 142 -0.78 9.80 11.25
C ASP A 142 -0.59 8.33 10.90
N ILE A 143 0.53 8.02 10.25
CA ILE A 143 0.81 6.64 9.84
C ILE A 143 1.44 5.86 11.00
N LYS A 144 1.90 6.58 12.03
CA LYS A 144 2.51 5.93 13.18
C LYS A 144 1.62 4.80 13.67
N ASP A 145 0.31 5.04 13.67
CA ASP A 145 -0.63 4.01 14.09
C ASP A 145 -0.88 3.06 12.94
N ARG A 146 -0.50 1.80 13.12
CA ARG A 146 -0.68 0.81 12.06
C ARG A 146 -2.16 0.49 11.85
N SER A 147 -2.92 0.57 12.93
CA SER A 147 -4.35 0.28 12.84
C SER A 147 -5.04 1.27 11.91
N THR A 148 -4.39 2.40 11.64
CA THR A 148 -4.95 3.41 10.76
C THR A 148 -5.51 2.77 9.49
N LEU A 149 -4.92 1.67 9.07
CA LEU A 149 -5.38 1.00 7.85
C LEU A 149 -6.83 0.57 7.99
N GLY A 150 -7.16 -0.09 9.10
CA GLY A 150 -8.52 -0.53 9.33
C GLY A 150 -9.47 0.65 9.47
N GLU A 151 -9.01 1.68 10.16
CA GLU A 151 -9.82 2.87 10.37
C GLU A 151 -10.18 3.53 9.04
N LYS A 152 -9.21 3.58 8.13
CA LYS A 152 -9.45 4.17 6.81
C LYS A 152 -10.49 3.36 6.06
N LEU A 153 -10.40 2.03 6.17
CA LEU A 153 -11.35 1.15 5.49
C LEU A 153 -12.72 1.21 6.19
N GLY A 154 -12.70 1.56 7.48
CA GLY A 154 -13.94 1.65 8.23
C GLY A 154 -14.45 0.27 8.62
N GLY A 155 -15.73 0.18 8.93
CA GLY A 155 -16.33 -1.09 9.33
C GLY A 155 -16.53 -1.17 10.83
N ASN A 156 -17.78 -1.00 11.26
CA ASN A 156 -18.11 -1.06 12.68
C ASN A 156 -18.30 -2.50 13.14
N VAL A 157 -18.37 -3.42 12.19
CA VAL A 157 -18.55 -4.84 12.50
C VAL A 157 -17.21 -5.57 12.51
N VAL A 158 -16.12 -4.80 12.60
CA VAL A 158 -14.79 -5.40 12.60
C VAL A 158 -14.24 -5.47 14.03
N VAL A 159 -13.60 -6.58 14.35
CA VAL A 159 -13.03 -6.76 15.68
C VAL A 159 -11.51 -6.84 15.60
N SER A 160 -10.99 -7.14 14.41
CA SER A 160 -9.54 -7.24 14.24
C SER A 160 -9.12 -6.53 12.96
N LEU A 161 -8.04 -5.76 13.04
CA LEU A 161 -7.55 -5.04 11.86
C LEU A 161 -6.06 -4.76 11.99
N GLU A 162 -5.28 -5.13 10.97
CA GLU A 162 -3.83 -4.90 11.01
C GLU A 162 -3.20 -5.62 12.20
N GLY A 163 -3.88 -6.65 12.68
CA GLY A 163 -3.37 -7.40 13.83
C GLY A 163 -3.67 -6.67 15.14
N LYS A 164 -4.34 -5.53 15.05
CA LYS A 164 -4.69 -4.76 16.23
C LYS A 164 -6.20 -4.87 16.51
N PRO A 165 -6.60 -5.52 17.60
CA PRO A 165 -8.05 -5.66 17.95
C PRO A 165 -8.70 -4.29 18.18
N LEU A 166 -10.00 -4.20 17.86
CA LEU A 166 -10.72 -2.95 18.04
C LEU A 166 -11.00 -2.70 19.52
N MET A 1 -3.29 12.12 -19.51
CA MET A 1 -2.18 13.10 -19.55
C MET A 1 -0.96 12.45 -20.20
N ALA A 2 -0.96 12.39 -21.53
CA ALA A 2 0.17 11.79 -22.26
C ALA A 2 1.46 12.55 -21.97
N SER A 3 1.35 13.88 -21.93
CA SER A 3 2.52 14.72 -21.66
C SER A 3 2.99 14.54 -20.22
N GLY A 4 2.10 14.06 -19.36
CA GLY A 4 2.43 13.85 -17.95
C GLY A 4 2.98 12.45 -17.74
N VAL A 5 2.78 11.94 -16.53
CA VAL A 5 3.27 10.61 -16.18
C VAL A 5 2.15 9.59 -16.22
N THR A 6 2.51 8.36 -16.55
CA THR A 6 1.54 7.28 -16.62
C THR A 6 2.06 6.04 -15.89
N VAL A 7 1.17 5.09 -15.66
CA VAL A 7 1.53 3.86 -14.95
C VAL A 7 2.14 2.84 -15.90
N ASN A 8 3.13 2.11 -15.40
CA ASN A 8 3.80 1.08 -16.18
C ASN A 8 3.10 -0.26 -16.05
N ASP A 9 3.33 -1.14 -17.02
CA ASP A 9 2.71 -2.46 -17.02
C ASP A 9 3.15 -3.24 -15.78
N GLU A 10 4.39 -3.05 -15.36
CA GLU A 10 4.90 -3.75 -14.20
C GLU A 10 4.04 -3.47 -12.97
N VAL A 11 3.48 -2.27 -12.89
CA VAL A 11 2.64 -1.89 -11.75
C VAL A 11 1.44 -2.81 -11.62
N ILE A 12 0.73 -3.04 -12.72
CA ILE A 12 -0.44 -3.91 -12.70
C ILE A 12 -0.02 -5.38 -12.58
N LYS A 13 1.21 -5.67 -13.02
CA LYS A 13 1.71 -7.04 -12.96
C LYS A 13 1.73 -7.53 -11.51
N VAL A 14 2.30 -6.74 -10.62
CA VAL A 14 2.38 -7.10 -9.21
C VAL A 14 0.99 -7.04 -8.58
N PHE A 15 0.25 -5.98 -8.90
CA PHE A 15 -1.09 -5.80 -8.36
C PHE A 15 -1.97 -6.99 -8.72
N ASN A 16 -1.79 -7.51 -9.93
CA ASN A 16 -2.57 -8.65 -10.37
C ASN A 16 -2.35 -9.83 -9.44
N ASP A 17 -1.10 -10.03 -9.01
CA ASP A 17 -0.80 -11.15 -8.12
C ASP A 17 -1.58 -11.01 -6.82
N MET A 18 -1.61 -9.79 -6.29
CA MET A 18 -2.35 -9.54 -5.05
C MET A 18 -3.85 -9.71 -5.27
N LYS A 19 -4.34 -9.25 -6.42
CA LYS A 19 -5.77 -9.35 -6.74
C LYS A 19 -6.22 -10.81 -6.82
N VAL A 20 -5.40 -11.65 -7.44
CA VAL A 20 -5.75 -13.06 -7.57
C VAL A 20 -5.06 -13.90 -6.48
N ARG A 21 -4.55 -13.23 -5.47
CA ARG A 21 -3.87 -13.91 -4.37
C ARG A 21 -4.82 -14.86 -3.64
N LYS A 22 -4.34 -16.07 -3.39
CA LYS A 22 -5.13 -17.07 -2.67
C LYS A 22 -5.33 -16.65 -1.22
N SER A 23 -6.15 -17.39 -0.48
CA SER A 23 -6.40 -17.04 0.91
C SER A 23 -5.09 -16.87 1.65
N SER A 24 -5.02 -15.82 2.45
CA SER A 24 -3.84 -15.58 3.25
C SER A 24 -3.92 -16.38 4.54
N THR A 25 -5.10 -16.88 4.86
CA THR A 25 -5.30 -17.66 6.07
C THR A 25 -5.13 -19.16 5.83
N GLN A 26 -5.65 -19.65 4.71
CA GLN A 26 -5.57 -21.08 4.42
C GLN A 26 -4.37 -21.51 3.56
N GLU A 27 -4.32 -21.06 2.30
CA GLU A 27 -3.24 -21.48 1.39
C GLU A 27 -2.00 -20.60 1.45
N GLU A 28 -2.15 -19.33 1.12
CA GLU A 28 -1.02 -18.41 1.12
C GLU A 28 -0.48 -18.23 2.52
N ILE A 29 -1.26 -18.61 3.53
CA ILE A 29 -0.83 -18.50 4.92
C ILE A 29 0.60 -19.02 5.08
N LYS A 30 1.00 -19.95 4.21
CA LYS A 30 2.35 -20.50 4.28
C LYS A 30 3.41 -19.40 4.15
N LYS A 31 3.22 -18.49 3.20
CA LYS A 31 4.21 -17.43 3.00
C LYS A 31 3.70 -16.06 3.45
N ARG A 32 2.37 -15.93 3.49
CA ARG A 32 1.69 -14.68 3.89
C ARG A 32 2.54 -13.46 3.55
N LYS A 33 3.10 -13.47 2.36
CA LYS A 33 3.95 -12.38 1.91
C LYS A 33 3.10 -11.21 1.44
N LYS A 34 3.49 -10.01 1.84
CA LYS A 34 2.77 -8.84 1.40
C LYS A 34 3.65 -7.59 1.53
N ALA A 35 3.91 -6.96 0.40
CA ALA A 35 4.71 -5.74 0.38
C ALA A 35 4.74 -5.15 -1.03
N VAL A 36 4.55 -3.84 -1.13
CA VAL A 36 4.59 -3.18 -2.44
C VAL A 36 5.08 -1.74 -2.30
N LEU A 37 6.06 -1.37 -3.11
CA LEU A 37 6.59 -0.01 -3.05
C LEU A 37 6.74 0.56 -4.46
N PHE A 38 5.99 1.63 -4.75
CA PHE A 38 6.05 2.27 -6.07
C PHE A 38 6.86 3.55 -6.03
N CYS A 39 7.67 3.77 -7.07
CA CYS A 39 8.50 4.96 -7.14
C CYS A 39 8.52 5.54 -8.55
N LEU A 40 8.76 6.85 -8.63
CA LEU A 40 8.80 7.53 -9.91
C LEU A 40 10.01 7.05 -10.71
N SER A 41 9.78 6.76 -11.98
CA SER A 41 10.84 6.28 -12.85
C SER A 41 11.85 7.39 -13.12
N ASP A 42 13.04 7.01 -13.58
CA ASP A 42 14.09 7.99 -13.87
C ASP A 42 13.59 9.05 -14.85
N ASP A 43 12.76 8.62 -15.80
CA ASP A 43 12.21 9.55 -16.77
C ASP A 43 11.29 10.56 -16.11
N LYS A 44 10.77 10.20 -14.93
CA LYS A 44 9.84 11.04 -14.17
C LYS A 44 8.45 11.08 -14.83
N ARG A 45 8.30 10.35 -15.94
CA ARG A 45 7.02 10.29 -16.63
C ARG A 45 6.44 8.89 -16.60
N GLN A 46 7.01 8.03 -15.77
CA GLN A 46 6.53 6.67 -15.66
C GLN A 46 6.53 6.23 -14.20
N ILE A 47 5.54 5.42 -13.83
CA ILE A 47 5.45 4.94 -12.46
C ILE A 47 5.67 3.42 -12.43
N ILE A 48 6.67 2.99 -11.67
CA ILE A 48 6.99 1.57 -11.58
C ILE A 48 7.47 1.18 -10.17
N VAL A 49 7.24 -0.08 -9.80
CA VAL A 49 7.66 -0.56 -8.48
C VAL A 49 9.18 -0.49 -8.38
N GLU A 50 9.68 -0.12 -7.20
CA GLU A 50 11.13 -0.03 -7.01
C GLU A 50 11.63 -1.19 -6.17
N GLU A 51 12.88 -1.58 -6.38
CA GLU A 51 13.45 -2.68 -5.63
C GLU A 51 13.66 -2.26 -4.18
N ALA A 52 12.89 -2.87 -3.28
CA ALA A 52 12.99 -2.55 -1.86
C ALA A 52 12.78 -3.80 -1.02
N LYS A 53 13.06 -3.70 0.27
CA LYS A 53 12.90 -4.83 1.16
C LYS A 53 11.42 -5.12 1.41
N GLN A 54 11.03 -6.36 1.22
CA GLN A 54 9.65 -6.76 1.43
C GLN A 54 9.55 -7.58 2.72
N ILE A 55 8.35 -7.66 3.28
CA ILE A 55 8.13 -8.40 4.51
C ILE A 55 7.32 -9.68 4.27
N LEU A 56 7.89 -10.80 4.71
CA LEU A 56 7.24 -12.10 4.59
C LEU A 56 6.56 -12.50 5.89
N VAL A 57 5.80 -13.59 5.85
CA VAL A 57 5.10 -14.06 7.04
C VAL A 57 6.06 -14.20 8.20
N GLY A 58 7.28 -14.62 7.92
CA GLY A 58 8.28 -14.79 8.97
C GLY A 58 8.55 -13.45 9.66
N ASP A 59 8.66 -12.40 8.86
CA ASP A 59 8.92 -11.07 9.41
C ASP A 59 7.73 -10.56 10.22
N ILE A 60 6.53 -10.84 9.74
CA ILE A 60 5.30 -10.40 10.40
C ILE A 60 4.93 -11.33 11.54
N GLY A 61 4.67 -10.75 12.71
CA GLY A 61 4.30 -11.54 13.87
C GLY A 61 5.53 -11.94 14.68
N ASP A 62 6.72 -11.67 14.12
CA ASP A 62 7.96 -12.01 14.81
C ASP A 62 8.74 -10.75 15.18
N THR A 63 8.96 -9.88 14.21
CA THR A 63 9.69 -8.65 14.44
C THR A 63 8.83 -7.43 14.13
N VAL A 64 7.81 -7.61 13.31
CA VAL A 64 6.92 -6.50 12.95
C VAL A 64 5.48 -6.82 13.32
N GLU A 65 4.88 -5.97 14.15
CA GLU A 65 3.50 -6.18 14.59
C GLU A 65 2.51 -5.93 13.44
N ASP A 66 2.78 -4.89 12.65
CA ASP A 66 1.89 -4.56 11.53
C ASP A 66 2.69 -4.45 10.23
N PRO A 67 2.27 -5.07 9.15
CA PRO A 67 3.01 -5.02 7.86
C PRO A 67 3.39 -3.59 7.44
N TYR A 68 2.45 -2.67 7.59
CA TYR A 68 2.69 -1.28 7.21
C TYR A 68 3.84 -0.67 8.01
N THR A 69 4.07 -1.21 9.20
CA THR A 69 5.14 -0.71 10.06
C THR A 69 6.51 -0.90 9.42
N SER A 70 6.68 -2.02 8.72
CA SER A 70 7.97 -2.33 8.10
C SER A 70 8.37 -1.24 7.11
N PHE A 71 7.37 -0.68 6.45
CA PHE A 71 7.62 0.34 5.45
C PHE A 71 7.67 1.73 6.11
N VAL A 72 6.84 1.95 7.13
CA VAL A 72 6.79 3.24 7.81
C VAL A 72 8.11 3.53 8.52
N LYS A 73 8.88 2.48 8.78
CA LYS A 73 10.16 2.64 9.45
C LYS A 73 11.30 2.83 8.44
N LEU A 74 11.04 2.51 7.17
CA LEU A 74 12.07 2.63 6.13
C LEU A 74 11.76 3.77 5.17
N LEU A 75 10.60 4.37 5.29
CA LEU A 75 10.22 5.46 4.40
C LEU A 75 11.30 6.55 4.42
N PRO A 76 11.44 7.29 3.35
CA PRO A 76 12.44 8.39 3.27
C PRO A 76 12.00 9.63 4.06
N LEU A 77 12.95 10.53 4.31
CA LEU A 77 12.65 11.74 5.06
C LEU A 77 12.46 12.93 4.13
N ASN A 78 13.09 12.86 2.96
CA ASN A 78 12.99 13.94 1.99
C ASN A 78 12.57 13.41 0.62
N ASP A 79 11.50 12.63 0.59
CA ASP A 79 11.02 12.07 -0.67
C ASP A 79 9.57 11.60 -0.51
N CYS A 80 8.96 11.20 -1.61
CA CYS A 80 7.59 10.72 -1.59
C CYS A 80 7.43 9.52 -2.51
N ARG A 81 6.46 8.66 -2.19
CA ARG A 81 6.23 7.46 -2.99
C ARG A 81 4.83 6.90 -2.73
N TYR A 82 4.46 5.90 -3.51
CA TYR A 82 3.14 5.28 -3.35
C TYR A 82 3.25 3.97 -2.59
N ALA A 83 2.17 3.60 -1.93
CA ALA A 83 2.14 2.39 -1.15
C ALA A 83 0.90 1.57 -1.46
N LEU A 84 1.07 0.27 -1.60
CA LEU A 84 -0.06 -0.62 -1.86
C LEU A 84 -0.05 -1.74 -0.85
N TYR A 85 -1.15 -1.87 -0.11
CA TYR A 85 -1.25 -2.91 0.90
C TYR A 85 -2.52 -3.72 0.74
N ASP A 86 -2.47 -4.98 1.15
CA ASP A 86 -3.64 -5.83 1.08
C ASP A 86 -4.42 -5.68 2.36
N ALA A 87 -5.44 -4.83 2.32
CA ALA A 87 -6.25 -4.60 3.49
C ALA A 87 -7.05 -5.86 3.82
N THR A 88 -6.91 -6.35 5.05
CA THR A 88 -7.63 -7.53 5.47
C THR A 88 -8.33 -7.29 6.80
N TYR A 89 -9.48 -7.94 7.00
CA TYR A 89 -10.22 -7.78 8.25
C TYR A 89 -11.06 -9.02 8.54
N GLU A 90 -11.45 -9.18 9.79
CA GLU A 90 -12.26 -10.33 10.19
C GLU A 90 -13.45 -9.91 11.03
N THR A 91 -14.58 -10.56 10.79
CA THR A 91 -15.80 -10.25 11.52
C THR A 91 -16.39 -11.51 12.13
N LYS A 92 -17.52 -11.35 12.82
CA LYS A 92 -18.18 -12.49 13.44
C LYS A 92 -18.52 -13.55 12.40
N GLU A 93 -18.54 -13.16 11.13
CA GLU A 93 -18.86 -14.10 10.06
C GLU A 93 -17.61 -14.83 9.58
N SER A 94 -16.65 -14.07 9.06
CA SER A 94 -15.41 -14.67 8.56
C SER A 94 -14.40 -13.59 8.19
N LYS A 95 -13.21 -14.03 7.78
CA LYS A 95 -12.15 -13.10 7.39
C LYS A 95 -12.21 -12.83 5.88
N LYS A 96 -12.02 -11.56 5.51
CA LYS A 96 -12.07 -11.17 4.10
C LYS A 96 -10.78 -10.48 3.68
N GLU A 97 -10.44 -10.60 2.40
CA GLU A 97 -9.23 -9.98 1.88
C GLU A 97 -9.56 -8.91 0.84
N ASP A 98 -8.98 -7.73 1.02
CA ASP A 98 -9.21 -6.61 0.12
C ASP A 98 -7.91 -5.82 -0.09
N LEU A 99 -7.92 -4.90 -1.04
CA LEU A 99 -6.74 -4.09 -1.31
C LEU A 99 -7.04 -2.61 -1.11
N VAL A 100 -6.03 -1.86 -0.67
CA VAL A 100 -6.18 -0.42 -0.45
C VAL A 100 -4.98 0.33 -1.00
N PHE A 101 -5.25 1.38 -1.79
CA PHE A 101 -4.19 2.19 -2.36
C PHE A 101 -3.87 3.36 -1.42
N ILE A 102 -2.60 3.49 -1.04
CA ILE A 102 -2.19 4.54 -0.12
C ILE A 102 -1.08 5.40 -0.70
N PHE A 103 -1.22 6.71 -0.56
CA PHE A 103 -0.20 7.63 -1.06
C PHE A 103 0.52 8.32 0.08
N TRP A 104 1.84 8.16 0.14
CA TRP A 104 2.62 8.79 1.21
C TRP A 104 3.53 9.88 0.64
N ALA A 105 3.31 11.13 1.05
CA ALA A 105 4.15 12.22 0.55
C ALA A 105 4.32 13.31 1.61
N PRO A 106 5.48 13.42 2.23
CA PRO A 106 5.73 14.47 3.27
C PRO A 106 5.92 15.85 2.67
N GLU A 107 5.66 16.88 3.45
CA GLU A 107 5.81 18.26 3.01
C GLU A 107 7.28 18.56 2.68
N SER A 108 8.18 17.99 3.48
CA SER A 108 9.61 18.22 3.30
C SER A 108 10.13 17.59 2.01
N ALA A 109 9.36 16.67 1.45
CA ALA A 109 9.78 16.00 0.21
C ALA A 109 9.69 16.97 -0.98
N PRO A 110 10.37 16.67 -2.06
CA PRO A 110 10.36 17.53 -3.29
C PRO A 110 8.94 17.74 -3.84
N LEU A 111 8.61 19.00 -4.10
CA LEU A 111 7.30 19.34 -4.64
C LEU A 111 7.17 18.83 -6.07
N LYS A 112 8.28 18.83 -6.80
CA LYS A 112 8.27 18.37 -8.18
C LYS A 112 7.79 16.92 -8.25
N SER A 113 8.31 16.09 -7.36
CA SER A 113 7.92 14.68 -7.32
C SER A 113 6.43 14.57 -7.04
N LYS A 114 5.95 15.43 -6.14
CA LYS A 114 4.54 15.41 -5.78
C LYS A 114 3.67 15.69 -7.01
N MET A 115 4.12 16.61 -7.84
CA MET A 115 3.38 16.97 -9.04
C MET A 115 3.20 15.75 -9.94
N ILE A 116 4.28 15.03 -10.18
CA ILE A 116 4.19 13.85 -11.04
C ILE A 116 3.32 12.79 -10.38
N TYR A 117 3.52 12.59 -9.08
CA TYR A 117 2.73 11.60 -8.35
C TYR A 117 1.24 11.94 -8.43
N ALA A 118 0.91 13.22 -8.31
CA ALA A 118 -0.47 13.65 -8.38
C ALA A 118 -1.06 13.30 -9.75
N SER A 119 -0.26 13.49 -10.79
CA SER A 119 -0.70 13.20 -12.16
C SER A 119 -1.04 11.73 -12.32
N SER A 120 -0.22 10.87 -11.75
CA SER A 120 -0.44 9.44 -11.84
C SER A 120 -1.31 8.94 -10.69
N LYS A 121 -1.66 9.83 -9.77
CA LYS A 121 -2.47 9.44 -8.62
C LYS A 121 -3.81 8.90 -9.08
N ASP A 122 -4.46 9.62 -9.99
CA ASP A 122 -5.75 9.18 -10.51
C ASP A 122 -5.56 8.00 -11.45
N ALA A 123 -4.51 8.06 -12.26
CA ALA A 123 -4.23 7.00 -13.23
C ALA A 123 -4.04 5.67 -12.52
N ILE A 124 -3.35 5.70 -11.40
CA ILE A 124 -3.09 4.48 -10.64
C ILE A 124 -4.40 4.01 -9.97
N LYS A 125 -5.22 4.96 -9.55
CA LYS A 125 -6.49 4.63 -8.90
C LYS A 125 -7.45 3.95 -9.89
N LYS A 126 -7.57 4.52 -11.09
CA LYS A 126 -8.47 3.98 -12.09
C LYS A 126 -8.04 2.58 -12.52
N LYS A 127 -6.74 2.38 -12.67
CA LYS A 127 -6.23 1.09 -13.08
C LYS A 127 -6.38 0.07 -11.95
N PHE A 128 -6.39 0.58 -10.72
CA PHE A 128 -6.53 -0.28 -9.55
C PHE A 128 -7.98 -0.31 -9.10
N THR A 129 -8.87 -0.63 -10.04
CA THR A 129 -10.30 -0.68 -9.74
C THR A 129 -10.57 -1.74 -8.66
N GLY A 130 -9.82 -2.83 -8.71
CA GLY A 130 -10.01 -3.90 -7.75
C GLY A 130 -9.83 -3.37 -6.32
N ILE A 131 -9.16 -2.23 -6.18
CA ILE A 131 -8.94 -1.63 -4.87
C ILE A 131 -10.28 -1.25 -4.23
N LYS A 132 -10.44 -1.59 -2.95
CA LYS A 132 -11.67 -1.28 -2.24
C LYS A 132 -11.78 0.23 -2.00
N HIS A 133 -10.66 0.85 -1.63
CA HIS A 133 -10.64 2.28 -1.38
C HIS A 133 -9.23 2.83 -1.46
N GLU A 134 -9.12 4.14 -1.60
CA GLU A 134 -7.81 4.80 -1.69
C GLU A 134 -7.75 5.97 -0.71
N TRP A 135 -6.64 6.04 0.03
CA TRP A 135 -6.46 7.10 1.00
C TRP A 135 -5.11 7.79 0.81
N GLN A 136 -5.06 9.08 1.12
CA GLN A 136 -3.82 9.83 0.97
C GLN A 136 -3.29 10.27 2.33
N VAL A 137 -2.04 9.91 2.62
CA VAL A 137 -1.42 10.28 3.88
C VAL A 137 -0.27 11.26 3.64
N ASN A 138 -0.15 12.25 4.51
CA ASN A 138 0.91 13.25 4.37
C ASN A 138 2.27 12.63 4.67
N GLY A 139 2.61 12.56 5.96
CA GLY A 139 3.90 11.99 6.37
C GLY A 139 3.73 11.05 7.55
N LEU A 140 4.77 10.92 8.36
CA LEU A 140 4.72 10.07 9.53
C LEU A 140 3.65 10.54 10.50
N ASP A 141 3.47 11.84 10.60
CA ASP A 141 2.48 12.40 11.52
C ASP A 141 1.07 11.93 11.14
N ASP A 142 0.78 11.91 9.83
CA ASP A 142 -0.54 11.49 9.36
C ASP A 142 -0.75 9.98 9.51
N ILE A 143 0.32 9.21 9.33
CA ILE A 143 0.23 7.76 9.42
C ILE A 143 0.98 7.26 10.65
N LYS A 144 1.09 8.11 11.66
CA LYS A 144 1.79 7.76 12.88
C LYS A 144 1.08 6.58 13.54
N ASP A 145 -0.25 6.63 13.55
CA ASP A 145 -1.02 5.55 14.13
C ASP A 145 -1.21 4.45 13.08
N ARG A 146 -0.70 3.28 13.37
CA ARG A 146 -0.81 2.17 12.44
C ARG A 146 -2.27 1.78 12.24
N SER A 147 -3.08 2.04 13.26
CA SER A 147 -4.50 1.72 13.19
C SER A 147 -5.16 2.49 12.06
N THR A 148 -4.55 3.60 11.67
CA THR A 148 -5.10 4.41 10.59
C THR A 148 -5.13 3.61 9.28
N LEU A 149 -4.07 2.86 9.03
CA LEU A 149 -3.99 2.07 7.80
C LEU A 149 -5.17 1.09 7.71
N GLY A 150 -5.40 0.35 8.78
CA GLY A 150 -6.50 -0.61 8.79
C GLY A 150 -7.85 0.08 8.84
N GLU A 151 -7.92 1.15 9.64
CA GLU A 151 -9.14 1.92 9.82
C GLU A 151 -9.55 2.61 8.52
N LYS A 152 -8.61 2.77 7.60
CA LYS A 152 -8.91 3.43 6.33
C LYS A 152 -10.10 2.75 5.66
N LEU A 153 -10.28 1.46 5.95
CA LEU A 153 -11.38 0.72 5.35
C LEU A 153 -12.73 1.25 5.85
N GLY A 154 -12.73 1.80 7.06
CA GLY A 154 -13.95 2.34 7.64
C GLY A 154 -14.86 1.22 8.13
N GLY A 155 -14.29 0.04 8.34
CA GLY A 155 -15.07 -1.10 8.81
C GLY A 155 -14.92 -1.27 10.31
N ASN A 156 -15.47 -0.34 11.08
CA ASN A 156 -15.39 -0.42 12.52
C ASN A 156 -16.28 -1.54 13.06
N VAL A 157 -17.13 -2.08 12.19
CA VAL A 157 -18.02 -3.17 12.58
C VAL A 157 -17.25 -4.48 12.78
N VAL A 158 -16.08 -4.56 12.16
CA VAL A 158 -15.26 -5.76 12.27
C VAL A 158 -14.54 -5.81 13.61
N VAL A 159 -13.86 -6.92 13.86
CA VAL A 159 -13.12 -7.10 15.11
C VAL A 159 -11.62 -7.10 14.87
N SER A 160 -11.21 -7.41 13.64
CA SER A 160 -9.79 -7.45 13.31
C SER A 160 -9.52 -6.63 12.06
N LEU A 161 -8.49 -5.78 12.11
CA LEU A 161 -8.14 -4.95 10.96
C LEU A 161 -6.63 -4.91 10.77
N GLU A 162 -6.16 -5.51 9.67
CA GLU A 162 -4.73 -5.53 9.39
C GLU A 162 -3.95 -6.11 10.56
N GLY A 163 -4.64 -6.88 11.39
CA GLY A 163 -4.01 -7.50 12.55
C GLY A 163 -4.17 -6.63 13.79
N LYS A 164 -4.53 -5.36 13.59
CA LYS A 164 -4.73 -4.44 14.70
C LYS A 164 -6.10 -4.69 15.33
N PRO A 165 -6.18 -5.12 16.57
CA PRO A 165 -7.48 -5.38 17.26
C PRO A 165 -8.40 -4.16 17.24
N LEU A 166 -9.69 -4.40 17.00
CA LEU A 166 -10.67 -3.31 16.97
C LEU A 166 -11.72 -3.50 18.05
N MET A 1 5.35 23.40 -19.33
CA MET A 1 4.16 22.49 -19.37
C MET A 1 4.61 21.09 -19.76
N ALA A 2 3.76 20.10 -19.52
CA ALA A 2 4.09 18.72 -19.86
C ALA A 2 2.82 17.93 -20.17
N SER A 3 2.94 16.96 -21.07
CA SER A 3 1.80 16.14 -21.45
C SER A 3 1.33 15.30 -20.27
N GLY A 4 2.21 15.11 -19.29
CA GLY A 4 1.86 14.32 -18.11
C GLY A 4 2.52 12.95 -18.17
N VAL A 5 2.47 12.25 -17.05
CA VAL A 5 3.07 10.93 -16.95
C VAL A 5 2.02 9.83 -17.02
N THR A 6 2.48 8.62 -17.30
CA THR A 6 1.57 7.48 -17.38
C THR A 6 2.12 6.29 -16.61
N VAL A 7 1.25 5.32 -16.34
CA VAL A 7 1.65 4.12 -15.61
C VAL A 7 2.06 3.01 -16.58
N ASN A 8 3.05 2.23 -16.18
CA ASN A 8 3.52 1.12 -17.01
C ASN A 8 2.68 -0.13 -16.79
N ASP A 9 2.69 -1.02 -17.76
CA ASP A 9 1.94 -2.26 -17.67
C ASP A 9 2.50 -3.16 -16.57
N GLU A 10 3.77 -2.94 -16.21
CA GLU A 10 4.41 -3.73 -15.17
C GLU A 10 3.68 -3.58 -13.83
N VAL A 11 2.91 -2.51 -13.71
CA VAL A 11 2.18 -2.24 -12.48
C VAL A 11 1.24 -3.40 -12.17
N ILE A 12 0.61 -3.92 -13.22
CA ILE A 12 -0.34 -5.03 -13.05
C ILE A 12 0.40 -6.31 -12.73
N LYS A 13 1.63 -6.44 -13.22
CA LYS A 13 2.41 -7.66 -12.98
C LYS A 13 2.67 -7.85 -11.49
N VAL A 14 3.10 -6.80 -10.82
CA VAL A 14 3.36 -6.89 -9.39
C VAL A 14 2.06 -6.95 -8.60
N PHE A 15 1.12 -6.07 -8.97
CA PHE A 15 -0.18 -6.01 -8.31
C PHE A 15 -0.94 -7.33 -8.49
N ASN A 16 -0.66 -8.02 -9.58
CA ASN A 16 -1.32 -9.29 -9.86
C ASN A 16 -1.17 -10.24 -8.68
N ASP A 17 -0.01 -10.23 -8.03
CA ASP A 17 0.22 -11.11 -6.90
C ASP A 17 -0.80 -10.86 -5.81
N MET A 18 -1.02 -9.58 -5.50
CA MET A 18 -1.99 -9.22 -4.49
C MET A 18 -3.42 -9.49 -4.96
N LYS A 19 -3.67 -9.22 -6.24
CA LYS A 19 -5.00 -9.41 -6.81
C LYS A 19 -5.43 -10.87 -6.72
N VAL A 20 -4.51 -11.78 -7.01
CA VAL A 20 -4.82 -13.21 -6.96
C VAL A 20 -4.46 -13.75 -5.58
N ARG A 21 -5.14 -13.26 -4.56
CA ARG A 21 -4.86 -13.68 -3.19
C ARG A 21 -5.73 -14.88 -2.80
N LYS A 22 -5.06 -15.97 -2.42
CA LYS A 22 -5.74 -17.19 -1.98
C LYS A 22 -5.94 -17.15 -0.48
N SER A 23 -6.57 -18.18 0.08
CA SER A 23 -6.83 -18.20 1.52
C SER A 23 -5.61 -17.77 2.28
N SER A 24 -5.80 -16.88 3.24
CA SER A 24 -4.69 -16.40 4.02
C SER A 24 -4.32 -17.42 5.09
N THR A 25 -5.19 -18.39 5.33
CA THR A 25 -4.95 -19.41 6.33
C THR A 25 -4.31 -20.67 5.75
N GLN A 26 -4.84 -21.16 4.62
CA GLN A 26 -4.33 -22.41 4.04
C GLN A 26 -3.25 -22.25 2.96
N GLU A 27 -3.61 -21.66 1.81
CA GLU A 27 -2.64 -21.56 0.70
C GLU A 27 -1.79 -20.29 0.74
N GLU A 28 -2.46 -19.15 0.67
CA GLU A 28 -1.76 -17.87 0.69
C GLU A 28 -1.02 -17.68 1.99
N ILE A 29 -1.38 -18.47 3.00
CA ILE A 29 -0.74 -18.39 4.31
C ILE A 29 0.79 -18.35 4.14
N LYS A 30 1.30 -19.10 3.17
CA LYS A 30 2.74 -19.15 2.93
C LYS A 30 3.22 -17.81 2.36
N LYS A 31 2.43 -17.26 1.47
CA LYS A 31 2.76 -16.00 0.82
C LYS A 31 2.03 -14.83 1.48
N ARG A 32 1.61 -15.03 2.74
CA ARG A 32 0.88 -13.99 3.47
C ARG A 32 1.58 -12.64 3.33
N LYS A 33 2.89 -12.68 3.10
CA LYS A 33 3.67 -11.46 2.93
C LYS A 33 2.98 -10.50 1.98
N LYS A 34 3.29 -9.22 2.11
CA LYS A 34 2.69 -8.21 1.24
C LYS A 34 3.41 -6.87 1.36
N ALA A 35 3.94 -6.40 0.24
CA ALA A 35 4.62 -5.11 0.21
C ALA A 35 5.00 -4.76 -1.23
N VAL A 36 4.75 -3.53 -1.63
CA VAL A 36 5.11 -3.09 -2.98
C VAL A 36 5.17 -1.57 -3.03
N LEU A 37 6.25 -1.04 -3.58
CA LEU A 37 6.41 0.39 -3.68
C LEU A 37 6.58 0.83 -5.14
N PHE A 38 5.89 1.89 -5.52
CA PHE A 38 5.98 2.41 -6.89
C PHE A 38 6.67 3.76 -6.91
N CYS A 39 7.57 3.95 -7.89
CA CYS A 39 8.30 5.20 -8.01
C CYS A 39 8.47 5.60 -9.46
N LEU A 40 8.36 6.89 -9.72
CA LEU A 40 8.51 7.40 -11.08
C LEU A 40 9.80 6.85 -11.68
N SER A 41 9.82 6.74 -13.00
CA SER A 41 10.98 6.25 -13.71
C SER A 41 12.02 7.35 -13.91
N ASP A 42 13.19 6.98 -14.43
CA ASP A 42 14.26 7.94 -14.65
C ASP A 42 13.80 9.03 -15.61
N ASP A 43 13.04 8.65 -16.62
CA ASP A 43 12.53 9.61 -17.59
C ASP A 43 11.51 10.56 -16.95
N LYS A 44 11.09 10.24 -15.73
CA LYS A 44 10.12 11.06 -15.02
C LYS A 44 8.83 11.19 -15.84
N ARG A 45 8.55 10.18 -16.64
CA ARG A 45 7.35 10.19 -17.46
C ARG A 45 6.58 8.88 -17.31
N GLN A 46 7.29 7.83 -16.92
CA GLN A 46 6.65 6.53 -16.74
C GLN A 46 6.76 6.08 -15.29
N ILE A 47 5.68 5.53 -14.76
CA ILE A 47 5.68 5.06 -13.37
C ILE A 47 5.95 3.56 -13.33
N ILE A 48 6.97 3.17 -12.56
CA ILE A 48 7.34 1.77 -12.47
C ILE A 48 7.73 1.39 -11.03
N VAL A 49 7.55 0.12 -10.68
CA VAL A 49 7.89 -0.36 -9.35
C VAL A 49 9.36 -0.10 -9.06
N GLU A 50 9.64 0.41 -7.86
CA GLU A 50 11.01 0.71 -7.47
C GLU A 50 11.61 -0.43 -6.65
N GLU A 51 12.92 -0.57 -6.70
CA GLU A 51 13.58 -1.62 -5.93
C GLU A 51 13.71 -1.18 -4.47
N ALA A 52 13.07 -1.93 -3.58
CA ALA A 52 13.11 -1.60 -2.17
C ALA A 52 12.97 -2.86 -1.33
N LYS A 53 13.26 -2.73 -0.03
CA LYS A 53 13.17 -3.87 0.87
C LYS A 53 11.72 -4.23 1.16
N GLN A 54 11.44 -5.53 1.22
CA GLN A 54 10.09 -5.99 1.51
C GLN A 54 10.13 -7.01 2.65
N ILE A 55 9.08 -7.05 3.45
CA ILE A 55 9.03 -7.96 4.59
C ILE A 55 8.24 -9.22 4.24
N LEU A 56 8.72 -10.36 4.72
CA LEU A 56 8.06 -11.64 4.47
C LEU A 56 7.21 -12.03 5.68
N VAL A 57 6.26 -12.92 5.46
CA VAL A 57 5.40 -13.37 6.54
C VAL A 57 6.21 -14.08 7.62
N GLY A 58 7.17 -14.89 7.19
CA GLY A 58 8.01 -15.61 8.13
C GLY A 58 8.82 -14.63 8.98
N ASP A 59 9.34 -13.60 8.33
CA ASP A 59 10.12 -12.59 9.02
C ASP A 59 9.29 -11.84 10.07
N ILE A 60 8.04 -11.53 9.72
CA ILE A 60 7.16 -10.81 10.62
C ILE A 60 6.93 -11.61 11.91
N GLY A 61 6.56 -12.89 11.74
CA GLY A 61 6.32 -13.77 12.88
C GLY A 61 5.49 -13.06 13.94
N ASP A 62 5.93 -13.19 15.18
CA ASP A 62 5.24 -12.53 16.29
C ASP A 62 6.09 -11.36 16.81
N THR A 63 7.19 -11.06 16.13
CA THR A 63 8.07 -9.97 16.55
C THR A 63 7.46 -8.61 16.25
N VAL A 64 6.68 -8.55 15.17
CA VAL A 64 6.05 -7.29 14.79
C VAL A 64 4.54 -7.37 14.99
N GLU A 65 3.99 -6.40 15.73
CA GLU A 65 2.56 -6.39 16.00
C GLU A 65 1.76 -6.20 14.72
N ASP A 66 2.25 -5.32 13.83
CA ASP A 66 1.55 -5.07 12.59
C ASP A 66 2.55 -5.01 11.41
N PRO A 67 2.28 -5.67 10.31
CA PRO A 67 3.22 -5.66 9.14
C PRO A 67 3.56 -4.26 8.66
N TYR A 68 2.57 -3.37 8.67
CA TYR A 68 2.78 -2.00 8.22
C TYR A 68 3.87 -1.33 9.05
N THR A 69 4.10 -1.85 10.25
CA THR A 69 5.11 -1.27 11.14
C THR A 69 6.46 -1.12 10.44
N SER A 70 6.85 -2.14 9.67
CA SER A 70 8.12 -2.09 8.98
C SER A 70 8.16 -0.91 8.02
N PHE A 71 7.11 -0.77 7.24
CA PHE A 71 7.03 0.32 6.29
C PHE A 71 6.95 1.68 6.99
N VAL A 72 6.35 1.71 8.17
CA VAL A 72 6.23 2.98 8.89
C VAL A 72 7.60 3.60 9.15
N LYS A 73 8.50 2.80 9.70
CA LYS A 73 9.85 3.30 9.97
C LYS A 73 10.65 3.40 8.67
N LEU A 74 10.25 2.64 7.68
CA LEU A 74 10.93 2.65 6.39
C LEU A 74 10.46 3.81 5.52
N LEU A 75 9.67 4.72 6.09
CA LEU A 75 9.18 5.86 5.33
C LEU A 75 10.33 6.72 4.81
N PRO A 76 10.27 7.22 3.60
CA PRO A 76 11.33 8.14 3.04
C PRO A 76 11.42 9.46 3.84
N LEU A 77 12.63 10.01 3.92
CA LEU A 77 12.83 11.27 4.63
C LEU A 77 12.60 12.47 3.72
N ASN A 78 13.08 12.39 2.49
CA ASN A 78 12.92 13.49 1.54
C ASN A 78 12.53 12.96 0.16
N ASP A 79 11.29 12.50 0.04
CA ASP A 79 10.80 11.97 -1.23
C ASP A 79 9.32 11.61 -1.11
N CYS A 80 8.78 10.99 -2.16
CA CYS A 80 7.38 10.58 -2.15
C CYS A 80 7.17 9.39 -3.09
N ARG A 81 6.23 8.52 -2.75
CA ARG A 81 5.95 7.36 -3.57
C ARG A 81 4.59 6.77 -3.21
N TYR A 82 4.18 5.72 -3.94
CA TYR A 82 2.90 5.07 -3.66
C TYR A 82 3.13 3.79 -2.86
N ALA A 83 2.30 3.59 -1.85
CA ALA A 83 2.43 2.42 -1.00
C ALA A 83 1.23 1.49 -1.17
N LEU A 84 1.50 0.21 -1.34
CA LEU A 84 0.44 -0.77 -1.49
C LEU A 84 0.33 -1.63 -0.24
N TYR A 85 -0.91 -1.95 0.14
CA TYR A 85 -1.12 -2.75 1.33
C TYR A 85 -2.44 -3.50 1.25
N ASP A 86 -2.41 -4.76 1.68
CA ASP A 86 -3.61 -5.58 1.68
C ASP A 86 -4.37 -5.38 2.98
N ALA A 87 -5.50 -4.70 2.91
CA ALA A 87 -6.30 -4.43 4.10
C ALA A 87 -6.86 -5.73 4.66
N THR A 88 -6.68 -5.93 5.96
CA THR A 88 -7.18 -7.13 6.62
C THR A 88 -7.98 -6.76 7.85
N TYR A 89 -9.11 -7.45 8.04
CA TYR A 89 -9.95 -7.20 9.20
C TYR A 89 -10.81 -8.40 9.54
N GLU A 90 -11.29 -8.45 10.78
CA GLU A 90 -12.13 -9.56 11.22
C GLU A 90 -13.40 -9.03 11.85
N THR A 91 -14.53 -9.61 11.48
CA THR A 91 -15.81 -9.18 12.01
C THR A 91 -16.56 -10.35 12.64
N LYS A 92 -17.81 -10.10 13.03
CA LYS A 92 -18.63 -11.13 13.64
C LYS A 92 -18.79 -12.34 12.73
N GLU A 93 -18.90 -12.11 11.42
CA GLU A 93 -19.08 -13.20 10.47
C GLU A 93 -17.76 -13.94 10.23
N SER A 94 -16.77 -13.23 9.71
CA SER A 94 -15.48 -13.85 9.44
C SER A 94 -14.44 -12.79 9.04
N LYS A 95 -13.21 -13.23 8.83
CA LYS A 95 -12.14 -12.32 8.42
C LYS A 95 -12.07 -12.22 6.90
N LYS A 96 -11.85 -11.00 6.40
CA LYS A 96 -11.77 -10.77 4.96
C LYS A 96 -10.55 -9.91 4.63
N GLU A 97 -10.08 -10.03 3.39
CA GLU A 97 -8.92 -9.26 2.96
C GLU A 97 -9.23 -8.47 1.69
N ASP A 98 -8.67 -7.27 1.61
CA ASP A 98 -8.88 -6.40 0.45
C ASP A 98 -7.60 -5.63 0.13
N LEU A 99 -7.67 -4.75 -0.86
CA LEU A 99 -6.49 -3.97 -1.24
C LEU A 99 -6.81 -2.48 -1.25
N VAL A 100 -5.87 -1.68 -0.80
CA VAL A 100 -6.05 -0.23 -0.78
C VAL A 100 -4.82 0.47 -1.33
N PHE A 101 -5.03 1.48 -2.17
CA PHE A 101 -3.92 2.22 -2.74
C PHE A 101 -3.64 3.46 -1.90
N ILE A 102 -2.44 3.53 -1.32
CA ILE A 102 -2.09 4.66 -0.46
C ILE A 102 -1.03 5.55 -1.12
N PHE A 103 -1.28 6.86 -1.13
CA PHE A 103 -0.31 7.79 -1.71
C PHE A 103 0.45 8.49 -0.59
N TRP A 104 1.74 8.19 -0.49
CA TRP A 104 2.56 8.79 0.55
C TRP A 104 3.46 9.88 -0.01
N ALA A 105 3.23 11.10 0.45
CA ALA A 105 4.05 12.22 -0.01
C ALA A 105 4.04 13.35 1.03
N PRO A 106 5.10 13.51 1.80
CA PRO A 106 5.18 14.59 2.83
C PRO A 106 5.38 15.97 2.20
N GLU A 107 5.05 17.01 2.96
CA GLU A 107 5.20 18.38 2.47
C GLU A 107 6.67 18.69 2.21
N SER A 108 7.57 17.92 2.82
CA SER A 108 9.00 18.14 2.64
C SER A 108 9.52 17.46 1.37
N ALA A 109 8.69 16.61 0.76
CA ALA A 109 9.09 15.90 -0.45
C ALA A 109 9.15 16.85 -1.64
N PRO A 110 9.87 16.48 -2.68
CA PRO A 110 9.98 17.34 -3.90
C PRO A 110 8.61 17.60 -4.52
N LEU A 111 8.32 18.86 -4.79
CA LEU A 111 7.04 19.23 -5.38
C LEU A 111 6.92 18.68 -6.79
N LYS A 112 8.01 18.72 -7.54
CA LYS A 112 8.01 18.21 -8.91
C LYS A 112 7.65 16.73 -8.94
N SER A 113 8.26 15.98 -8.03
CA SER A 113 7.99 14.54 -7.95
C SER A 113 6.51 14.30 -7.67
N LYS A 114 5.95 15.11 -6.77
CA LYS A 114 4.54 14.97 -6.42
C LYS A 114 3.67 15.21 -7.65
N MET A 115 4.07 16.14 -8.49
CA MET A 115 3.30 16.44 -9.70
C MET A 115 3.17 15.21 -10.58
N ILE A 116 4.29 14.54 -10.83
CA ILE A 116 4.26 13.33 -11.66
C ILE A 116 3.38 12.27 -11.02
N TYR A 117 3.51 12.11 -9.71
CA TYR A 117 2.71 11.12 -8.99
C TYR A 117 1.23 11.47 -9.05
N ALA A 118 0.91 12.75 -8.94
CA ALA A 118 -0.48 13.19 -8.98
C ALA A 118 -1.10 12.85 -10.33
N SER A 119 -0.33 13.06 -11.40
CA SER A 119 -0.82 12.79 -12.74
C SER A 119 -1.15 11.30 -12.92
N SER A 120 -0.29 10.45 -12.39
CA SER A 120 -0.51 9.01 -12.49
C SER A 120 -1.29 8.48 -11.30
N LYS A 121 -1.66 9.36 -10.37
CA LYS A 121 -2.42 8.96 -9.21
C LYS A 121 -3.71 8.28 -9.64
N ASP A 122 -4.40 8.93 -10.58
CA ASP A 122 -5.65 8.38 -11.09
C ASP A 122 -5.38 7.28 -12.11
N ALA A 123 -4.28 7.39 -12.83
CA ALA A 123 -3.95 6.39 -13.85
C ALA A 123 -3.77 5.01 -13.22
N ILE A 124 -3.04 4.97 -12.11
CA ILE A 124 -2.80 3.71 -11.41
C ILE A 124 -4.07 3.27 -10.68
N LYS A 125 -4.79 4.23 -10.12
CA LYS A 125 -6.03 3.92 -9.42
C LYS A 125 -7.06 3.32 -10.37
N LYS A 126 -7.17 3.91 -11.55
CA LYS A 126 -8.12 3.45 -12.56
C LYS A 126 -7.78 2.03 -12.98
N LYS A 127 -6.48 1.75 -13.09
CA LYS A 127 -6.04 0.43 -13.50
C LYS A 127 -6.40 -0.60 -12.43
N PHE A 128 -6.48 -0.15 -11.18
CA PHE A 128 -6.82 -1.05 -10.09
C PHE A 128 -8.33 -1.13 -9.91
N THR A 129 -8.86 -2.35 -10.01
CA THR A 129 -10.30 -2.55 -9.86
C THR A 129 -10.60 -3.29 -8.57
N GLY A 130 -9.70 -4.17 -8.16
CA GLY A 130 -9.87 -4.91 -6.93
C GLY A 130 -9.70 -4.00 -5.72
N ILE A 131 -9.17 -2.80 -5.95
CA ILE A 131 -8.97 -1.85 -4.87
C ILE A 131 -10.29 -1.46 -4.22
N LYS A 132 -10.38 -1.63 -2.91
CA LYS A 132 -11.58 -1.30 -2.19
C LYS A 132 -11.78 0.22 -2.18
N HIS A 133 -10.68 0.95 -1.97
CA HIS A 133 -10.74 2.41 -1.93
C HIS A 133 -9.34 3.00 -2.05
N GLU A 134 -9.28 4.33 -2.11
CA GLU A 134 -8.00 5.02 -2.22
C GLU A 134 -7.86 6.08 -1.13
N TRP A 135 -6.73 6.06 -0.43
CA TRP A 135 -6.48 7.02 0.63
C TRP A 135 -5.18 7.77 0.36
N GLN A 136 -5.03 8.95 0.96
CA GLN A 136 -3.83 9.75 0.77
C GLN A 136 -3.20 10.10 2.12
N VAL A 137 -1.89 9.84 2.24
CA VAL A 137 -1.18 10.15 3.47
C VAL A 137 -0.03 11.11 3.18
N ASN A 138 0.13 12.11 4.06
CA ASN A 138 1.19 13.10 3.88
C ASN A 138 1.85 13.41 5.22
N GLY A 139 1.70 12.52 6.19
CA GLY A 139 2.30 12.73 7.50
C GLY A 139 2.75 11.41 8.12
N LEU A 140 3.91 11.44 8.75
CA LEU A 140 4.44 10.25 9.40
C LEU A 140 3.49 9.79 10.49
N ASP A 141 2.74 10.73 11.07
CA ASP A 141 1.80 10.38 12.12
C ASP A 141 0.69 9.49 11.56
N ASP A 142 0.20 9.83 10.36
CA ASP A 142 -0.86 9.04 9.74
C ASP A 142 -0.37 7.62 9.45
N ILE A 143 0.90 7.51 9.09
CA ILE A 143 1.48 6.19 8.80
C ILE A 143 1.93 5.52 10.09
N LYS A 144 2.21 6.33 11.11
CA LYS A 144 2.65 5.82 12.38
C LYS A 144 1.59 4.88 12.95
N ASP A 145 0.34 5.29 12.87
CA ASP A 145 -0.74 4.44 13.37
C ASP A 145 -1.04 3.36 12.33
N ARG A 146 -0.77 2.11 12.69
CA ARG A 146 -1.00 0.99 11.77
C ARG A 146 -2.48 0.64 11.65
N SER A 147 -3.23 0.90 12.71
CA SER A 147 -4.65 0.59 12.70
C SER A 147 -5.36 1.41 11.63
N THR A 148 -4.74 2.49 11.20
CA THR A 148 -5.35 3.35 10.19
C THR A 148 -5.86 2.52 9.01
N LEU A 149 -5.15 1.47 8.66
CA LEU A 149 -5.57 0.63 7.55
C LEU A 149 -7.01 0.18 7.74
N GLY A 150 -7.29 -0.42 8.89
CA GLY A 150 -8.64 -0.89 9.18
C GLY A 150 -9.62 0.28 9.21
N GLU A 151 -9.18 1.39 9.78
CA GLU A 151 -10.01 2.57 9.87
C GLU A 151 -10.39 3.06 8.47
N LYS A 152 -9.46 2.99 7.55
CA LYS A 152 -9.72 3.40 6.18
C LYS A 152 -10.81 2.54 5.57
N LEU A 153 -10.76 1.24 5.86
CA LEU A 153 -11.75 0.32 5.35
C LEU A 153 -13.12 0.60 5.98
N GLY A 154 -13.10 1.18 7.18
CA GLY A 154 -14.34 1.50 7.87
C GLY A 154 -14.87 0.29 8.64
N GLY A 155 -15.99 0.47 9.32
CA GLY A 155 -16.60 -0.61 10.09
C GLY A 155 -16.45 -0.37 11.59
N ASN A 156 -17.54 0.05 12.22
CA ASN A 156 -17.52 0.29 13.66
C ASN A 156 -17.78 -1.01 14.44
N VAL A 157 -18.17 -2.05 13.72
CA VAL A 157 -18.44 -3.34 14.34
C VAL A 157 -17.26 -4.30 14.15
N VAL A 158 -16.15 -3.79 13.62
CA VAL A 158 -14.96 -4.61 13.39
C VAL A 158 -14.36 -5.07 14.71
N VAL A 159 -13.76 -6.26 14.70
CA VAL A 159 -13.15 -6.82 15.90
C VAL A 159 -11.62 -6.77 15.82
N SER A 160 -11.08 -7.05 14.63
CA SER A 160 -9.64 -7.05 14.44
C SER A 160 -9.25 -6.21 13.23
N LEU A 161 -8.30 -5.29 13.40
CA LEU A 161 -7.84 -4.45 12.29
C LEU A 161 -6.33 -4.50 12.15
N GLU A 162 -5.85 -4.83 10.96
CA GLU A 162 -4.41 -4.91 10.72
C GLU A 162 -3.76 -5.84 11.75
N GLY A 163 -4.57 -6.71 12.36
CA GLY A 163 -4.06 -7.64 13.35
C GLY A 163 -4.10 -7.03 14.74
N LYS A 164 -4.21 -5.70 14.81
CA LYS A 164 -4.27 -5.02 16.08
C LYS A 164 -5.70 -5.09 16.65
N PRO A 165 -5.89 -5.65 17.83
CA PRO A 165 -7.25 -5.75 18.45
C PRO A 165 -7.96 -4.41 18.49
N LEU A 166 -9.26 -4.44 18.22
CA LEU A 166 -10.07 -3.22 18.22
C LEU A 166 -9.65 -2.30 17.08
N MET A 1 0.99 15.08 -24.41
CA MET A 1 1.11 15.72 -23.06
C MET A 1 2.42 15.29 -22.42
N ALA A 2 3.51 15.93 -22.82
CA ALA A 2 4.82 15.61 -22.26
C ALA A 2 4.85 15.86 -20.76
N SER A 3 4.22 16.96 -20.35
CA SER A 3 4.18 17.32 -18.93
C SER A 3 3.45 16.25 -18.13
N GLY A 4 2.41 15.67 -18.72
CA GLY A 4 1.64 14.64 -18.05
C GLY A 4 2.31 13.29 -18.19
N VAL A 5 2.34 12.56 -17.09
CA VAL A 5 2.97 11.24 -17.07
C VAL A 5 1.94 10.13 -17.06
N THR A 6 2.40 8.94 -17.38
CA THR A 6 1.53 7.77 -17.41
C THR A 6 2.10 6.63 -16.57
N VAL A 7 1.33 5.56 -16.46
CA VAL A 7 1.75 4.40 -15.68
C VAL A 7 2.02 3.21 -16.59
N ASN A 8 3.21 2.62 -16.43
CA ASN A 8 3.57 1.46 -17.25
C ASN A 8 2.78 0.23 -16.83
N ASP A 9 2.64 -0.71 -17.74
CA ASP A 9 1.89 -1.94 -17.48
C ASP A 9 2.57 -2.77 -16.40
N GLU A 10 3.82 -2.47 -16.11
CA GLU A 10 4.56 -3.21 -15.10
C GLU A 10 3.84 -3.12 -13.76
N VAL A 11 3.22 -1.97 -13.51
CA VAL A 11 2.50 -1.76 -12.25
C VAL A 11 1.39 -2.79 -12.10
N ILE A 12 0.65 -3.02 -13.18
CA ILE A 12 -0.44 -3.99 -13.17
C ILE A 12 0.11 -5.39 -12.87
N LYS A 13 1.25 -5.71 -13.46
CA LYS A 13 1.85 -7.03 -13.26
C LYS A 13 2.11 -7.30 -11.79
N VAL A 14 2.70 -6.33 -11.10
CA VAL A 14 2.99 -6.47 -9.68
C VAL A 14 1.68 -6.49 -8.88
N PHE A 15 0.75 -5.62 -9.26
CA PHE A 15 -0.54 -5.53 -8.59
C PHE A 15 -1.29 -6.87 -8.66
N ASN A 16 -1.02 -7.64 -9.69
CA ASN A 16 -1.68 -8.93 -9.87
C ASN A 16 -1.45 -9.84 -8.67
N ASP A 17 -0.25 -9.79 -8.10
CA ASP A 17 0.08 -10.62 -6.95
C ASP A 17 -0.91 -10.38 -5.82
N MET A 18 -1.22 -9.11 -5.56
CA MET A 18 -2.16 -8.77 -4.50
C MET A 18 -3.60 -8.90 -4.97
N LYS A 19 -3.82 -8.63 -6.25
CA LYS A 19 -5.17 -8.70 -6.83
C LYS A 19 -5.75 -10.10 -6.70
N VAL A 20 -4.91 -11.11 -6.92
CA VAL A 20 -5.38 -12.48 -6.82
C VAL A 20 -5.46 -12.89 -5.35
N ARG A 21 -6.69 -13.09 -4.87
CA ARG A 21 -6.88 -13.46 -3.47
C ARG A 21 -6.90 -14.98 -3.30
N LYS A 22 -5.87 -15.50 -2.63
CA LYS A 22 -5.78 -16.94 -2.38
C LYS A 22 -6.13 -17.22 -0.92
N SER A 23 -6.34 -18.49 -0.55
CA SER A 23 -6.69 -18.79 0.83
C SER A 23 -5.66 -18.19 1.76
N SER A 24 -6.13 -17.54 2.81
CA SER A 24 -5.22 -16.96 3.78
C SER A 24 -4.60 -18.05 4.63
N THR A 25 -5.42 -19.02 5.02
CA THR A 25 -4.98 -20.13 5.87
C THR A 25 -4.25 -21.24 5.12
N GLN A 26 -4.68 -21.58 3.90
CA GLN A 26 -4.05 -22.70 3.18
C GLN A 26 -2.89 -22.32 2.25
N GLU A 27 -3.17 -21.58 1.18
CA GLU A 27 -2.13 -21.24 0.20
C GLU A 27 -1.40 -19.94 0.49
N GLU A 28 -2.15 -18.84 0.52
CA GLU A 28 -1.56 -17.53 0.76
C GLU A 28 -0.87 -17.51 2.11
N ILE A 29 -1.32 -18.38 3.01
CA ILE A 29 -0.75 -18.45 4.35
C ILE A 29 0.78 -18.43 4.28
N LYS A 30 1.33 -19.02 3.23
CA LYS A 30 2.79 -19.03 3.05
C LYS A 30 3.27 -17.78 2.33
N LYS A 31 2.45 -17.30 1.40
CA LYS A 31 2.78 -16.10 0.62
C LYS A 31 2.13 -14.86 1.21
N ARG A 32 1.76 -14.93 2.49
CA ARG A 32 1.10 -13.82 3.15
C ARG A 32 1.91 -12.54 2.97
N LYS A 33 3.20 -12.70 2.70
CA LYS A 33 4.09 -11.57 2.49
C LYS A 33 3.43 -10.56 1.57
N LYS A 34 3.30 -9.32 2.02
CA LYS A 34 2.67 -8.30 1.22
C LYS A 34 3.37 -6.94 1.38
N ALA A 35 3.89 -6.43 0.28
CA ALA A 35 4.54 -5.13 0.27
C ALA A 35 4.89 -4.75 -1.17
N VAL A 36 4.56 -3.53 -1.57
CA VAL A 36 4.89 -3.05 -2.91
C VAL A 36 5.03 -1.54 -2.91
N LEU A 37 6.11 -1.05 -3.49
CA LEU A 37 6.34 0.40 -3.57
C LEU A 37 6.53 0.82 -5.02
N PHE A 38 5.91 1.94 -5.39
CA PHE A 38 6.04 2.45 -6.77
C PHE A 38 6.71 3.82 -6.78
N CYS A 39 7.49 4.08 -7.83
CA CYS A 39 8.20 5.36 -7.95
C CYS A 39 8.37 5.74 -9.41
N LEU A 40 8.84 6.96 -9.64
CA LEU A 40 9.05 7.44 -10.99
C LEU A 40 10.20 6.69 -11.65
N SER A 41 10.09 6.51 -12.95
CA SER A 41 11.11 5.82 -13.72
C SER A 41 12.26 6.75 -14.04
N ASP A 42 13.34 6.21 -14.60
CA ASP A 42 14.50 7.02 -14.95
C ASP A 42 14.13 8.10 -15.98
N ASP A 43 12.98 7.94 -16.62
CA ASP A 43 12.53 8.91 -17.61
C ASP A 43 11.75 10.05 -16.94
N LYS A 44 11.42 9.88 -15.68
CA LYS A 44 10.67 10.90 -14.96
C LYS A 44 9.35 11.22 -15.66
N ARG A 45 8.91 10.30 -16.50
CA ARG A 45 7.65 10.49 -17.23
C ARG A 45 6.76 9.26 -17.13
N GLN A 46 7.30 8.18 -16.57
CA GLN A 46 6.53 6.95 -16.43
C GLN A 46 6.66 6.43 -15.01
N ILE A 47 5.63 5.76 -14.53
CA ILE A 47 5.65 5.22 -13.17
C ILE A 47 5.73 3.69 -13.19
N ILE A 48 6.72 3.16 -12.49
CA ILE A 48 6.93 1.71 -12.45
C ILE A 48 7.28 1.23 -11.03
N VAL A 49 7.30 -0.09 -10.83
CA VAL A 49 7.62 -0.65 -9.53
C VAL A 49 9.02 -0.23 -9.11
N GLU A 50 9.20 0.03 -7.81
CA GLU A 50 10.49 0.46 -7.30
C GLU A 50 11.13 -0.64 -6.47
N GLU A 51 12.42 -0.86 -6.66
CA GLU A 51 13.15 -1.87 -5.92
C GLU A 51 13.39 -1.41 -4.49
N ALA A 52 12.66 -1.99 -3.55
CA ALA A 52 12.80 -1.62 -2.16
C ALA A 52 12.63 -2.85 -1.27
N LYS A 53 12.84 -2.67 0.03
CA LYS A 53 12.71 -3.78 0.96
C LYS A 53 11.25 -4.15 1.17
N GLN A 54 11.02 -5.42 1.48
CA GLN A 54 9.67 -5.91 1.72
C GLN A 54 9.68 -6.88 2.89
N ILE A 55 8.59 -6.92 3.65
CA ILE A 55 8.52 -7.81 4.79
C ILE A 55 7.76 -9.10 4.45
N LEU A 56 8.23 -10.21 5.01
CA LEU A 56 7.60 -11.49 4.75
C LEU A 56 6.60 -11.86 5.85
N VAL A 57 5.81 -12.90 5.61
CA VAL A 57 4.81 -13.34 6.58
C VAL A 57 5.49 -13.81 7.86
N GLY A 58 6.66 -14.43 7.72
CA GLY A 58 7.40 -14.91 8.88
C GLY A 58 7.77 -13.75 9.79
N ASP A 59 8.21 -12.66 9.17
CA ASP A 59 8.59 -11.46 9.93
C ASP A 59 7.39 -10.87 10.64
N ILE A 60 6.25 -10.88 9.96
CA ILE A 60 5.02 -10.32 10.52
C ILE A 60 4.42 -11.28 11.56
N GLY A 61 4.05 -10.72 12.71
CA GLY A 61 3.48 -11.51 13.79
C GLY A 61 4.54 -11.90 14.81
N ASP A 62 5.81 -11.78 14.42
CA ASP A 62 6.91 -12.12 15.32
C ASP A 62 7.88 -10.95 15.41
N THR A 63 8.62 -10.71 14.33
CA THR A 63 9.58 -9.61 14.30
C THR A 63 8.86 -8.26 14.40
N VAL A 64 7.76 -8.13 13.65
CA VAL A 64 7.00 -6.89 13.66
C VAL A 64 5.54 -7.16 14.03
N GLU A 65 5.03 -6.41 15.01
CA GLU A 65 3.66 -6.59 15.46
C GLU A 65 2.65 -6.26 14.35
N ASP A 66 2.90 -5.18 13.62
CA ASP A 66 1.99 -4.76 12.55
C ASP A 66 2.77 -4.48 11.26
N PRO A 67 2.33 -4.98 10.12
CA PRO A 67 3.06 -4.76 8.82
C PRO A 67 3.31 -3.28 8.53
N TYR A 68 2.32 -2.43 8.80
CA TYR A 68 2.44 -1.00 8.54
C TYR A 68 3.61 -0.42 9.29
N THR A 69 4.01 -1.05 10.38
CA THR A 69 5.11 -0.57 11.17
C THR A 69 6.40 -0.53 10.36
N SER A 70 6.66 -1.58 9.60
CA SER A 70 7.88 -1.64 8.80
C SER A 70 7.92 -0.54 7.76
N PHE A 71 6.84 -0.45 7.00
CA PHE A 71 6.74 0.56 5.96
C PHE A 71 6.78 1.97 6.54
N VAL A 72 5.96 2.21 7.55
CA VAL A 72 5.88 3.53 8.17
C VAL A 72 7.22 3.92 8.80
N LYS A 73 7.82 2.97 9.51
CA LYS A 73 9.10 3.22 10.16
C LYS A 73 10.21 3.47 9.13
N LEU A 74 10.20 2.71 8.05
CA LEU A 74 11.22 2.82 7.01
C LEU A 74 10.75 3.72 5.87
N LEU A 75 9.65 4.44 6.08
CA LEU A 75 9.11 5.30 5.03
C LEU A 75 10.21 6.22 4.48
N PRO A 76 10.02 6.76 3.30
CA PRO A 76 11.01 7.68 2.66
C PRO A 76 11.25 8.92 3.52
N LEU A 77 12.49 9.39 3.54
CA LEU A 77 12.82 10.57 4.33
C LEU A 77 12.37 11.86 3.63
N ASN A 78 12.76 12.02 2.38
CA ASN A 78 12.39 13.21 1.62
C ASN A 78 12.02 12.86 0.18
N ASP A 79 11.05 11.96 0.03
CA ASP A 79 10.63 11.55 -1.30
C ASP A 79 9.20 11.01 -1.25
N CYS A 80 8.45 11.23 -2.32
CA CYS A 80 7.07 10.76 -2.38
C CYS A 80 6.98 9.45 -3.15
N ARG A 81 6.24 8.49 -2.59
CA ARG A 81 6.06 7.19 -3.21
C ARG A 81 4.69 6.62 -2.90
N TYR A 82 4.31 5.58 -3.63
CA TYR A 82 3.02 4.95 -3.40
C TYR A 82 3.19 3.67 -2.60
N ALA A 83 2.28 3.47 -1.65
CA ALA A 83 2.34 2.29 -0.79
C ALA A 83 1.15 1.38 -1.04
N LEU A 84 1.42 0.09 -1.18
CA LEU A 84 0.35 -0.89 -1.39
C LEU A 84 0.14 -1.70 -0.12
N TYR A 85 -1.10 -1.77 0.35
CA TYR A 85 -1.38 -2.50 1.58
C TYR A 85 -2.64 -3.36 1.47
N ASP A 86 -2.57 -4.55 2.05
CA ASP A 86 -3.73 -5.45 2.04
C ASP A 86 -4.46 -5.36 3.37
N ALA A 87 -5.58 -4.65 3.38
CA ALA A 87 -6.36 -4.51 4.58
C ALA A 87 -6.96 -5.85 4.98
N THR A 88 -6.99 -6.13 6.27
CA THR A 88 -7.56 -7.39 6.75
C THR A 88 -8.57 -7.11 7.85
N TYR A 89 -9.71 -7.79 7.79
CA TYR A 89 -10.76 -7.59 8.80
C TYR A 89 -11.54 -8.88 9.03
N GLU A 90 -12.30 -8.93 10.13
CA GLU A 90 -13.08 -10.11 10.42
C GLU A 90 -14.44 -9.75 10.99
N THR A 91 -15.37 -10.68 10.90
CA THR A 91 -16.71 -10.45 11.40
C THR A 91 -17.25 -11.71 12.07
N LYS A 92 -18.45 -11.60 12.64
CA LYS A 92 -19.07 -12.73 13.31
C LYS A 92 -19.20 -13.92 12.35
N GLU A 93 -19.17 -13.64 11.05
CA GLU A 93 -19.30 -14.70 10.06
C GLU A 93 -17.94 -15.33 9.73
N SER A 94 -17.02 -14.53 9.21
CA SER A 94 -15.69 -15.04 8.85
C SER A 94 -14.70 -13.90 8.63
N LYS A 95 -13.42 -14.24 8.49
CA LYS A 95 -12.38 -13.23 8.26
C LYS A 95 -12.09 -13.08 6.77
N LYS A 96 -11.95 -11.83 6.32
CA LYS A 96 -11.68 -11.55 4.91
C LYS A 96 -10.53 -10.57 4.75
N GLU A 97 -10.07 -10.42 3.51
CA GLU A 97 -8.98 -9.50 3.21
C GLU A 97 -9.30 -8.65 1.98
N ASP A 98 -8.85 -7.40 2.02
CA ASP A 98 -9.08 -6.47 0.93
C ASP A 98 -7.79 -5.69 0.63
N LEU A 99 -7.86 -4.81 -0.36
CA LEU A 99 -6.68 -4.03 -0.74
C LEU A 99 -6.97 -2.53 -0.67
N VAL A 100 -5.95 -1.77 -0.28
CA VAL A 100 -6.09 -0.32 -0.21
C VAL A 100 -4.86 0.34 -0.83
N PHE A 101 -5.11 1.30 -1.73
CA PHE A 101 -4.01 2.00 -2.39
C PHE A 101 -3.80 3.36 -1.72
N ILE A 102 -2.56 3.61 -1.27
CA ILE A 102 -2.26 4.85 -0.61
C ILE A 102 -1.05 5.55 -1.21
N PHE A 103 -1.03 6.87 -1.08
CA PHE A 103 0.06 7.67 -1.62
C PHE A 103 0.79 8.40 -0.50
N TRP A 104 2.09 8.15 -0.38
CA TRP A 104 2.90 8.78 0.65
C TRP A 104 3.70 9.95 0.07
N ALA A 105 3.36 11.15 0.49
CA ALA A 105 4.07 12.34 0.01
C ALA A 105 4.30 13.33 1.18
N PRO A 106 5.51 13.43 1.70
CA PRO A 106 5.81 14.37 2.81
C PRO A 106 5.99 15.81 2.33
N GLU A 107 5.86 16.76 3.24
CA GLU A 107 6.01 18.17 2.91
C GLU A 107 7.45 18.46 2.48
N SER A 108 8.40 17.80 3.12
CA SER A 108 9.82 17.99 2.81
C SER A 108 10.19 17.38 1.47
N ALA A 109 9.33 16.53 0.92
CA ALA A 109 9.62 15.90 -0.36
C ALA A 109 9.59 16.91 -1.49
N PRO A 110 10.24 16.60 -2.58
CA PRO A 110 10.29 17.52 -3.76
C PRO A 110 8.90 17.72 -4.38
N LEU A 111 8.54 18.98 -4.60
CA LEU A 111 7.23 19.31 -5.17
C LEU A 111 7.12 18.79 -6.60
N LYS A 112 8.22 18.87 -7.34
CA LYS A 112 8.21 18.43 -8.73
C LYS A 112 7.82 16.95 -8.82
N SER A 113 8.43 16.13 -7.96
CA SER A 113 8.13 14.71 -7.96
C SER A 113 6.66 14.49 -7.62
N LYS A 114 6.15 15.26 -6.66
CA LYS A 114 4.75 15.11 -6.27
C LYS A 114 3.83 15.40 -7.46
N MET A 115 4.21 16.38 -8.27
CA MET A 115 3.40 16.74 -9.41
C MET A 115 3.27 15.56 -10.38
N ILE A 116 4.39 14.93 -10.72
CA ILE A 116 4.38 13.78 -11.62
C ILE A 116 3.57 12.64 -11.02
N TYR A 117 3.76 12.40 -9.73
CA TYR A 117 3.05 11.33 -9.06
C TYR A 117 1.55 11.59 -9.07
N ALA A 118 1.16 12.85 -8.85
CA ALA A 118 -0.24 13.22 -8.84
C ALA A 118 -0.89 12.91 -10.19
N SER A 119 -0.16 13.17 -11.27
CA SER A 119 -0.66 12.92 -12.61
C SER A 119 -0.95 11.44 -12.80
N SER A 120 -0.06 10.60 -12.30
CA SER A 120 -0.22 9.15 -12.42
C SER A 120 -0.99 8.58 -11.24
N LYS A 121 -1.35 9.43 -10.28
CA LYS A 121 -2.08 8.97 -9.11
C LYS A 121 -3.40 8.34 -9.55
N ASP A 122 -4.11 9.05 -10.41
CA ASP A 122 -5.38 8.56 -10.93
C ASP A 122 -5.14 7.36 -11.84
N ALA A 123 -4.06 7.42 -12.61
CA ALA A 123 -3.75 6.34 -13.54
C ALA A 123 -3.57 5.02 -12.79
N ILE A 124 -2.85 5.05 -11.67
CA ILE A 124 -2.64 3.85 -10.88
C ILE A 124 -3.94 3.37 -10.25
N LYS A 125 -4.74 4.32 -9.78
CA LYS A 125 -6.02 4.00 -9.14
C LYS A 125 -6.93 3.27 -10.12
N LYS A 126 -7.00 3.78 -11.35
CA LYS A 126 -7.86 3.17 -12.37
C LYS A 126 -7.43 1.74 -12.64
N LYS A 127 -6.12 1.52 -12.73
CA LYS A 127 -5.59 0.19 -12.98
C LYS A 127 -5.81 -0.71 -11.77
N PHE A 128 -5.91 -0.09 -10.61
CA PHE A 128 -6.12 -0.83 -9.37
C PHE A 128 -7.61 -0.98 -9.08
N THR A 129 -8.31 -1.64 -10.00
CA THR A 129 -9.73 -1.85 -9.83
C THR A 129 -10.02 -2.75 -8.63
N GLY A 130 -9.15 -3.74 -8.42
CA GLY A 130 -9.33 -4.68 -7.32
C GLY A 130 -9.33 -3.95 -5.98
N ILE A 131 -8.72 -2.76 -5.95
CA ILE A 131 -8.67 -1.99 -4.71
C ILE A 131 -10.07 -1.82 -4.14
N LYS A 132 -10.17 -1.83 -2.82
CA LYS A 132 -11.45 -1.67 -2.15
C LYS A 132 -11.58 -0.28 -1.55
N HIS A 133 -10.44 0.28 -1.12
CA HIS A 133 -10.46 1.62 -0.52
C HIS A 133 -9.22 2.41 -0.92
N GLU A 134 -9.35 3.74 -0.96
CA GLU A 134 -8.24 4.59 -1.33
C GLU A 134 -8.06 5.71 -0.31
N TRP A 135 -6.83 5.91 0.16
CA TRP A 135 -6.55 6.96 1.14
C TRP A 135 -5.17 7.55 0.93
N GLN A 136 -5.06 8.86 1.01
CA GLN A 136 -3.78 9.53 0.80
C GLN A 136 -3.17 9.96 2.14
N VAL A 137 -1.86 9.79 2.26
CA VAL A 137 -1.16 10.17 3.49
C VAL A 137 -0.04 11.16 3.17
N ASN A 138 0.08 12.20 3.98
CA ASN A 138 1.12 13.21 3.77
C ASN A 138 1.78 13.58 5.09
N GLY A 139 1.69 12.70 6.09
CA GLY A 139 2.29 12.98 7.38
C GLY A 139 2.71 11.69 8.10
N LEU A 140 3.90 11.71 8.69
CA LEU A 140 4.41 10.56 9.41
C LEU A 140 3.53 10.26 10.61
N ASP A 141 3.14 11.30 11.33
CA ASP A 141 2.29 11.13 12.51
C ASP A 141 0.94 10.54 12.13
N ASP A 142 0.39 10.99 10.99
CA ASP A 142 -0.91 10.51 10.55
C ASP A 142 -0.87 9.01 10.24
N ILE A 143 0.25 8.54 9.70
CA ILE A 143 0.40 7.12 9.37
C ILE A 143 1.18 6.39 10.47
N LYS A 144 1.60 7.13 11.50
CA LYS A 144 2.36 6.53 12.59
C LYS A 144 1.52 5.45 13.26
N ASP A 145 0.25 5.75 13.48
CA ASP A 145 -0.65 4.78 14.09
C ASP A 145 -1.32 3.96 13.00
N ARG A 146 -1.05 2.67 13.01
CA ARG A 146 -1.63 1.78 12.02
C ARG A 146 -3.15 1.75 12.13
N SER A 147 -3.67 2.24 13.25
CA SER A 147 -5.11 2.26 13.46
C SER A 147 -5.80 3.09 12.39
N THR A 148 -5.19 4.21 12.03
CA THR A 148 -5.78 5.08 11.02
C THR A 148 -5.93 4.34 9.68
N LEU A 149 -4.85 3.69 9.25
CA LEU A 149 -4.87 2.96 7.99
C LEU A 149 -5.80 1.75 8.05
N GLY A 150 -5.70 0.97 9.12
CA GLY A 150 -6.52 -0.22 9.27
C GLY A 150 -8.00 0.14 9.31
N GLU A 151 -8.33 1.18 10.06
CA GLU A 151 -9.72 1.61 10.16
C GLU A 151 -10.18 2.23 8.85
N LYS A 152 -9.24 2.67 8.04
CA LYS A 152 -9.57 3.27 6.75
C LYS A 152 -10.41 2.30 5.92
N LEU A 153 -10.24 1.00 6.19
CA LEU A 153 -11.00 -0.03 5.46
C LEU A 153 -12.48 0.09 5.80
N GLY A 154 -12.78 0.58 7.00
CA GLY A 154 -14.16 0.73 7.45
C GLY A 154 -14.59 -0.45 8.30
N GLY A 155 -15.60 -0.23 9.14
CA GLY A 155 -16.10 -1.29 10.02
C GLY A 155 -15.64 -1.07 11.45
N ASN A 156 -16.54 -0.60 12.30
CA ASN A 156 -16.21 -0.37 13.70
C ASN A 156 -16.38 -1.65 14.52
N VAL A 157 -17.01 -2.66 13.93
CA VAL A 157 -17.22 -3.94 14.61
C VAL A 157 -16.34 -5.02 13.99
N VAL A 158 -15.30 -4.60 13.28
CA VAL A 158 -14.40 -5.54 12.64
C VAL A 158 -13.72 -6.45 13.66
N VAL A 159 -13.47 -5.92 14.86
CA VAL A 159 -12.81 -6.69 15.93
C VAL A 159 -11.31 -6.89 15.65
N SER A 160 -10.97 -7.22 14.41
CA SER A 160 -9.58 -7.44 14.03
C SER A 160 -9.25 -6.58 12.82
N LEU A 161 -8.14 -5.86 12.87
CA LEU A 161 -7.75 -5.02 11.75
C LEU A 161 -6.24 -4.96 11.62
N GLU A 162 -5.74 -5.33 10.45
CA GLU A 162 -4.30 -5.31 10.21
C GLU A 162 -3.58 -6.19 11.23
N GLY A 163 -4.31 -7.12 11.82
CA GLY A 163 -3.73 -8.03 12.80
C GLY A 163 -3.77 -7.42 14.21
N LYS A 164 -4.11 -6.13 14.29
CA LYS A 164 -4.20 -5.47 15.58
C LYS A 164 -5.65 -5.47 16.08
N PRO A 165 -5.95 -6.13 17.18
CA PRO A 165 -7.35 -6.19 17.72
C PRO A 165 -7.79 -4.85 18.31
N LEU A 166 -9.10 -4.59 18.28
CA LEU A 166 -9.63 -3.35 18.81
C LEU A 166 -9.91 -3.48 20.30
#